data_4TMB
#
_entry.id   4TMB
#
_cell.length_a   287.510
_cell.length_b   59.620
_cell.length_c   100.290
_cell.angle_alpha   90.00
_cell.angle_beta   109.89
_cell.angle_gamma   90.00
#
_symmetry.space_group_name_H-M   'C 1 2 1'
#
loop_
_entity.id
_entity.type
_entity.pdbx_description
1 polymer 'Old yellow enzyme'
2 non-polymer 'FLAVIN MONONUCLEOTIDE'
3 water water
#
_entity_poly.entity_id   1
_entity_poly.type   'polypeptide(L)'
_entity_poly.pdbx_seq_one_letter_code
;MSYMNFDPKPLGDTNIFKPIKIGNNELKHRVVMPALTRMRAIAPGNIPNTEWAEEYYRQRSQYPGTLIITEGTFPSAQSG
GYPNVPGIWSKEQLAEWKKIFNAIHENKSFVWVQLWVLGRQAWPEVLKKEGLRYDSATDDLYMGEEEKERALKANNPQHG
ITKEEIKQYIKEYVDAAKKAIDAGADGVQIHSANGYLLNQFLDPISNNRTDEYGGSIENRARFTLEVVDAVVDAVGAERT
SIRFSPYGTFGTMSGGENPGIVAQYAYVIGELEKRARAGKRLAFIDLVEPRVTDPFLPEFEKWFKEGTNEFIYSIWKGPV
LRVGNYALDPDQATLDSKKPNTLIGYGRSFIANPDLVYRLEKGLPLNKYDRNTFYTFTKEGYTDYPSYEESVAKGYKKEE
KKY
;
_entity_poly.pdbx_strand_id   A,B,C,D
#
loop_
_chem_comp.id
_chem_comp.type
_chem_comp.name
_chem_comp.formula
FMN non-polymer 'FLAVIN MONONUCLEOTIDE' 'C17 H21 N4 O9 P'
#
# COMPACT_ATOMS: atom_id res chain seq x y z
N TYR A 3 -34.40 -55.50 14.61
CA TYR A 3 -33.57 -54.27 14.65
C TYR A 3 -33.28 -53.76 13.26
N MET A 4 -33.21 -52.44 13.11
CA MET A 4 -32.79 -51.88 11.83
C MET A 4 -31.43 -52.52 11.48
N ASN A 5 -31.24 -52.84 10.21
CA ASN A 5 -30.06 -53.54 9.75
C ASN A 5 -29.04 -52.47 9.45
N PHE A 6 -28.35 -52.02 10.51
CA PHE A 6 -27.22 -51.12 10.37
C PHE A 6 -26.32 -51.28 11.59
N ASP A 7 -25.12 -50.77 11.50
CA ASP A 7 -24.16 -50.84 12.55
C ASP A 7 -24.24 -49.52 13.34
N PRO A 8 -24.86 -49.52 14.54
CA PRO A 8 -25.14 -48.22 15.16
C PRO A 8 -23.86 -47.60 15.70
N LYS A 9 -23.83 -46.30 15.86
CA LYS A 9 -22.63 -45.62 16.34
C LYS A 9 -23.11 -44.69 17.43
N PRO A 10 -22.35 -44.53 18.51
CA PRO A 10 -22.81 -43.69 19.61
C PRO A 10 -22.65 -42.22 19.30
N LEU A 11 -23.62 -41.42 19.73
CA LEU A 11 -23.65 -39.98 19.49
C LEU A 11 -23.41 -39.18 20.75
N GLY A 12 -23.18 -39.86 21.85
CA GLY A 12 -23.21 -39.13 23.11
C GLY A 12 -22.07 -38.13 23.33
N ASP A 13 -20.99 -38.24 22.54
CA ASP A 13 -19.88 -37.32 22.69
C ASP A 13 -19.89 -36.24 21.60
N THR A 14 -20.92 -36.24 20.78
CA THR A 14 -21.07 -35.24 19.72
C THR A 14 -21.87 -34.03 20.21
N ASN A 15 -22.05 -33.04 19.32
CA ASN A 15 -22.91 -31.91 19.66
C ASN A 15 -24.37 -32.22 19.86
N ILE A 16 -24.80 -33.38 19.36
CA ILE A 16 -26.18 -33.85 19.64
C ILE A 16 -26.52 -33.94 21.12
N PHE A 17 -25.54 -34.20 21.99
CA PHE A 17 -25.74 -34.33 23.43
C PHE A 17 -25.17 -33.18 24.20
N LYS A 18 -25.01 -32.04 23.54
CA LYS A 18 -24.71 -30.79 24.21
C LYS A 18 -26.06 -30.09 24.45
N PRO A 19 -26.27 -29.58 25.67
CA PRO A 19 -27.47 -28.89 26.04
C PRO A 19 -27.68 -27.63 25.18
N ILE A 20 -28.91 -27.19 25.00
CA ILE A 20 -29.21 -25.99 24.22
C ILE A 20 -30.56 -25.46 24.65
N LYS A 21 -30.66 -24.13 24.65
CA LYS A 21 -31.86 -23.45 25.11
C LYS A 21 -32.68 -23.16 23.88
N ILE A 22 -33.93 -23.67 23.81
CA ILE A 22 -34.85 -23.38 22.70
C ILE A 22 -36.11 -22.74 23.31
N GLY A 23 -36.43 -21.54 22.85
CA GLY A 23 -37.52 -20.80 23.47
C GLY A 23 -37.23 -20.61 24.97
N ASN A 24 -38.20 -20.94 25.82
CA ASN A 24 -38.05 -20.84 27.28
C ASN A 24 -37.36 -22.08 27.90
N ASN A 25 -37.08 -23.09 27.09
CA ASN A 25 -36.77 -24.42 27.60
C ASN A 25 -35.31 -24.77 27.50
N GLU A 26 -34.73 -25.23 28.58
CA GLU A 26 -33.39 -25.79 28.52
C GLU A 26 -33.36 -27.23 28.13
N LEU A 27 -33.12 -27.52 26.86
CA LEU A 27 -32.97 -28.90 26.42
C LEU A 27 -31.68 -29.48 26.94
N LYS A 28 -31.72 -30.76 27.26
CA LYS A 28 -30.55 -31.46 27.74
C LYS A 28 -29.66 -31.99 26.61
N HIS A 29 -30.27 -32.08 25.44
CA HIS A 29 -29.70 -32.67 24.25
C HIS A 29 -30.54 -32.23 23.03
N ARG A 30 -30.05 -32.56 21.83
CA ARG A 30 -30.60 -32.01 20.57
C ARG A 30 -31.33 -33.08 19.72
N VAL A 31 -31.68 -34.25 20.31
CA VAL A 31 -32.51 -35.25 19.64
C VAL A 31 -33.95 -34.88 19.82
N VAL A 32 -34.64 -34.64 18.72
CA VAL A 32 -35.99 -34.10 18.84
C VAL A 32 -36.98 -35.06 18.29
N MET A 33 -38.13 -35.16 18.92
CA MET A 33 -39.25 -35.90 18.33
C MET A 33 -40.06 -34.93 17.52
N PRO A 34 -40.04 -35.10 16.19
CA PRO A 34 -40.86 -34.17 15.37
C PRO A 34 -42.34 -34.59 15.36
N ALA A 35 -43.18 -33.74 14.76
CA ALA A 35 -44.58 -34.06 14.64
C ALA A 35 -44.79 -35.29 13.85
N LEU A 36 -45.60 -36.19 14.42
CA LEU A 36 -45.87 -37.45 13.83
C LEU A 36 -47.37 -37.82 13.92
N THR A 37 -48.07 -37.82 12.76
CA THR A 37 -49.50 -38.19 12.71
C THR A 37 -49.63 -39.67 12.92
N ARG A 38 -50.44 -40.06 13.90
CA ARG A 38 -50.68 -41.43 14.26
C ARG A 38 -52.17 -41.78 14.25
N MET A 39 -53.10 -40.79 14.25
CA MET A 39 -54.54 -41.08 14.14
C MET A 39 -55.16 -41.97 15.25
N ARG A 40 -54.73 -41.74 16.48
CA ARG A 40 -55.36 -42.38 17.65
C ARG A 40 -56.39 -41.53 18.34
N ALA A 41 -56.67 -40.31 17.81
CA ALA A 41 -57.68 -39.49 18.41
C ALA A 41 -59.03 -40.08 18.27
N ILE A 42 -59.91 -39.78 19.21
CA ILE A 42 -61.28 -40.28 19.23
C ILE A 42 -62.23 -39.48 18.34
N ALA A 43 -63.03 -40.20 17.56
CA ALA A 43 -64.14 -39.62 16.75
C ALA A 43 -65.45 -40.10 17.35
N PRO A 44 -66.43 -39.23 17.45
CA PRO A 44 -66.43 -37.83 17.01
C PRO A 44 -65.77 -36.90 18.06
N GLY A 45 -65.45 -35.64 17.68
CA GLY A 45 -64.89 -34.69 18.64
C GLY A 45 -63.40 -34.42 18.45
N ASN A 46 -62.72 -35.23 17.62
CA ASN A 46 -61.24 -35.16 17.41
C ASN A 46 -60.55 -35.07 18.77
N ILE A 47 -60.83 -35.99 19.68
CA ILE A 47 -60.42 -35.89 21.05
C ILE A 47 -59.14 -36.69 21.32
N PRO A 48 -58.10 -36.03 21.92
CA PRO A 48 -56.91 -36.85 22.15
C PRO A 48 -57.24 -38.11 22.98
N ASN A 49 -56.73 -39.26 22.58
CA ASN A 49 -57.11 -40.55 23.18
C ASN A 49 -56.22 -40.79 24.38
N THR A 50 -56.45 -40.12 25.47
CA THR A 50 -55.57 -40.10 26.66
C THR A 50 -55.24 -41.50 27.13
N GLU A 51 -56.30 -42.34 27.21
CA GLU A 51 -56.19 -43.78 27.47
C GLU A 51 -54.95 -44.36 26.86
N TRP A 52 -54.64 -44.02 25.62
CA TRP A 52 -53.39 -44.43 24.95
C TRP A 52 -52.32 -43.33 24.76
N ALA A 53 -52.75 -42.11 24.45
CA ALA A 53 -51.86 -41.06 24.00
C ALA A 53 -51.00 -40.56 25.16
N GLU A 54 -51.54 -40.52 26.35
CA GLU A 54 -50.69 -40.07 27.52
C GLU A 54 -49.47 -40.95 27.66
N GLU A 55 -49.69 -42.23 27.65
CA GLU A 55 -48.63 -43.21 27.69
C GLU A 55 -47.66 -43.11 26.50
N TYR A 56 -48.20 -42.91 25.31
CA TYR A 56 -47.34 -42.77 24.07
C TYR A 56 -46.28 -41.66 24.25
N TYR A 57 -46.74 -40.52 24.70
CA TYR A 57 -45.91 -39.31 24.88
C TYR A 57 -45.12 -39.44 26.15
N ARG A 58 -45.70 -40.07 27.19
CA ARG A 58 -44.86 -40.39 28.38
C ARG A 58 -43.63 -41.21 28.00
N GLN A 59 -43.85 -42.29 27.29
CA GLN A 59 -42.76 -43.16 26.82
C GLN A 59 -41.65 -42.43 26.08
N ARG A 60 -42.01 -41.51 25.19
CA ARG A 60 -41.03 -40.92 24.24
C ARG A 60 -40.37 -39.66 24.80
N SER A 61 -40.92 -39.22 25.89
CA SER A 61 -40.34 -38.12 26.67
C SER A 61 -39.48 -38.56 27.87
N GLN A 62 -39.27 -39.85 28.00
CA GLN A 62 -38.60 -40.39 29.20
C GLN A 62 -37.17 -39.88 29.42
N TYR A 63 -36.46 -39.54 28.37
CA TYR A 63 -35.09 -39.00 28.58
C TYR A 63 -35.24 -37.56 28.98
N PRO A 64 -34.70 -37.14 30.16
CA PRO A 64 -35.08 -35.81 30.60
C PRO A 64 -34.56 -34.76 29.64
N GLY A 65 -35.31 -33.70 29.49
CA GLY A 65 -34.90 -32.58 28.70
C GLY A 65 -34.97 -32.74 27.20
N THR A 66 -35.88 -33.62 26.77
CA THR A 66 -36.17 -33.82 25.37
C THR A 66 -37.28 -32.83 24.88
N LEU A 67 -37.09 -32.27 23.70
CA LEU A 67 -38.10 -31.50 22.97
C LEU A 67 -39.04 -32.47 22.21
N ILE A 68 -40.29 -32.48 22.63
CA ILE A 68 -41.36 -33.22 21.96
C ILE A 68 -42.22 -32.22 21.16
N ILE A 69 -42.40 -32.49 19.87
CA ILE A 69 -43.37 -31.82 19.07
C ILE A 69 -44.52 -32.79 18.86
N THR A 70 -45.72 -32.33 19.14
CA THR A 70 -46.88 -33.20 19.00
C THR A 70 -47.19 -33.54 17.53
N GLU A 71 -48.04 -34.54 17.39
CA GLU A 71 -48.67 -34.85 16.10
C GLU A 71 -49.39 -33.57 15.66
N GLY A 72 -49.52 -33.39 14.38
CA GLY A 72 -50.30 -32.28 13.82
C GLY A 72 -51.68 -32.29 14.49
N THR A 73 -52.11 -31.11 14.91
CA THR A 73 -53.33 -30.93 15.67
C THR A 73 -54.15 -29.77 15.07
N PHE A 74 -55.44 -29.98 14.87
CA PHE A 74 -56.28 -29.04 14.16
C PHE A 74 -56.57 -27.84 15.07
N PRO A 75 -56.41 -26.58 14.59
CA PRO A 75 -56.75 -25.47 15.48
C PRO A 75 -58.26 -25.06 15.47
N SER A 76 -59.01 -25.62 14.53
CA SER A 76 -60.44 -25.52 14.49
C SER A 76 -61.00 -26.66 13.63
N ALA A 77 -62.32 -26.89 13.69
CA ALA A 77 -62.95 -27.92 12.83
C ALA A 77 -62.72 -27.77 11.36
N GLN A 78 -62.89 -26.53 10.87
CA GLN A 78 -62.74 -26.22 9.43
C GLN A 78 -61.30 -26.48 8.97
N SER A 79 -60.34 -26.48 9.93
CA SER A 79 -58.94 -26.84 9.61
C SER A 79 -58.72 -28.32 9.34
N GLY A 80 -59.68 -29.15 9.77
CA GLY A 80 -59.51 -30.57 9.78
C GLY A 80 -60.07 -31.35 8.61
N GLY A 81 -60.66 -32.51 8.93
CA GLY A 81 -61.06 -33.41 7.86
C GLY A 81 -60.57 -34.85 7.95
N TYR A 82 -59.78 -35.15 8.97
CA TYR A 82 -59.36 -36.52 9.33
C TYR A 82 -59.92 -36.80 10.71
N PRO A 83 -60.89 -37.75 10.82
CA PRO A 83 -61.62 -37.77 12.08
C PRO A 83 -60.89 -38.25 13.32
N ASN A 84 -59.83 -39.03 13.11
CA ASN A 84 -59.00 -39.54 14.19
C ASN A 84 -57.70 -38.77 14.45
N VAL A 85 -57.68 -37.51 14.01
CA VAL A 85 -56.61 -36.60 14.35
C VAL A 85 -57.14 -35.64 15.38
N PRO A 86 -56.34 -35.28 16.38
CA PRO A 86 -56.88 -34.40 17.43
C PRO A 86 -57.01 -32.94 17.03
N GLY A 87 -57.88 -32.23 17.72
CA GLY A 87 -57.99 -30.78 17.65
C GLY A 87 -57.57 -30.22 18.97
N ILE A 88 -57.45 -28.89 19.06
CA ILE A 88 -57.10 -28.25 20.33
C ILE A 88 -57.91 -26.95 20.51
N TRP A 89 -59.13 -26.95 20.03
CA TRP A 89 -60.05 -25.79 20.24
C TRP A 89 -61.11 -25.99 21.33
N SER A 90 -61.49 -27.22 21.60
CA SER A 90 -62.65 -27.45 22.47
C SER A 90 -62.24 -27.82 23.86
N LYS A 91 -63.22 -27.72 24.78
CA LYS A 91 -62.96 -27.98 26.18
C LYS A 91 -62.58 -29.45 26.32
N GLU A 92 -63.26 -30.35 25.60
CA GLU A 92 -63.03 -31.79 25.67
C GLU A 92 -61.63 -32.14 25.20
N GLN A 93 -61.21 -31.52 24.11
CA GLN A 93 -59.84 -31.72 23.60
C GLN A 93 -58.83 -31.26 24.63
N LEU A 94 -59.00 -30.03 25.08
CA LEU A 94 -58.02 -29.43 26.00
C LEU A 94 -57.83 -30.22 27.30
N ALA A 95 -58.92 -30.79 27.80
CA ALA A 95 -58.83 -31.60 29.03
C ALA A 95 -57.87 -32.75 28.87
N GLU A 96 -57.90 -33.43 27.73
CA GLU A 96 -57.01 -34.53 27.49
C GLU A 96 -55.56 -34.04 27.18
N TRP A 97 -55.41 -33.01 26.37
CA TRP A 97 -54.06 -32.41 26.18
C TRP A 97 -53.37 -32.04 27.50
N LYS A 98 -54.12 -31.51 28.43
CA LYS A 98 -53.53 -31.10 29.71
C LYS A 98 -52.82 -32.26 30.39
N LYS A 99 -53.45 -33.42 30.29
CA LYS A 99 -52.94 -34.65 30.90
C LYS A 99 -51.70 -35.10 30.19
N ILE A 100 -51.73 -35.06 28.86
CA ILE A 100 -50.58 -35.41 28.02
C ILE A 100 -49.42 -34.48 28.32
N PHE A 101 -49.66 -33.17 28.32
CA PHE A 101 -48.55 -32.21 28.64
C PHE A 101 -47.98 -32.46 30.05
N ASN A 102 -48.85 -32.74 31.00
CA ASN A 102 -48.37 -33.02 32.37
C ASN A 102 -47.45 -34.28 32.43
N ALA A 103 -47.79 -35.31 31.65
CA ALA A 103 -46.93 -36.50 31.62
C ALA A 103 -45.56 -36.15 31.01
N ILE A 104 -45.51 -35.29 30.00
CA ILE A 104 -44.21 -34.93 29.42
C ILE A 104 -43.42 -34.15 30.47
N HIS A 105 -44.11 -33.23 31.11
CA HIS A 105 -43.45 -32.41 32.13
C HIS A 105 -43.02 -33.18 33.35
N GLU A 106 -43.78 -34.18 33.73
CA GLU A 106 -43.31 -35.08 34.82
C GLU A 106 -41.99 -35.71 34.53
N ASN A 107 -41.72 -35.92 33.23
CA ASN A 107 -40.50 -36.55 32.77
C ASN A 107 -39.38 -35.50 32.53
N LYS A 108 -39.65 -34.25 32.90
CA LYS A 108 -38.69 -33.16 32.80
C LYS A 108 -38.37 -32.81 31.34
N SER A 109 -39.36 -33.06 30.46
CA SER A 109 -39.24 -32.78 29.04
C SER A 109 -40.23 -31.67 28.67
N PHE A 110 -40.27 -31.33 27.36
CA PHE A 110 -40.96 -30.13 26.86
C PHE A 110 -41.87 -30.51 25.73
N VAL A 111 -42.96 -29.77 25.52
CA VAL A 111 -43.92 -30.14 24.49
C VAL A 111 -44.43 -28.93 23.74
N TRP A 112 -44.30 -28.99 22.42
CA TRP A 112 -44.75 -27.94 21.45
C TRP A 112 -45.84 -28.54 20.60
N VAL A 113 -46.98 -27.89 20.50
CA VAL A 113 -48.16 -28.41 19.73
C VAL A 113 -48.04 -27.95 18.29
N GLN A 114 -47.92 -28.88 17.38
CA GLN A 114 -48.00 -28.52 15.98
C GLN A 114 -49.44 -28.22 15.55
N LEU A 115 -49.66 -26.98 15.07
CA LEU A 115 -50.94 -26.57 14.56
C LEU A 115 -51.03 -26.82 13.07
N TRP A 116 -51.93 -27.71 12.73
CA TRP A 116 -52.04 -28.29 11.41
C TRP A 116 -53.34 -27.92 10.73
N VAL A 117 -53.27 -27.27 9.55
CA VAL A 117 -54.41 -26.91 8.74
C VAL A 117 -54.32 -27.58 7.39
N LEU A 118 -55.35 -28.33 7.00
CA LEU A 118 -55.18 -29.28 5.87
C LEU A 118 -55.28 -28.76 4.46
N GLY A 119 -56.15 -27.79 4.22
CA GLY A 119 -56.41 -27.42 2.85
C GLY A 119 -56.93 -28.58 2.03
N ARG A 120 -56.42 -28.64 0.80
CA ARG A 120 -56.89 -29.58 -0.21
C ARG A 120 -56.46 -31.01 0.09
N GLN A 121 -55.59 -31.21 1.08
CA GLN A 121 -55.23 -32.58 1.49
C GLN A 121 -56.37 -33.28 2.23
N ALA A 122 -57.29 -32.50 2.77
CA ALA A 122 -58.45 -33.04 3.48
C ALA A 122 -59.34 -33.90 2.66
N TRP A 123 -60.17 -34.66 3.38
CA TRP A 123 -61.11 -35.59 2.81
C TRP A 123 -62.44 -34.88 2.69
N PRO A 124 -62.82 -34.51 1.45
CA PRO A 124 -63.90 -33.54 1.20
C PRO A 124 -65.27 -34.08 1.61
N GLU A 125 -65.40 -35.41 1.61
CA GLU A 125 -66.68 -35.98 2.08
C GLU A 125 -66.83 -35.96 3.61
N VAL A 126 -65.71 -36.08 4.31
CA VAL A 126 -65.68 -35.99 5.75
C VAL A 126 -66.12 -34.60 6.16
N LEU A 127 -65.51 -33.61 5.51
CA LEU A 127 -65.87 -32.17 5.71
C LEU A 127 -67.34 -31.93 5.36
N LYS A 128 -67.80 -32.50 4.26
CA LYS A 128 -69.16 -32.19 3.77
C LYS A 128 -70.19 -32.64 4.80
N LYS A 129 -69.95 -33.78 5.46
CA LYS A 129 -70.88 -34.38 6.42
C LYS A 129 -71.04 -33.47 7.60
N GLU A 130 -70.03 -32.63 7.84
CA GLU A 130 -70.04 -31.72 8.97
C GLU A 130 -70.38 -30.31 8.55
N GLY A 131 -70.79 -30.15 7.30
CA GLY A 131 -71.15 -28.83 6.74
C GLY A 131 -69.96 -27.90 6.59
N LEU A 132 -68.77 -28.46 6.38
CA LEU A 132 -67.52 -27.66 6.25
C LEU A 132 -67.06 -27.61 4.80
N ARG A 133 -66.33 -26.54 4.43
CA ARG A 133 -65.78 -26.36 3.09
C ARG A 133 -64.60 -27.22 2.88
N TYR A 134 -64.31 -27.41 1.60
CA TYR A 134 -63.07 -28.09 1.18
C TYR A 134 -62.23 -26.95 0.65
N ASP A 135 -61.25 -26.53 1.46
CA ASP A 135 -60.54 -25.27 1.22
C ASP A 135 -59.14 -25.40 0.56
N SER A 136 -58.77 -24.40 -0.25
CA SER A 136 -57.39 -24.23 -0.70
C SER A 136 -57.11 -22.77 -1.12
N ALA A 137 -56.00 -22.54 -1.80
CA ALA A 137 -55.73 -21.21 -2.32
C ALA A 137 -56.62 -20.84 -3.48
N THR A 138 -57.06 -21.87 -4.25
CA THR A 138 -57.83 -21.61 -5.48
C THR A 138 -59.00 -22.58 -5.53
N ASP A 139 -60.02 -22.22 -6.32
CA ASP A 139 -61.11 -23.16 -6.61
C ASP A 139 -60.68 -24.39 -7.45
N ASP A 140 -59.67 -24.23 -8.32
CA ASP A 140 -59.55 -25.06 -9.53
C ASP A 140 -58.29 -25.89 -9.62
N LEU A 141 -57.27 -25.56 -8.84
CA LEU A 141 -56.01 -26.34 -8.84
C LEU A 141 -56.12 -27.47 -7.81
N TYR A 142 -56.59 -28.60 -8.28
CA TYR A 142 -56.77 -29.73 -7.41
C TYR A 142 -55.42 -30.46 -7.29
N MET A 143 -55.30 -31.29 -6.28
CA MET A 143 -54.06 -32.01 -6.09
C MET A 143 -53.86 -33.20 -7.05
N GLY A 144 -54.95 -33.61 -7.72
CA GLY A 144 -54.89 -34.66 -8.69
C GLY A 144 -56.31 -35.02 -9.12
N GLU A 145 -56.43 -35.78 -10.21
CA GLU A 145 -57.76 -36.13 -10.74
C GLU A 145 -58.59 -37.02 -9.80
N GLU A 146 -57.94 -37.99 -9.17
CA GLU A 146 -58.63 -38.81 -8.21
C GLU A 146 -59.24 -37.94 -7.09
N GLU A 147 -58.40 -37.07 -6.55
CA GLU A 147 -58.86 -36.16 -5.51
C GLU A 147 -59.96 -35.23 -5.99
N LYS A 148 -59.93 -34.75 -7.23
CA LYS A 148 -60.98 -33.88 -7.75
C LYS A 148 -62.30 -34.67 -7.77
N GLU A 149 -62.25 -35.88 -8.29
CA GLU A 149 -63.46 -36.72 -8.28
C GLU A 149 -64.05 -37.00 -6.91
N ARG A 150 -63.18 -37.23 -5.94
CA ARG A 150 -63.59 -37.45 -4.56
C ARG A 150 -64.43 -36.27 -4.02
N ALA A 151 -63.93 -35.07 -4.27
CA ALA A 151 -64.60 -33.80 -3.90
C ALA A 151 -65.94 -33.63 -4.63
N LEU A 152 -65.95 -33.89 -5.93
CA LEU A 152 -67.18 -33.72 -6.74
C LEU A 152 -68.27 -34.76 -6.35
N LYS A 153 -67.87 -36.01 -6.20
CA LYS A 153 -68.77 -37.03 -5.73
C LYS A 153 -69.32 -36.65 -4.35
N ALA A 154 -68.54 -35.97 -3.52
CA ALA A 154 -69.05 -35.52 -2.24
C ALA A 154 -69.85 -34.21 -2.34
N ASN A 155 -70.01 -33.68 -3.54
CA ASN A 155 -70.56 -32.35 -3.79
C ASN A 155 -69.92 -31.29 -2.87
N ASN A 156 -68.58 -31.37 -2.71
CA ASN A 156 -67.81 -30.39 -1.91
C ASN A 156 -66.61 -29.95 -2.75
N PRO A 157 -66.87 -29.16 -3.81
CA PRO A 157 -65.79 -28.75 -4.68
C PRO A 157 -64.81 -27.87 -3.91
N GLN A 158 -63.60 -27.88 -4.42
CA GLN A 158 -62.51 -27.09 -3.85
C GLN A 158 -62.88 -25.63 -3.91
N HIS A 159 -62.56 -24.90 -2.84
CA HIS A 159 -62.95 -23.50 -2.61
C HIS A 159 -61.72 -22.64 -2.31
N GLY A 160 -61.37 -21.74 -3.20
CA GLY A 160 -60.28 -20.76 -2.90
C GLY A 160 -60.76 -19.73 -1.89
N ILE A 161 -60.12 -19.72 -0.74
CA ILE A 161 -60.65 -19.00 0.38
C ILE A 161 -60.55 -17.46 0.18
N THR A 162 -61.54 -16.80 0.72
CA THR A 162 -61.63 -15.36 0.61
C THR A 162 -60.71 -14.71 1.66
N LYS A 163 -60.50 -13.40 1.53
CA LYS A 163 -59.73 -12.67 2.49
C LYS A 163 -60.28 -12.78 3.93
N GLU A 164 -61.61 -12.75 4.08
CA GLU A 164 -62.31 -12.86 5.36
C GLU A 164 -62.07 -14.25 5.95
N GLU A 165 -62.09 -15.26 5.09
CA GLU A 165 -61.83 -16.66 5.52
C GLU A 165 -60.37 -16.91 5.90
N ILE A 166 -59.43 -16.25 5.23
CA ILE A 166 -58.01 -16.31 5.58
C ILE A 166 -57.89 -15.71 6.98
N LYS A 167 -58.54 -14.56 7.19
CA LYS A 167 -58.52 -13.92 8.52
C LYS A 167 -59.13 -14.82 9.60
N GLN A 168 -60.21 -15.54 9.27
CA GLN A 168 -60.82 -16.48 10.25
C GLN A 168 -59.86 -17.65 10.55
N TYR A 169 -59.09 -18.13 9.57
CA TYR A 169 -58.05 -19.15 9.88
C TYR A 169 -56.99 -18.57 10.82
N ILE A 170 -56.59 -17.33 10.55
CA ILE A 170 -55.56 -16.73 11.39
C ILE A 170 -56.10 -16.63 12.81
N LYS A 171 -57.37 -16.23 12.98
CA LYS A 171 -58.01 -16.15 14.29
C LYS A 171 -57.99 -17.52 15.00
N GLU A 172 -58.21 -18.56 14.24
CA GLU A 172 -58.17 -19.94 14.80
C GLU A 172 -56.80 -20.39 15.18
N TYR A 173 -55.76 -20.05 14.41
CA TYR A 173 -54.40 -20.32 14.90
C TYR A 173 -54.14 -19.63 16.24
N VAL A 174 -54.55 -18.37 16.35
CA VAL A 174 -54.30 -17.59 17.55
C VAL A 174 -55.04 -18.21 18.70
N ASP A 175 -56.31 -18.57 18.47
CA ASP A 175 -57.18 -19.10 19.55
C ASP A 175 -56.52 -20.41 20.05
N ALA A 176 -56.17 -21.26 19.12
CA ALA A 176 -55.53 -22.55 19.43
C ALA A 176 -54.20 -22.39 20.11
N ALA A 177 -53.37 -21.41 19.70
CA ALA A 177 -52.07 -21.20 20.34
C ALA A 177 -52.31 -20.76 21.78
N LYS A 178 -53.19 -19.80 21.97
CA LYS A 178 -53.42 -19.36 23.37
C LYS A 178 -53.94 -20.51 24.28
N LYS A 179 -54.87 -21.30 23.72
CA LYS A 179 -55.49 -22.41 24.47
C LYS A 179 -54.43 -23.50 24.79
N ALA A 180 -53.56 -23.76 23.81
CA ALA A 180 -52.49 -24.72 23.94
C ALA A 180 -51.57 -24.28 25.07
N ILE A 181 -51.15 -23.00 25.07
CA ILE A 181 -50.24 -22.48 26.09
C ILE A 181 -50.94 -22.46 27.43
N ASP A 182 -52.21 -22.02 27.45
CA ASP A 182 -53.00 -22.13 28.69
C ASP A 182 -53.12 -23.52 29.31
N ALA A 183 -53.18 -24.57 28.49
CA ALA A 183 -53.27 -25.94 28.99
C ALA A 183 -51.94 -26.51 29.41
N GLY A 184 -50.85 -25.75 29.18
CA GLY A 184 -49.50 -26.05 29.64
C GLY A 184 -48.45 -26.34 28.58
N ALA A 185 -48.78 -26.20 27.30
CA ALA A 185 -47.81 -26.39 26.24
C ALA A 185 -46.69 -25.37 26.36
N ASP A 186 -45.47 -25.80 26.07
CA ASP A 186 -44.30 -24.95 26.07
C ASP A 186 -44.23 -24.01 24.90
N GLY A 187 -44.87 -24.36 23.80
CA GLY A 187 -44.82 -23.56 22.60
C GLY A 187 -45.73 -24.18 21.57
N VAL A 188 -45.84 -23.51 20.43
CA VAL A 188 -46.50 -24.05 19.26
C VAL A 188 -45.66 -23.95 18.01
N GLN A 189 -45.96 -24.84 17.08
CA GLN A 189 -45.32 -24.94 15.79
C GLN A 189 -46.35 -24.78 14.73
N ILE A 190 -46.16 -23.72 13.93
CA ILE A 190 -46.93 -23.59 12.74
C ILE A 190 -46.55 -24.54 11.61
N HIS A 191 -47.47 -25.42 11.22
CA HIS A 191 -47.21 -26.34 10.07
C HIS A 191 -47.38 -25.61 8.79
N SER A 192 -46.26 -25.33 8.09
CA SER A 192 -46.31 -24.64 6.81
C SER A 192 -45.65 -25.51 5.72
N ALA A 193 -45.67 -26.83 5.92
CA ALA A 193 -44.96 -27.76 5.11
C ALA A 193 -45.88 -28.83 4.52
N ASN A 194 -45.22 -29.79 3.82
CA ASN A 194 -45.74 -31.09 3.41
C ASN A 194 -47.02 -31.01 2.62
N GLY A 195 -47.19 -29.89 1.94
CA GLY A 195 -48.39 -29.65 1.08
C GLY A 195 -49.72 -29.35 1.69
N TYR A 196 -49.79 -28.92 2.93
CA TYR A 196 -51.02 -28.57 3.62
C TYR A 196 -51.38 -27.12 3.29
N LEU A 197 -52.34 -26.53 4.01
CA LEU A 197 -52.92 -25.27 3.53
C LEU A 197 -51.87 -24.19 3.28
N LEU A 198 -51.07 -23.89 4.29
CA LEU A 198 -50.10 -22.81 4.11
C LEU A 198 -49.12 -23.10 2.94
N ASN A 199 -48.68 -24.35 2.80
CA ASN A 199 -47.80 -24.69 1.73
C ASN A 199 -48.46 -24.54 0.40
N GLN A 200 -49.75 -24.80 0.35
CA GLN A 200 -50.51 -24.65 -0.91
C GLN A 200 -50.50 -23.17 -1.38
N PHE A 201 -50.44 -22.24 -0.42
CA PHE A 201 -50.28 -20.82 -0.78
C PHE A 201 -48.83 -20.50 -1.21
N LEU A 202 -47.83 -21.12 -0.53
CA LEU A 202 -46.44 -20.84 -0.79
C LEU A 202 -46.03 -21.28 -2.15
N ASP A 203 -46.63 -22.37 -2.65
CA ASP A 203 -46.14 -23.00 -3.84
C ASP A 203 -46.95 -22.53 -5.08
N PRO A 204 -46.26 -22.01 -6.13
CA PRO A 204 -47.01 -21.56 -7.31
C PRO A 204 -47.83 -22.66 -7.98
N ILE A 205 -47.43 -23.91 -7.81
CA ILE A 205 -48.15 -25.01 -8.43
C ILE A 205 -49.59 -25.08 -7.92
N SER A 206 -49.86 -24.55 -6.72
CA SER A 206 -51.18 -24.65 -6.09
C SER A 206 -51.79 -23.28 -5.81
N ASN A 207 -51.10 -22.25 -6.31
CA ASN A 207 -51.55 -20.88 -6.03
C ASN A 207 -51.20 -20.00 -7.22
N ASN A 208 -52.20 -19.69 -8.02
CA ASN A 208 -52.16 -18.60 -8.98
C ASN A 208 -53.19 -17.53 -8.75
N ARG A 209 -53.41 -17.21 -7.48
CA ARG A 209 -54.33 -16.10 -7.17
C ARG A 209 -53.83 -14.79 -7.76
N THR A 210 -54.76 -13.89 -8.04
CA THR A 210 -54.44 -12.57 -8.56
C THR A 210 -54.70 -11.45 -7.54
N ASP A 211 -54.93 -11.82 -6.29
CA ASP A 211 -54.96 -10.88 -5.20
C ASP A 211 -53.63 -10.89 -4.48
N GLU A 212 -53.53 -10.25 -3.33
CA GLU A 212 -52.25 -9.99 -2.69
C GLU A 212 -51.70 -11.33 -2.09
N TYR A 213 -52.46 -12.42 -2.21
CA TYR A 213 -51.98 -13.74 -1.71
C TYR A 213 -51.37 -14.60 -2.82
N GLY A 214 -51.37 -14.12 -4.06
CA GLY A 214 -50.73 -14.86 -5.21
C GLY A 214 -49.94 -13.97 -6.15
N GLY A 215 -49.19 -14.61 -7.06
CA GLY A 215 -48.58 -13.96 -8.17
C GLY A 215 -47.15 -13.50 -8.07
N SER A 216 -46.57 -13.72 -6.91
CA SER A 216 -45.17 -13.32 -6.65
C SER A 216 -44.69 -14.05 -5.41
N ILE A 217 -43.39 -14.11 -5.20
CA ILE A 217 -42.84 -14.72 -3.94
C ILE A 217 -43.43 -14.06 -2.69
N GLU A 218 -43.46 -12.74 -2.72
CA GLU A 218 -43.91 -11.98 -1.58
C GLU A 218 -45.40 -12.22 -1.25
N ASN A 219 -46.22 -12.31 -2.31
CA ASN A 219 -47.65 -12.50 -2.10
C ASN A 219 -47.91 -13.93 -1.65
N ARG A 220 -47.20 -14.86 -2.24
CA ARG A 220 -47.36 -16.30 -1.84
C ARG A 220 -46.99 -16.57 -0.40
N ALA A 221 -46.13 -15.74 0.16
CA ALA A 221 -45.66 -15.86 1.52
C ALA A 221 -46.61 -15.19 2.50
N ARG A 222 -47.52 -14.35 1.97
CA ARG A 222 -48.27 -13.46 2.82
C ARG A 222 -49.06 -14.16 3.92
N PHE A 223 -49.79 -15.18 3.58
CA PHE A 223 -50.58 -15.91 4.52
C PHE A 223 -49.76 -16.51 5.66
N THR A 224 -48.69 -17.22 5.31
CA THR A 224 -47.76 -17.83 6.28
C THR A 224 -47.27 -16.72 7.22
N LEU A 225 -46.87 -15.60 6.64
CA LEU A 225 -46.29 -14.54 7.54
C LEU A 225 -47.38 -13.83 8.38
N GLU A 226 -48.62 -13.76 7.87
CA GLU A 226 -49.74 -13.31 8.67
C GLU A 226 -50.05 -14.20 9.86
N VAL A 227 -49.92 -15.49 9.63
CA VAL A 227 -50.12 -16.46 10.72
C VAL A 227 -48.99 -16.35 11.78
N VAL A 228 -47.75 -16.29 11.29
CA VAL A 228 -46.62 -16.09 12.17
C VAL A 228 -46.82 -14.84 13.04
N ASP A 229 -47.13 -13.72 12.39
CA ASP A 229 -47.21 -12.48 13.12
C ASP A 229 -48.33 -12.46 14.13
N ALA A 230 -49.46 -13.03 13.80
CA ALA A 230 -50.60 -13.11 14.71
C ALA A 230 -50.28 -14.03 15.88
N VAL A 231 -49.66 -15.17 15.61
CA VAL A 231 -49.31 -16.11 16.66
C VAL A 231 -48.24 -15.56 17.59
N VAL A 232 -47.21 -14.94 17.01
CA VAL A 232 -46.14 -14.32 17.77
C VAL A 232 -46.75 -13.25 18.66
N ASP A 233 -47.64 -12.41 18.14
CA ASP A 233 -48.19 -11.36 19.00
C ASP A 233 -49.02 -11.91 20.16
N ALA A 234 -49.67 -13.05 19.95
CA ALA A 234 -50.54 -13.67 20.96
C ALA A 234 -49.77 -14.37 22.04
N VAL A 235 -48.77 -15.15 21.66
CA VAL A 235 -48.05 -16.00 22.62
C VAL A 235 -46.56 -15.71 22.78
N GLY A 236 -45.99 -14.91 21.89
CA GLY A 236 -44.62 -14.49 21.95
C GLY A 236 -43.77 -15.32 20.99
N ALA A 237 -42.71 -14.71 20.48
CA ALA A 237 -41.85 -15.38 19.49
C ALA A 237 -41.17 -16.61 20.10
N GLU A 238 -40.85 -16.50 21.38
CA GLU A 238 -40.12 -17.56 22.11
C GLU A 238 -40.99 -18.79 22.29
N ARG A 239 -42.28 -18.67 21.99
CA ARG A 239 -43.15 -19.83 22.07
C ARG A 239 -43.78 -20.19 20.74
N THR A 240 -43.18 -19.71 19.65
CA THR A 240 -43.64 -19.96 18.34
C THR A 240 -42.49 -20.51 17.43
N SER A 241 -42.82 -21.49 16.61
CA SER A 241 -41.89 -22.05 15.66
C SER A 241 -42.68 -22.32 14.39
N ILE A 242 -41.96 -22.75 13.34
CA ILE A 242 -42.56 -22.98 12.04
C ILE A 242 -41.78 -24.07 11.33
N ARG A 243 -42.50 -24.83 10.51
CA ARG A 243 -41.96 -25.94 9.74
C ARG A 243 -42.16 -25.77 8.22
N PHE A 244 -41.09 -25.95 7.45
CA PHE A 244 -41.10 -25.88 6.02
C PHE A 244 -40.52 -27.14 5.44
N SER A 245 -40.92 -27.46 4.22
CA SER A 245 -40.37 -28.58 3.50
C SER A 245 -39.99 -28.10 2.06
N PRO A 246 -38.86 -27.35 1.89
CA PRO A 246 -38.57 -26.73 0.61
C PRO A 246 -38.53 -27.72 -0.54
N TYR A 247 -38.00 -28.93 -0.30
CA TYR A 247 -37.86 -29.90 -1.37
C TYR A 247 -38.96 -30.96 -1.40
N GLY A 248 -39.96 -30.86 -0.57
CA GLY A 248 -41.02 -31.87 -0.58
C GLY A 248 -41.85 -31.82 -1.81
N THR A 249 -42.29 -33.00 -2.29
CA THR A 249 -43.33 -33.06 -3.34
C THR A 249 -44.66 -33.68 -2.89
N PHE A 250 -44.69 -34.21 -1.68
CA PHE A 250 -45.91 -34.66 -1.05
C PHE A 250 -47.02 -33.64 -1.12
N GLY A 251 -48.19 -34.09 -1.56
CA GLY A 251 -49.31 -33.17 -1.68
C GLY A 251 -49.34 -32.43 -2.99
N THR A 252 -48.56 -32.94 -3.97
CA THR A 252 -48.40 -32.38 -5.29
C THR A 252 -47.81 -30.97 -5.16
N MET A 253 -46.76 -30.90 -4.39
CA MET A 253 -45.94 -29.66 -4.27
C MET A 253 -44.79 -29.71 -5.26
N SER A 254 -44.16 -28.56 -5.50
CA SER A 254 -43.19 -28.42 -6.63
C SER A 254 -41.87 -29.20 -6.44
N GLY A 255 -41.32 -29.09 -5.24
CA GLY A 255 -39.99 -29.51 -4.92
C GLY A 255 -38.95 -28.89 -5.81
N GLY A 256 -37.80 -29.56 -5.86
CA GLY A 256 -36.65 -29.01 -6.63
C GLY A 256 -36.86 -29.01 -8.14
N GLU A 257 -37.82 -29.76 -8.63
CA GLU A 257 -38.07 -29.72 -10.05
C GLU A 257 -38.35 -28.27 -10.53
N ASN A 258 -38.89 -27.40 -9.68
CA ASN A 258 -39.07 -25.96 -9.99
C ASN A 258 -37.87 -25.19 -9.45
N PRO A 259 -36.99 -24.72 -10.34
CA PRO A 259 -35.77 -24.06 -9.78
C PRO A 259 -36.00 -22.76 -9.00
N GLY A 260 -37.24 -22.23 -9.01
CA GLY A 260 -37.59 -21.04 -8.27
C GLY A 260 -38.03 -21.32 -6.87
N ILE A 261 -38.05 -22.61 -6.48
CA ILE A 261 -38.52 -22.95 -5.14
C ILE A 261 -37.59 -22.44 -3.98
N VAL A 262 -36.26 -22.51 -4.14
CA VAL A 262 -35.37 -22.08 -3.08
C VAL A 262 -35.60 -20.61 -2.76
N ALA A 263 -35.82 -19.81 -3.81
CA ALA A 263 -36.08 -18.38 -3.61
C ALA A 263 -37.27 -18.14 -2.73
N GLN A 264 -38.32 -18.94 -2.88
CA GLN A 264 -39.54 -18.80 -2.11
C GLN A 264 -39.20 -18.95 -0.63
N TYR A 265 -38.38 -19.96 -0.32
CA TYR A 265 -38.06 -20.22 1.04
C TYR A 265 -37.04 -19.24 1.59
N ALA A 266 -36.06 -18.87 0.79
CA ALA A 266 -35.09 -17.87 1.23
C ALA A 266 -35.81 -16.58 1.56
N TYR A 267 -36.87 -16.28 0.81
CA TYR A 267 -37.60 -15.05 1.08
C TYR A 267 -38.30 -15.12 2.46
N VAL A 268 -39.00 -16.21 2.69
CA VAL A 268 -39.80 -16.31 3.92
C VAL A 268 -38.84 -16.29 5.11
N ILE A 269 -37.78 -17.08 5.00
CA ILE A 269 -36.83 -17.19 6.08
C ILE A 269 -36.13 -15.84 6.34
N GLY A 270 -35.79 -15.10 5.27
CA GLY A 270 -35.26 -13.75 5.41
C GLY A 270 -36.22 -12.81 6.11
N GLU A 271 -37.52 -12.95 5.80
CA GLU A 271 -38.55 -12.17 6.55
C GLU A 271 -38.62 -12.53 7.98
N LEU A 272 -38.40 -13.79 8.32
CA LEU A 272 -38.34 -14.13 9.71
C LEU A 272 -37.11 -13.61 10.39
N GLU A 273 -35.96 -13.65 9.70
CA GLU A 273 -34.73 -13.08 10.22
C GLU A 273 -34.90 -11.57 10.47
N LYS A 274 -35.59 -10.91 9.57
CA LYS A 274 -35.86 -9.51 9.80
C LYS A 274 -36.63 -9.22 11.05
N ARG A 275 -37.71 -9.95 11.26
CA ARG A 275 -38.51 -9.87 12.48
C ARG A 275 -37.65 -10.15 13.72
N ALA A 276 -36.74 -11.14 13.61
CA ALA A 276 -35.83 -11.51 14.70
C ALA A 276 -34.93 -10.32 15.07
N ARG A 277 -34.30 -9.73 14.06
CA ARG A 277 -33.40 -8.60 14.27
C ARG A 277 -34.08 -7.39 14.90
N ALA A 278 -35.36 -7.27 14.66
CA ALA A 278 -36.18 -6.20 15.23
C ALA A 278 -36.72 -6.54 16.63
N GLY A 279 -36.43 -7.73 17.15
CA GLY A 279 -36.76 -8.05 18.53
C GLY A 279 -37.67 -9.25 18.75
N LYS A 280 -38.06 -9.95 17.68
CA LYS A 280 -39.10 -11.03 17.77
C LYS A 280 -38.63 -12.27 17.00
N ARG A 281 -37.71 -13.01 17.61
CA ARG A 281 -37.09 -14.18 16.99
C ARG A 281 -37.86 -15.48 17.32
N LEU A 282 -38.32 -16.17 16.27
CA LEU A 282 -38.96 -17.48 16.45
C LEU A 282 -37.99 -18.40 17.17
N ALA A 283 -38.54 -19.19 18.05
CA ALA A 283 -37.73 -20.16 18.83
C ALA A 283 -36.89 -21.06 17.96
N PHE A 284 -37.48 -21.56 16.86
CA PHE A 284 -36.73 -22.36 15.90
C PHE A 284 -37.50 -22.44 14.60
N ILE A 285 -36.77 -22.74 13.53
CA ILE A 285 -37.32 -23.15 12.21
C ILE A 285 -36.99 -24.59 12.01
N ASP A 286 -38.02 -25.40 11.64
CA ASP A 286 -37.94 -26.83 11.42
C ASP A 286 -37.98 -27.06 9.91
N LEU A 287 -36.94 -27.65 9.37
CA LEU A 287 -36.89 -28.06 7.96
C LEU A 287 -36.85 -29.56 7.74
N VAL A 288 -37.74 -29.99 6.84
CA VAL A 288 -37.73 -31.34 6.33
C VAL A 288 -36.56 -31.47 5.33
N GLU A 289 -35.76 -32.50 5.49
CA GLU A 289 -34.65 -32.74 4.60
C GLU A 289 -35.16 -33.32 3.28
N PRO A 290 -34.38 -33.16 2.19
CA PRO A 290 -34.75 -33.81 0.89
C PRO A 290 -34.78 -35.31 1.08
N ARG A 291 -35.74 -35.97 0.46
CA ARG A 291 -35.74 -37.41 0.47
C ARG A 291 -34.58 -37.99 -0.34
N VAL A 292 -34.26 -39.22 -0.03
CA VAL A 292 -33.35 -40.02 -0.87
C VAL A 292 -33.93 -40.05 -2.28
N THR A 293 -33.10 -39.73 -3.26
CA THR A 293 -33.53 -39.58 -4.64
C THR A 293 -33.92 -40.94 -5.27
N ASP A 294 -34.82 -40.91 -6.25
CA ASP A 294 -35.15 -42.14 -7.05
C ASP A 294 -33.92 -42.55 -7.92
N PRO A 295 -33.32 -43.75 -7.65
CA PRO A 295 -32.13 -44.12 -8.45
C PRO A 295 -32.49 -44.26 -9.95
N PHE A 296 -33.78 -44.44 -10.29
CA PHE A 296 -34.20 -44.65 -11.70
C PHE A 296 -34.40 -43.38 -12.48
N LEU A 297 -34.21 -42.23 -11.83
CA LEU A 297 -34.29 -40.98 -12.57
C LEU A 297 -33.16 -40.94 -13.60
N PRO A 298 -33.44 -40.49 -14.84
CA PRO A 298 -32.32 -40.31 -15.79
C PRO A 298 -31.25 -39.31 -15.26
N GLU A 299 -30.04 -39.46 -15.80
CA GLU A 299 -28.87 -38.74 -15.31
C GLU A 299 -29.14 -37.22 -15.06
N PHE A 300 -29.68 -36.56 -16.08
CA PHE A 300 -29.97 -35.12 -16.05
C PHE A 300 -30.98 -34.75 -14.97
N GLU A 301 -32.10 -35.48 -14.88
CA GLU A 301 -33.19 -35.13 -13.99
C GLU A 301 -32.80 -35.41 -12.52
N LYS A 302 -31.84 -36.32 -12.30
CA LYS A 302 -31.19 -36.47 -10.97
C LYS A 302 -30.66 -35.14 -10.42
N TRP A 303 -29.86 -34.47 -11.23
CA TRP A 303 -29.20 -33.22 -10.78
C TRP A 303 -30.18 -32.06 -10.73
N PHE A 304 -31.16 -32.04 -11.64
CA PHE A 304 -32.21 -31.02 -11.67
C PHE A 304 -32.96 -30.90 -10.32
N LYS A 305 -33.33 -32.05 -9.78
CA LYS A 305 -34.13 -32.10 -8.57
C LYS A 305 -33.31 -31.78 -7.31
N GLU A 306 -32.01 -32.06 -7.38
CA GLU A 306 -31.12 -32.01 -6.22
C GLU A 306 -30.98 -30.62 -5.55
N GLY A 307 -31.08 -30.63 -4.24
CA GLY A 307 -30.74 -29.42 -3.46
C GLY A 307 -30.62 -29.80 -2.01
N THR A 308 -30.09 -28.89 -1.20
CA THR A 308 -30.00 -29.08 0.26
C THR A 308 -30.57 -27.90 1.00
N ASN A 309 -30.73 -28.06 2.30
CA ASN A 309 -31.18 -26.98 3.15
C ASN A 309 -30.09 -26.15 3.72
N GLU A 310 -28.88 -26.25 3.20
CA GLU A 310 -27.76 -25.49 3.76
C GLU A 310 -27.94 -23.97 3.63
N PHE A 311 -28.68 -23.56 2.63
CA PHE A 311 -28.88 -22.10 2.46
C PHE A 311 -29.44 -21.42 3.69
N ILE A 312 -30.20 -22.11 4.55
CA ILE A 312 -30.78 -21.49 5.76
C ILE A 312 -29.68 -20.80 6.61
N TYR A 313 -28.49 -21.39 6.69
CA TYR A 313 -27.47 -20.87 7.56
C TYR A 313 -26.88 -19.58 7.05
N SER A 314 -27.21 -19.22 5.80
CA SER A 314 -26.78 -17.91 5.28
C SER A 314 -27.80 -16.82 5.50
N ILE A 315 -28.90 -17.12 6.15
CA ILE A 315 -30.02 -16.19 6.29
C ILE A 315 -30.46 -16.08 7.75
N TRP A 316 -30.89 -17.22 8.31
CA TRP A 316 -31.36 -17.29 9.69
C TRP A 316 -30.28 -17.50 10.74
N LYS A 317 -30.28 -16.69 11.78
CA LYS A 317 -29.25 -16.84 12.79
C LYS A 317 -29.72 -17.49 14.06
N GLY A 318 -30.86 -18.15 14.02
CA GLY A 318 -31.40 -18.80 15.24
C GLY A 318 -31.33 -20.32 15.09
N PRO A 319 -31.98 -21.02 16.01
CA PRO A 319 -31.94 -22.48 15.95
C PRO A 319 -32.68 -23.06 14.73
N VAL A 320 -32.11 -24.14 14.22
CA VAL A 320 -32.66 -24.93 13.10
C VAL A 320 -32.84 -26.35 13.53
N LEU A 321 -34.03 -26.90 13.30
CA LEU A 321 -34.26 -28.33 13.48
C LEU A 321 -34.30 -28.94 12.12
N ARG A 322 -33.49 -29.98 11.91
CA ARG A 322 -33.48 -30.68 10.62
C ARG A 322 -34.00 -32.09 10.85
N VAL A 323 -34.89 -32.55 9.99
CA VAL A 323 -35.58 -33.84 10.19
C VAL A 323 -35.56 -34.62 8.89
N GLY A 324 -35.11 -35.86 8.95
CA GLY A 324 -35.25 -36.70 7.75
C GLY A 324 -34.01 -37.48 7.48
N ASN A 325 -34.16 -38.78 7.48
CA ASN A 325 -33.10 -39.72 7.12
C ASN A 325 -31.94 -39.84 8.06
N TYR A 326 -32.03 -39.32 9.29
CA TYR A 326 -30.89 -39.38 10.17
C TYR A 326 -30.73 -40.73 10.87
N ALA A 327 -31.74 -41.54 11.01
CA ALA A 327 -31.63 -42.74 11.92
C ALA A 327 -30.51 -43.67 11.49
N LEU A 328 -30.43 -43.89 10.19
CA LEU A 328 -29.48 -44.81 9.63
C LEU A 328 -28.15 -44.15 9.22
N ASP A 329 -27.94 -42.92 9.64
CA ASP A 329 -26.79 -42.13 9.21
C ASP A 329 -26.31 -41.25 10.37
N PRO A 330 -25.78 -41.89 11.41
CA PRO A 330 -25.28 -41.12 12.49
C PRO A 330 -24.13 -40.16 12.09
N ASP A 331 -23.35 -40.50 11.07
CA ASP A 331 -22.21 -39.64 10.67
C ASP A 331 -22.72 -38.33 10.14
N GLN A 332 -23.77 -38.42 9.36
CA GLN A 332 -24.43 -37.19 8.86
C GLN A 332 -25.12 -36.34 9.95
N ALA A 333 -25.78 -37.00 10.92
CA ALA A 333 -26.33 -36.29 12.01
C ALA A 333 -25.23 -35.63 12.77
N THR A 334 -24.10 -36.33 12.91
CA THR A 334 -23.00 -35.75 13.64
C THR A 334 -22.53 -34.52 12.90
N LEU A 335 -22.43 -34.61 11.58
CA LEU A 335 -21.84 -33.52 10.76
C LEU A 335 -22.77 -32.29 10.80
N ASP A 336 -24.06 -32.56 10.64
CA ASP A 336 -25.09 -31.48 10.57
C ASP A 336 -25.20 -30.82 11.92
N SER A 337 -25.00 -31.58 13.03
CA SER A 337 -25.06 -31.01 14.39
C SER A 337 -23.85 -30.09 14.67
N LYS A 338 -22.81 -30.11 13.85
CA LYS A 338 -21.70 -29.26 14.20
C LYS A 338 -21.99 -27.90 13.64
N LYS A 339 -23.06 -27.74 12.83
CA LYS A 339 -23.46 -26.40 12.35
C LYS A 339 -24.17 -25.70 13.55
N PRO A 340 -24.12 -24.38 13.58
CA PRO A 340 -24.61 -23.61 14.74
C PRO A 340 -26.08 -23.93 15.15
N ASN A 341 -26.31 -24.15 16.44
CA ASN A 341 -27.68 -24.21 17.01
C ASN A 341 -28.59 -25.12 16.22
N THR A 342 -28.09 -26.29 15.87
CA THR A 342 -28.81 -27.24 15.04
C THR A 342 -29.29 -28.46 15.86
N LEU A 343 -30.58 -28.80 15.69
CA LEU A 343 -31.25 -29.88 16.39
C LEU A 343 -31.53 -30.93 15.35
N ILE A 344 -31.53 -32.21 15.75
CA ILE A 344 -31.69 -33.29 14.78
C ILE A 344 -32.99 -34.06 15.17
N GLY A 345 -33.95 -34.10 14.25
CA GLY A 345 -35.21 -34.83 14.48
C GLY A 345 -35.18 -36.21 13.88
N TYR A 346 -35.86 -37.16 14.54
CA TYR A 346 -35.99 -38.52 14.17
C TYR A 346 -37.50 -38.79 14.20
N GLY A 347 -38.03 -39.14 13.04
CA GLY A 347 -39.44 -39.45 12.84
C GLY A 347 -39.75 -40.93 13.09
N ARG A 348 -39.67 -41.72 12.03
CA ARG A 348 -40.08 -43.11 12.05
C ARG A 348 -39.37 -43.86 13.18
N SER A 349 -38.13 -43.50 13.46
CA SER A 349 -37.37 -44.18 14.52
C SER A 349 -37.83 -43.84 15.95
N PHE A 350 -38.43 -42.67 16.15
CA PHE A 350 -39.04 -42.34 17.43
C PHE A 350 -40.40 -43.04 17.59
N ILE A 351 -41.12 -43.26 16.49
CA ILE A 351 -42.32 -44.13 16.53
C ILE A 351 -41.90 -45.48 17.16
N ALA A 352 -40.79 -46.05 16.67
CA ALA A 352 -40.37 -47.42 17.02
C ALA A 352 -39.52 -47.56 18.20
N ASN A 353 -38.94 -46.47 18.72
CA ASN A 353 -37.99 -46.55 19.83
C ASN A 353 -38.34 -45.58 20.91
N PRO A 354 -39.07 -46.02 21.95
CA PRO A 354 -39.47 -45.02 22.94
C PRO A 354 -38.27 -44.37 23.65
N ASP A 355 -37.24 -45.18 23.83
CA ASP A 355 -36.03 -44.73 24.42
C ASP A 355 -35.01 -44.39 23.34
N LEU A 356 -35.44 -43.72 22.29
CA LEU A 356 -34.54 -43.51 21.18
C LEU A 356 -33.34 -42.66 21.63
N VAL A 357 -33.57 -41.72 22.52
CA VAL A 357 -32.49 -40.81 22.91
C VAL A 357 -31.28 -41.59 23.52
N TYR A 358 -31.58 -42.39 24.51
CA TYR A 358 -30.63 -43.29 25.12
C TYR A 358 -29.93 -44.20 24.09
N ARG A 359 -30.72 -44.78 23.17
CA ARG A 359 -30.14 -45.64 22.21
C ARG A 359 -29.14 -44.86 21.30
N LEU A 360 -29.46 -43.64 20.90
CA LEU A 360 -28.54 -42.93 20.06
C LEU A 360 -27.34 -42.47 20.88
N GLU A 361 -27.58 -42.09 22.12
CA GLU A 361 -26.46 -41.72 23.01
C GLU A 361 -25.41 -42.81 23.09
N LYS A 362 -25.82 -44.05 23.29
CA LYS A 362 -24.87 -45.13 23.50
C LYS A 362 -24.60 -46.00 22.28
N GLY A 363 -25.21 -45.74 21.13
CA GLY A 363 -24.99 -46.55 19.92
C GLY A 363 -25.56 -47.96 20.01
N LEU A 364 -26.77 -48.05 20.56
CA LEU A 364 -27.53 -49.32 20.65
C LEU A 364 -28.36 -49.61 19.35
N PRO A 365 -28.67 -50.89 19.08
CA PRO A 365 -29.60 -51.21 18.02
C PRO A 365 -30.89 -50.51 18.20
N LEU A 366 -31.50 -50.25 17.04
CA LEU A 366 -32.77 -49.59 16.95
C LEU A 366 -33.82 -50.58 16.54
N ASN A 367 -34.96 -50.55 17.23
CA ASN A 367 -36.11 -51.34 16.74
C ASN A 367 -36.54 -50.92 15.37
N LYS A 368 -36.97 -51.91 14.59
CA LYS A 368 -37.58 -51.68 13.28
C LYS A 368 -38.95 -51.06 13.50
N TYR A 369 -39.36 -50.15 12.64
CA TYR A 369 -40.72 -49.65 12.67
C TYR A 369 -41.62 -50.54 11.85
N ASP A 370 -42.89 -50.58 12.24
CA ASP A 370 -43.91 -51.28 11.47
C ASP A 370 -44.90 -50.34 10.83
N ARG A 371 -44.72 -50.07 9.54
CA ARG A 371 -45.58 -49.11 8.85
C ARG A 371 -47.08 -49.45 8.91
N ASN A 372 -47.41 -50.72 9.05
CA ASN A 372 -48.83 -51.13 9.01
C ASN A 372 -49.63 -50.46 10.11
N THR A 373 -48.98 -50.12 11.20
CA THR A 373 -49.65 -49.52 12.36
C THR A 373 -49.27 -48.09 12.60
N PHE A 374 -48.69 -47.43 11.57
CA PHE A 374 -48.50 -45.96 11.69
C PHE A 374 -49.79 -45.16 11.95
N TYR A 375 -50.95 -45.59 11.37
CA TYR A 375 -52.14 -44.76 11.39
C TYR A 375 -53.41 -45.48 11.81
N THR A 376 -53.24 -46.66 12.38
CA THR A 376 -54.33 -47.55 12.82
C THR A 376 -54.83 -47.07 14.20
N PHE A 377 -56.12 -47.23 14.46
CA PHE A 377 -56.70 -46.83 15.75
C PHE A 377 -56.50 -47.97 16.72
N THR A 378 -55.25 -48.14 17.06
CA THR A 378 -54.84 -49.23 17.95
C THR A 378 -53.77 -48.79 18.93
N LYS A 379 -53.79 -49.34 20.15
CA LYS A 379 -52.56 -49.26 21.01
C LYS A 379 -51.43 -50.11 20.45
N GLU A 380 -51.76 -51.22 19.75
CA GLU A 380 -50.73 -51.99 19.04
C GLU A 380 -50.02 -51.10 17.99
N GLY A 381 -48.69 -51.10 17.97
CA GLY A 381 -47.92 -50.25 17.04
C GLY A 381 -47.89 -48.78 17.48
N TYR A 382 -48.32 -48.53 18.72
CA TYR A 382 -48.34 -47.21 19.33
C TYR A 382 -47.56 -47.16 20.65
N THR A 383 -47.99 -47.97 21.63
CA THR A 383 -47.37 -47.94 22.95
C THR A 383 -46.67 -49.28 23.28
N ASP A 384 -46.65 -50.22 22.32
CA ASP A 384 -46.04 -51.55 22.55
C ASP A 384 -44.66 -51.77 21.92
N TYR A 385 -44.04 -50.74 21.37
CA TYR A 385 -42.63 -50.88 21.02
C TYR A 385 -41.77 -50.87 22.30
N PRO A 386 -40.85 -51.82 22.43
CA PRO A 386 -40.21 -51.91 23.72
C PRO A 386 -39.02 -51.00 23.83
N SER A 387 -38.68 -50.67 25.05
CA SER A 387 -37.41 -50.06 25.34
C SER A 387 -36.35 -51.09 25.18
N TYR A 388 -35.10 -50.64 25.14
CA TYR A 388 -33.97 -51.50 24.83
C TYR A 388 -33.83 -52.61 25.87
N GLU A 389 -33.64 -53.82 25.44
CA GLU A 389 -33.49 -54.95 26.40
C GLU A 389 -32.22 -55.65 26.01
N GLU A 390 -31.30 -55.64 26.94
CA GLU A 390 -29.93 -56.18 26.72
C GLU A 390 -29.88 -57.53 26.00
N SER A 391 -29.03 -57.63 24.96
CA SER A 391 -28.86 -58.87 24.23
C SER A 391 -28.05 -59.86 25.09
N VAL A 392 -28.43 -61.15 25.08
CA VAL A 392 -27.72 -62.15 25.84
C VAL A 392 -26.60 -62.77 24.96
N TYR B 3 7.34 -12.51 -1.74
CA TYR B 3 6.25 -13.54 -1.92
C TYR B 3 5.16 -13.42 -0.93
N MET B 4 3.96 -13.79 -1.35
CA MET B 4 2.82 -13.78 -0.43
C MET B 4 3.04 -14.69 0.81
N ASN B 5 2.40 -14.28 1.90
CA ASN B 5 2.47 -14.99 3.14
C ASN B 5 1.52 -16.16 3.36
N PHE B 6 1.85 -17.30 2.76
CA PHE B 6 1.14 -18.54 3.00
C PHE B 6 2.03 -19.69 2.61
N ASP B 7 1.67 -20.88 3.03
CA ASP B 7 2.50 -22.05 2.68
C ASP B 7 1.93 -22.63 1.39
N PRO B 8 2.69 -22.51 0.31
CA PRO B 8 2.16 -22.93 -0.97
C PRO B 8 2.00 -24.43 -1.09
N LYS B 9 1.01 -24.87 -1.87
CA LYS B 9 0.69 -26.28 -1.97
C LYS B 9 0.38 -26.56 -3.44
N PRO B 10 0.83 -27.68 -3.91
CA PRO B 10 0.60 -27.90 -5.32
C PRO B 10 -0.86 -28.30 -5.61
N LEU B 11 -1.47 -27.65 -6.61
CA LEU B 11 -2.87 -27.90 -7.01
C LEU B 11 -3.04 -28.83 -8.19
N GLY B 12 -1.91 -29.30 -8.72
CA GLY B 12 -1.90 -30.03 -9.98
C GLY B 12 -2.70 -31.33 -9.95
N ASP B 13 -2.87 -31.96 -8.77
CA ASP B 13 -3.59 -33.24 -8.72
C ASP B 13 -4.99 -33.07 -8.16
N THR B 14 -5.42 -31.83 -8.09
CA THR B 14 -6.78 -31.52 -7.63
C THR B 14 -7.74 -31.30 -8.84
N ASN B 15 -9.01 -31.10 -8.51
CA ASN B 15 -10.03 -30.71 -9.51
C ASN B 15 -9.67 -29.43 -10.28
N ILE B 16 -8.89 -28.53 -9.68
CA ILE B 16 -8.50 -27.30 -10.30
C ILE B 16 -7.71 -27.55 -11.57
N PHE B 17 -7.03 -28.69 -11.66
CA PHE B 17 -6.29 -28.99 -12.88
C PHE B 17 -6.91 -30.05 -13.75
N LYS B 18 -8.21 -30.28 -13.60
CA LYS B 18 -8.92 -31.15 -14.60
C LYS B 18 -9.49 -30.28 -15.70
N PRO B 19 -9.43 -30.77 -16.94
CA PRO B 19 -10.09 -30.05 -17.99
C PRO B 19 -11.60 -29.97 -17.83
N ILE B 20 -12.18 -28.95 -18.49
CA ILE B 20 -13.63 -28.78 -18.51
C ILE B 20 -14.03 -27.99 -19.78
N LYS B 21 -15.21 -28.30 -20.36
CA LYS B 21 -15.76 -27.46 -21.42
C LYS B 21 -16.62 -26.34 -20.88
N ILE B 22 -16.30 -25.11 -21.21
CA ILE B 22 -17.10 -23.93 -20.84
C ILE B 22 -17.45 -23.21 -22.16
N GLY B 23 -18.75 -23.13 -22.40
CA GLY B 23 -19.29 -22.67 -23.70
C GLY B 23 -18.69 -23.52 -24.81
N ASN B 24 -18.02 -22.86 -25.72
CA ASN B 24 -17.39 -23.50 -26.88
C ASN B 24 -15.92 -23.93 -26.64
N ASN B 25 -15.38 -23.66 -25.46
CA ASN B 25 -13.95 -23.71 -25.22
C ASN B 25 -13.58 -24.94 -24.33
N GLU B 26 -12.59 -25.68 -24.81
CA GLU B 26 -12.03 -26.78 -24.02
C GLU B 26 -10.95 -26.22 -23.07
N LEU B 27 -11.32 -25.85 -21.84
CA LEU B 27 -10.32 -25.37 -20.89
C LEU B 27 -9.44 -26.57 -20.48
N LYS B 28 -8.16 -26.34 -20.38
CA LYS B 28 -7.20 -27.39 -19.96
C LYS B 28 -7.05 -27.49 -18.40
N HIS B 29 -7.62 -26.54 -17.75
CA HIS B 29 -7.61 -26.40 -16.27
C HIS B 29 -8.64 -25.36 -15.90
N ARG B 30 -8.84 -25.22 -14.58
CA ARG B 30 -9.92 -24.36 -14.03
C ARG B 30 -9.46 -23.13 -13.22
N VAL B 31 -8.21 -22.69 -13.40
CA VAL B 31 -7.71 -21.46 -12.84
C VAL B 31 -8.12 -20.34 -13.84
N VAL B 32 -8.94 -19.46 -13.38
CA VAL B 32 -9.46 -18.41 -14.23
C VAL B 32 -8.91 -17.03 -13.87
N MET B 33 -8.66 -16.19 -14.90
CA MET B 33 -8.39 -14.78 -14.69
C MET B 33 -9.75 -14.04 -14.80
N PRO B 34 -10.25 -13.54 -13.67
CA PRO B 34 -11.48 -12.80 -13.63
C PRO B 34 -11.22 -11.39 -14.19
N ALA B 35 -12.28 -10.69 -14.51
CA ALA B 35 -12.20 -9.31 -14.91
C ALA B 35 -11.51 -8.45 -13.86
N LEU B 36 -10.54 -7.67 -14.31
CA LEU B 36 -9.73 -6.84 -13.43
C LEU B 36 -9.53 -5.49 -14.11
N THR B 37 -10.15 -4.45 -13.54
CA THR B 37 -9.95 -3.07 -14.01
C THR B 37 -8.55 -2.57 -13.72
N ARG B 38 -7.87 -2.11 -14.77
CA ARG B 38 -6.48 -1.64 -14.65
C ARG B 38 -6.20 -0.19 -15.11
N MET B 39 -7.14 0.45 -15.83
CA MET B 39 -7.04 1.88 -16.14
C MET B 39 -5.85 2.19 -17.07
N ARG B 40 -5.49 1.26 -17.95
CA ARG B 40 -4.38 1.50 -18.90
C ARG B 40 -4.91 1.85 -20.30
N ALA B 41 -6.22 1.98 -20.49
CA ALA B 41 -6.78 2.29 -21.81
C ALA B 41 -6.42 3.74 -22.13
N ILE B 42 -6.38 4.06 -23.42
CA ILE B 42 -6.00 5.40 -23.89
C ILE B 42 -7.21 6.33 -23.93
N ALA B 43 -7.00 7.53 -23.46
CA ALA B 43 -7.98 8.57 -23.59
C ALA B 43 -7.33 9.56 -24.52
N PRO B 44 -8.13 10.18 -25.36
CA PRO B 44 -9.58 10.02 -25.37
C PRO B 44 -9.87 8.76 -26.23
N GLY B 45 -11.12 8.40 -26.30
CA GLY B 45 -11.60 7.32 -27.17
C GLY B 45 -11.79 5.98 -26.44
N ASN B 46 -11.38 5.89 -25.18
CA ASN B 46 -11.50 4.63 -24.38
C ASN B 46 -10.92 3.47 -25.24
N ILE B 47 -9.70 3.66 -25.74
CA ILE B 47 -9.13 2.69 -26.67
C ILE B 47 -8.21 1.74 -25.91
N PRO B 48 -8.36 0.45 -26.14
CA PRO B 48 -7.44 -0.49 -25.53
C PRO B 48 -6.02 -0.15 -25.89
N ASN B 49 -5.14 -0.19 -24.87
CA ASN B 49 -3.75 0.30 -25.03
C ASN B 49 -2.86 -0.86 -25.51
N THR B 50 -3.08 -1.34 -26.70
CA THR B 50 -2.36 -2.53 -27.23
C THR B 50 -0.88 -2.50 -26.96
N GLU B 51 -0.21 -1.32 -27.12
CA GLU B 51 1.21 -1.07 -26.66
C GLU B 51 1.64 -1.71 -25.34
N TRP B 52 0.80 -1.58 -24.30
CA TRP B 52 1.04 -2.32 -23.09
C TRP B 52 0.08 -3.52 -22.88
N ALA B 53 -1.15 -3.42 -23.36
CA ALA B 53 -2.18 -4.38 -23.00
C ALA B 53 -2.02 -5.71 -23.71
N GLU B 54 -1.48 -5.70 -24.94
CA GLU B 54 -1.31 -6.96 -25.61
C GLU B 54 -0.38 -7.88 -24.81
N GLU B 55 0.73 -7.34 -24.31
CA GLU B 55 1.73 -8.06 -23.55
C GLU B 55 1.09 -8.49 -22.20
N TYR B 56 0.25 -7.67 -21.65
CA TYR B 56 -0.34 -8.05 -20.37
C TYR B 56 -1.16 -9.31 -20.47
N TYR B 57 -2.02 -9.34 -21.48
CA TYR B 57 -2.90 -10.49 -21.68
C TYR B 57 -2.17 -11.70 -22.27
N ARG B 58 -1.14 -11.44 -23.12
CA ARG B 58 -0.23 -12.51 -23.55
C ARG B 58 0.42 -13.20 -22.41
N GLN B 59 0.97 -12.44 -21.44
CA GLN B 59 1.63 -13.09 -20.32
C GLN B 59 0.66 -14.01 -19.59
N ARG B 60 -0.53 -13.45 -19.30
CA ARG B 60 -1.40 -14.10 -18.38
C ARG B 60 -2.18 -15.27 -19.01
N SER B 61 -2.16 -15.37 -20.33
CA SER B 61 -2.82 -16.46 -21.09
C SER B 61 -1.77 -17.52 -21.51
N GLN B 62 -0.55 -17.36 -20.98
CA GLN B 62 0.60 -18.18 -21.41
C GLN B 62 0.43 -19.68 -21.17
N TYR B 63 -0.33 -20.09 -20.17
CA TYR B 63 -0.50 -21.53 -19.91
C TYR B 63 -1.65 -21.99 -20.85
N PRO B 64 -1.36 -22.86 -21.82
CA PRO B 64 -2.39 -23.19 -22.80
C PRO B 64 -3.70 -23.70 -22.21
N GLY B 65 -4.80 -23.14 -22.70
CA GLY B 65 -6.12 -23.57 -22.30
C GLY B 65 -6.65 -22.84 -21.06
N THR B 66 -6.18 -21.59 -20.87
CA THR B 66 -6.66 -20.73 -19.76
C THR B 66 -7.85 -19.89 -20.23
N LEU B 67 -8.88 -19.81 -19.40
CA LEU B 67 -9.94 -18.81 -19.56
C LEU B 67 -9.51 -17.48 -18.96
N ILE B 68 -9.56 -16.47 -19.82
CA ILE B 68 -9.29 -15.10 -19.48
C ILE B 68 -10.57 -14.30 -19.69
N ILE B 69 -10.96 -13.59 -18.64
CA ILE B 69 -12.05 -12.61 -18.72
C ILE B 69 -11.38 -11.27 -18.74
N THR B 70 -11.75 -10.42 -19.68
CA THR B 70 -11.13 -9.08 -19.77
C THR B 70 -11.54 -8.18 -18.61
N GLU B 71 -10.74 -7.15 -18.38
CA GLU B 71 -11.18 -5.98 -17.60
C GLU B 71 -12.56 -5.57 -18.05
N GLY B 72 -13.36 -5.05 -17.11
CA GLY B 72 -14.64 -4.39 -17.40
C GLY B 72 -14.48 -3.46 -18.64
N THR B 73 -15.37 -3.55 -19.60
CA THR B 73 -15.31 -2.82 -20.82
C THR B 73 -16.70 -2.18 -21.06
N PHE B 74 -16.70 -0.89 -21.41
CA PHE B 74 -17.95 -0.15 -21.60
C PHE B 74 -18.60 -0.48 -22.94
N PRO B 75 -19.89 -0.82 -22.93
CA PRO B 75 -20.55 -1.15 -24.21
C PRO B 75 -21.09 0.04 -24.97
N SER B 76 -20.98 1.20 -24.35
CA SER B 76 -21.38 2.50 -24.93
C SER B 76 -20.77 3.60 -24.16
N ALA B 77 -20.81 4.80 -24.75
CA ALA B 77 -20.28 5.96 -24.05
C ALA B 77 -21.08 6.23 -22.77
N GLN B 78 -22.40 6.15 -22.87
CA GLN B 78 -23.22 6.47 -21.74
C GLN B 78 -23.04 5.43 -20.60
N SER B 79 -22.52 4.26 -20.92
CA SER B 79 -22.21 3.25 -19.90
C SER B 79 -21.02 3.59 -19.00
N GLY B 80 -20.22 4.51 -19.49
CA GLY B 80 -18.90 4.82 -19.01
C GLY B 80 -18.79 6.00 -18.09
N GLY B 81 -17.68 6.71 -18.18
CA GLY B 81 -17.35 7.75 -17.18
C GLY B 81 -15.96 7.73 -16.59
N TYR B 82 -15.20 6.68 -16.93
CA TYR B 82 -13.79 6.58 -16.48
C TYR B 82 -12.98 6.65 -17.77
N PRO B 83 -12.12 7.65 -17.96
CA PRO B 83 -11.54 7.85 -19.29
C PRO B 83 -10.52 6.81 -19.70
N ASN B 84 -9.95 6.09 -18.74
CA ASN B 84 -8.89 5.12 -19.08
C ASN B 84 -9.32 3.64 -18.92
N VAL B 85 -10.64 3.40 -19.04
CA VAL B 85 -11.26 2.09 -19.15
C VAL B 85 -11.60 1.89 -20.65
N PRO B 86 -11.34 0.71 -21.17
CA PRO B 86 -11.65 0.50 -22.61
C PRO B 86 -13.13 0.38 -22.90
N GLY B 87 -13.50 0.77 -24.12
CA GLY B 87 -14.83 0.56 -24.72
C GLY B 87 -14.80 -0.51 -25.79
N ILE B 88 -15.98 -0.92 -26.22
CA ILE B 88 -16.08 -1.86 -27.36
C ILE B 88 -17.26 -1.54 -28.28
N TRP B 89 -17.54 -0.26 -28.44
CA TRP B 89 -18.57 0.12 -29.39
C TRP B 89 -18.03 0.78 -30.63
N SER B 90 -16.80 1.25 -30.61
CA SER B 90 -16.31 2.02 -31.78
C SER B 90 -15.38 1.18 -32.63
N LYS B 91 -15.33 1.51 -33.91
CA LYS B 91 -14.42 0.80 -34.82
C LYS B 91 -12.97 0.80 -34.34
N GLU B 92 -12.50 1.96 -33.89
CA GLU B 92 -11.12 2.07 -33.42
C GLU B 92 -10.83 1.33 -32.11
N GLN B 93 -11.84 1.18 -31.24
CA GLN B 93 -11.67 0.32 -30.10
C GLN B 93 -11.54 -1.14 -30.57
N LEU B 94 -12.49 -1.57 -31.42
CA LEU B 94 -12.50 -2.96 -31.81
C LEU B 94 -11.21 -3.38 -32.58
N ALA B 95 -10.62 -2.46 -33.30
CA ALA B 95 -9.39 -2.79 -34.04
C ALA B 95 -8.29 -3.20 -33.05
N GLU B 96 -8.26 -2.54 -31.91
CA GLU B 96 -7.29 -2.84 -30.91
C GLU B 96 -7.65 -4.12 -30.13
N TRP B 97 -8.94 -4.28 -29.80
CA TRP B 97 -9.32 -5.51 -29.14
C TRP B 97 -8.90 -6.76 -29.98
N LYS B 98 -9.08 -6.66 -31.27
CA LYS B 98 -8.77 -7.82 -32.17
C LYS B 98 -7.33 -8.30 -31.95
N LYS B 99 -6.45 -7.34 -31.75
CA LYS B 99 -5.05 -7.65 -31.49
C LYS B 99 -4.82 -8.41 -30.20
N ILE B 100 -5.44 -7.89 -29.14
CA ILE B 100 -5.47 -8.60 -27.86
C ILE B 100 -6.02 -9.99 -27.94
N PHE B 101 -7.12 -10.12 -28.60
CA PHE B 101 -7.73 -11.45 -28.73
C PHE B 101 -6.80 -12.42 -29.49
N ASN B 102 -6.21 -11.90 -30.58
CA ASN B 102 -5.24 -12.67 -31.30
C ASN B 102 -4.10 -13.19 -30.42
N ALA B 103 -3.56 -12.37 -29.49
CA ALA B 103 -2.48 -12.80 -28.63
C ALA B 103 -2.85 -13.90 -27.69
N ILE B 104 -4.04 -13.80 -27.12
CA ILE B 104 -4.56 -14.86 -26.25
C ILE B 104 -4.79 -16.16 -27.04
N HIS B 105 -5.37 -16.03 -28.22
CA HIS B 105 -5.55 -17.22 -29.07
C HIS B 105 -4.26 -17.85 -29.56
N GLU B 106 -3.24 -17.05 -29.84
CA GLU B 106 -1.92 -17.61 -30.21
C GLU B 106 -1.39 -18.50 -29.12
N ASN B 107 -1.74 -18.21 -27.85
CA ASN B 107 -1.36 -18.98 -26.68
C ASN B 107 -2.29 -20.17 -26.44
N LYS B 108 -3.25 -20.39 -27.34
CA LYS B 108 -4.29 -21.44 -27.24
C LYS B 108 -5.15 -21.32 -25.95
N SER B 109 -5.38 -20.08 -25.57
CA SER B 109 -6.28 -19.74 -24.45
C SER B 109 -7.49 -18.98 -24.94
N PHE B 110 -8.38 -18.61 -24.02
CA PHE B 110 -9.71 -18.14 -24.38
C PHE B 110 -9.95 -16.81 -23.78
N VAL B 111 -10.72 -15.93 -24.46
CA VAL B 111 -11.02 -14.60 -23.97
C VAL B 111 -12.52 -14.28 -24.02
N TRP B 112 -13.03 -13.90 -22.87
CA TRP B 112 -14.38 -13.46 -22.68
C TRP B 112 -14.41 -11.99 -22.29
N VAL B 113 -15.13 -11.16 -23.02
CA VAL B 113 -15.17 -9.73 -22.69
C VAL B 113 -16.25 -9.41 -21.66
N GLN B 114 -15.85 -8.77 -20.56
CA GLN B 114 -16.83 -8.38 -19.54
C GLN B 114 -17.43 -7.00 -19.93
N LEU B 115 -18.75 -6.99 -20.11
CA LEU B 115 -19.49 -5.78 -20.46
C LEU B 115 -19.93 -5.07 -19.16
N TRP B 116 -19.43 -3.87 -18.96
CA TRP B 116 -19.49 -3.12 -17.69
C TRP B 116 -20.23 -1.81 -17.87
N VAL B 117 -21.27 -1.61 -17.08
CA VAL B 117 -22.04 -0.38 -17.16
C VAL B 117 -22.06 0.20 -15.73
N LEU B 118 -21.66 1.46 -15.61
CA LEU B 118 -21.35 2.04 -14.25
C LEU B 118 -22.53 2.43 -13.39
N GLY B 119 -23.54 3.05 -13.99
CA GLY B 119 -24.53 3.75 -13.19
C GLY B 119 -23.92 4.76 -12.27
N ARG B 120 -24.37 4.74 -11.01
CA ARG B 120 -24.06 5.78 -10.02
C ARG B 120 -22.60 5.78 -9.52
N GLN B 121 -21.84 4.76 -9.91
CA GLN B 121 -20.42 4.73 -9.62
C GLN B 121 -19.61 5.56 -10.53
N ALA B 122 -20.19 6.07 -11.63
CA ALA B 122 -19.44 6.93 -12.54
C ALA B 122 -19.11 8.28 -11.91
N TRP B 123 -18.25 9.04 -12.59
CA TRP B 123 -17.82 10.36 -12.15
C TRP B 123 -18.65 11.44 -12.88
N PRO B 124 -19.57 12.07 -12.16
CA PRO B 124 -20.61 12.89 -12.84
C PRO B 124 -20.06 14.09 -13.60
N GLU B 125 -18.94 14.66 -13.13
CA GLU B 125 -18.32 15.76 -13.88
C GLU B 125 -17.63 15.32 -15.15
N VAL B 126 -17.05 14.12 -15.19
CA VAL B 126 -16.52 13.60 -16.41
C VAL B 126 -17.64 13.33 -17.44
N LEU B 127 -18.72 12.73 -16.96
CA LEU B 127 -19.91 12.51 -17.83
C LEU B 127 -20.44 13.86 -18.37
N LYS B 128 -20.50 14.84 -17.51
CA LYS B 128 -21.09 16.17 -17.90
C LYS B 128 -20.27 16.82 -19.05
N LYS B 129 -18.96 16.78 -18.92
CA LYS B 129 -18.05 17.26 -19.95
C LYS B 129 -18.39 16.61 -21.29
N GLU B 130 -18.80 15.35 -21.26
CA GLU B 130 -19.13 14.61 -22.47
C GLU B 130 -20.61 14.67 -22.87
N GLY B 131 -21.41 15.44 -22.14
CA GLY B 131 -22.81 15.67 -22.43
C GLY B 131 -23.67 14.45 -22.05
N LEU B 132 -23.22 13.67 -21.05
CA LEU B 132 -23.84 12.40 -20.68
C LEU B 132 -24.54 12.49 -19.32
N ARG B 133 -25.54 11.65 -19.13
CA ARG B 133 -26.30 11.58 -17.86
C ARG B 133 -25.51 10.85 -16.78
N TYR B 134 -25.88 11.10 -15.52
CA TYR B 134 -25.44 10.36 -14.33
C TYR B 134 -26.58 9.46 -13.93
N ASP B 135 -26.50 8.19 -14.35
CA ASP B 135 -27.66 7.27 -14.30
C ASP B 135 -27.70 6.34 -13.10
N SER B 136 -28.90 5.98 -12.66
CA SER B 136 -29.03 4.93 -11.70
C SER B 136 -30.48 4.43 -11.79
N ALA B 137 -30.88 3.61 -10.84
CA ALA B 137 -32.27 3.08 -10.77
C ALA B 137 -33.24 4.21 -10.36
N THR B 138 -32.72 5.17 -9.59
CA THR B 138 -33.46 6.24 -9.00
C THR B 138 -32.82 7.60 -9.15
N ASP B 139 -33.60 8.67 -8.99
CA ASP B 139 -33.06 10.02 -8.89
C ASP B 139 -32.33 10.32 -7.59
N ASP B 140 -32.79 9.72 -6.48
CA ASP B 140 -32.47 10.24 -5.16
C ASP B 140 -31.64 9.38 -4.23
N LEU B 141 -31.47 8.10 -4.55
CA LEU B 141 -30.66 7.20 -3.72
C LEU B 141 -29.24 7.29 -4.23
N TYR B 142 -28.48 8.18 -3.61
CA TYR B 142 -27.09 8.38 -3.96
C TYR B 142 -26.27 7.39 -3.16
N MET B 143 -25.08 7.08 -3.68
CA MET B 143 -24.14 6.21 -2.99
C MET B 143 -23.66 6.71 -1.64
N GLY B 144 -23.80 8.01 -1.42
CA GLY B 144 -23.32 8.69 -0.22
C GLY B 144 -23.40 10.21 -0.43
N GLU B 145 -23.18 10.92 0.66
CA GLU B 145 -23.31 12.38 0.65
C GLU B 145 -22.21 13.03 -0.16
N GLU B 146 -21.03 12.41 -0.20
CA GLU B 146 -19.91 12.96 -0.95
C GLU B 146 -20.17 12.84 -2.42
N GLU B 147 -20.76 11.71 -2.81
CA GLU B 147 -21.11 11.52 -4.22
C GLU B 147 -22.26 12.43 -4.68
N LYS B 148 -23.19 12.66 -3.76
CA LYS B 148 -24.28 13.55 -4.00
C LYS B 148 -23.76 14.95 -4.24
N GLU B 149 -22.86 15.40 -3.36
CA GLU B 149 -22.32 16.75 -3.47
C GLU B 149 -21.49 16.92 -4.78
N ARG B 150 -20.73 15.90 -5.15
CA ARG B 150 -20.05 15.79 -6.43
C ARG B 150 -21.00 16.00 -7.63
N ALA B 151 -22.11 15.26 -7.66
CA ALA B 151 -23.06 15.32 -8.76
C ALA B 151 -23.71 16.71 -8.84
N LEU B 152 -24.07 17.25 -7.68
CA LEU B 152 -24.65 18.61 -7.65
C LEU B 152 -23.67 19.68 -8.12
N LYS B 153 -22.43 19.58 -7.69
CA LYS B 153 -21.41 20.50 -8.12
C LYS B 153 -21.13 20.45 -9.64
N ALA B 154 -21.26 19.27 -10.23
CA ALA B 154 -21.15 19.10 -11.71
C ALA B 154 -22.40 19.50 -12.49
N ASN B 155 -23.47 19.92 -11.81
CA ASN B 155 -24.77 20.14 -12.44
C ASN B 155 -25.16 18.89 -13.24
N ASN B 156 -24.97 17.72 -12.63
CA ASN B 156 -25.30 16.44 -13.29
C ASN B 156 -25.89 15.53 -12.22
N PRO B 157 -27.06 15.90 -11.76
CA PRO B 157 -27.68 15.13 -10.66
C PRO B 157 -28.01 13.70 -11.08
N GLN B 158 -27.99 12.76 -10.13
CA GLN B 158 -28.40 11.45 -10.44
C GLN B 158 -29.79 11.38 -11.08
N HIS B 159 -29.92 10.47 -12.03
CA HIS B 159 -31.10 10.31 -12.84
C HIS B 159 -31.57 8.84 -12.91
N GLY B 160 -32.80 8.61 -12.44
CA GLY B 160 -33.38 7.29 -12.48
C GLY B 160 -33.83 7.09 -13.90
N ILE B 161 -33.31 6.04 -14.52
CA ILE B 161 -33.45 5.85 -15.98
C ILE B 161 -34.88 5.49 -16.35
N THR B 162 -35.33 5.98 -17.51
CA THR B 162 -36.65 5.68 -18.01
C THR B 162 -36.71 4.30 -18.65
N LYS B 163 -37.94 3.83 -18.87
CA LYS B 163 -38.13 2.60 -19.64
C LYS B 163 -37.45 2.66 -20.98
N GLU B 164 -37.58 3.78 -21.69
CA GLU B 164 -36.86 3.97 -22.95
C GLU B 164 -35.33 3.89 -22.84
N GLU B 165 -34.79 4.49 -21.80
CA GLU B 165 -33.34 4.47 -21.60
C GLU B 165 -32.83 3.07 -21.20
N ILE B 166 -33.63 2.37 -20.44
CA ILE B 166 -33.43 0.93 -20.19
C ILE B 166 -33.31 0.17 -21.49
N LYS B 167 -34.28 0.39 -22.36
CA LYS B 167 -34.19 -0.32 -23.66
C LYS B 167 -32.92 -0.01 -24.49
N GLN B 168 -32.52 1.26 -24.47
CA GLN B 168 -31.30 1.74 -25.13
C GLN B 168 -30.06 1.04 -24.51
N TYR B 169 -30.01 0.92 -23.20
CA TYR B 169 -28.93 0.12 -22.60
C TYR B 169 -28.92 -1.29 -23.14
N ILE B 170 -30.09 -1.92 -23.23
CA ILE B 170 -30.15 -3.30 -23.64
C ILE B 170 -29.65 -3.40 -25.07
N LYS B 171 -29.99 -2.42 -25.92
CA LYS B 171 -29.49 -2.42 -27.30
C LYS B 171 -28.01 -2.27 -27.33
N GLU B 172 -27.46 -1.56 -26.34
CA GLU B 172 -26.03 -1.32 -26.31
C GLU B 172 -25.28 -2.56 -25.84
N TYR B 173 -25.88 -3.29 -24.87
CA TYR B 173 -25.29 -4.58 -24.48
C TYR B 173 -25.19 -5.54 -25.73
N VAL B 174 -26.27 -5.63 -26.46
CA VAL B 174 -26.38 -6.45 -27.66
C VAL B 174 -25.34 -6.06 -28.70
N ASP B 175 -25.24 -4.76 -29.05
CA ASP B 175 -24.33 -4.24 -30.04
C ASP B 175 -22.89 -4.60 -29.65
N ALA B 176 -22.57 -4.32 -28.38
CA ALA B 176 -21.25 -4.57 -27.87
C ALA B 176 -20.95 -6.09 -27.86
N ALA B 177 -21.93 -6.94 -27.51
CA ALA B 177 -21.69 -8.37 -27.51
C ALA B 177 -21.40 -8.90 -28.94
N LYS B 178 -22.18 -8.45 -29.90
CA LYS B 178 -21.98 -8.89 -31.27
C LYS B 178 -20.67 -8.38 -31.76
N LYS B 179 -20.32 -7.13 -31.47
CA LYS B 179 -19.00 -6.61 -31.96
C LYS B 179 -17.82 -7.46 -31.37
N ALA B 180 -17.92 -7.78 -30.10
CA ALA B 180 -16.88 -8.54 -29.38
C ALA B 180 -16.73 -9.89 -30.10
N ILE B 181 -17.86 -10.59 -30.32
CA ILE B 181 -17.80 -11.89 -30.92
C ILE B 181 -17.28 -11.76 -32.35
N ASP B 182 -17.79 -10.75 -33.08
CA ASP B 182 -17.30 -10.56 -34.47
C ASP B 182 -15.82 -10.33 -34.56
N ALA B 183 -15.24 -9.76 -33.54
CA ALA B 183 -13.80 -9.41 -33.53
C ALA B 183 -12.98 -10.64 -33.05
N GLY B 184 -13.67 -11.69 -32.67
CA GLY B 184 -12.99 -12.92 -32.26
C GLY B 184 -13.14 -13.34 -30.81
N ALA B 185 -13.86 -12.61 -29.97
CA ALA B 185 -13.94 -13.06 -28.54
C ALA B 185 -14.70 -14.35 -28.45
N ASP B 186 -14.36 -15.15 -27.44
CA ASP B 186 -14.98 -16.46 -27.27
C ASP B 186 -16.33 -16.36 -26.58
N GLY B 187 -16.57 -15.26 -25.89
CA GLY B 187 -17.87 -15.04 -25.21
C GLY B 187 -17.90 -13.68 -24.57
N VAL B 188 -19.01 -13.34 -23.92
CA VAL B 188 -19.07 -12.13 -23.15
C VAL B 188 -19.64 -12.42 -21.79
N GLN B 189 -19.26 -11.62 -20.82
CA GLN B 189 -19.78 -11.66 -19.46
C GLN B 189 -20.51 -10.35 -19.10
N ILE B 190 -21.77 -10.46 -18.66
CA ILE B 190 -22.59 -9.37 -18.27
C ILE B 190 -22.20 -9.05 -16.76
N HIS B 191 -21.61 -7.88 -16.56
CA HIS B 191 -21.27 -7.47 -15.18
C HIS B 191 -22.56 -7.07 -14.47
N SER B 192 -23.00 -7.85 -13.51
CA SER B 192 -24.21 -7.54 -12.75
C SER B 192 -23.89 -7.51 -11.27
N ALA B 193 -22.66 -7.13 -10.94
CA ALA B 193 -22.12 -7.20 -9.58
C ALA B 193 -21.42 -5.92 -9.16
N ASN B 194 -20.89 -5.92 -7.93
CA ASN B 194 -20.01 -4.92 -7.36
C ASN B 194 -20.56 -3.46 -7.40
N GLY B 195 -21.88 -3.39 -7.27
CA GLY B 195 -22.59 -2.10 -7.14
C GLY B 195 -22.68 -1.28 -8.38
N TYR B 196 -22.43 -1.86 -9.57
CA TYR B 196 -22.60 -1.10 -10.80
C TYR B 196 -24.10 -1.15 -11.25
N LEU B 197 -24.41 -0.69 -12.49
CA LEU B 197 -25.78 -0.31 -12.79
C LEU B 197 -26.76 -1.46 -12.57
N LEU B 198 -26.49 -2.64 -13.14
CA LEU B 198 -27.44 -3.74 -12.98
C LEU B 198 -27.58 -4.14 -11.49
N ASN B 199 -26.47 -4.12 -10.70
CA ASN B 199 -26.56 -4.37 -9.25
C ASN B 199 -27.42 -3.30 -8.54
N GLN B 200 -27.30 -2.04 -9.00
CA GLN B 200 -28.12 -0.96 -8.48
C GLN B 200 -29.62 -1.27 -8.64
N PHE B 201 -30.06 -1.89 -9.72
CA PHE B 201 -31.41 -2.40 -9.83
C PHE B 201 -31.76 -3.57 -8.93
N LEU B 202 -30.82 -4.52 -8.77
CA LEU B 202 -31.07 -5.74 -8.03
C LEU B 202 -31.26 -5.50 -6.59
N ASP B 203 -30.57 -4.48 -6.05
CA ASP B 203 -30.53 -4.31 -4.61
C ASP B 203 -31.57 -3.30 -4.10
N PRO B 204 -32.40 -3.68 -3.12
CA PRO B 204 -33.36 -2.70 -2.65
C PRO B 204 -32.79 -1.41 -2.04
N ILE B 205 -31.54 -1.47 -1.59
CA ILE B 205 -30.92 -0.27 -0.98
C ILE B 205 -30.79 0.85 -2.01
N SER B 206 -30.70 0.49 -3.32
CA SER B 206 -30.47 1.45 -4.40
C SER B 206 -31.66 1.50 -5.44
N ASN B 207 -32.72 0.77 -5.16
CA ASN B 207 -33.87 0.71 -6.04
C ASN B 207 -35.17 0.57 -5.28
N ASN B 208 -35.87 1.68 -5.17
CA ASN B 208 -37.22 1.70 -4.64
C ASN B 208 -38.17 2.22 -5.70
N ARG B 209 -37.87 1.93 -6.97
CA ARG B 209 -38.75 2.35 -8.07
C ARG B 209 -40.08 1.75 -7.91
N THR B 210 -41.08 2.43 -8.47
CA THR B 210 -42.42 1.95 -8.31
C THR B 210 -43.04 1.61 -9.62
N ASP B 211 -42.20 1.45 -10.64
CA ASP B 211 -42.63 0.84 -11.89
C ASP B 211 -42.26 -0.61 -11.93
N GLU B 212 -42.33 -1.29 -13.11
CA GLU B 212 -42.12 -2.73 -13.09
C GLU B 212 -40.67 -3.16 -12.88
N TYR B 213 -39.76 -2.18 -12.81
CA TYR B 213 -38.35 -2.46 -12.52
C TYR B 213 -37.93 -2.31 -11.04
N GLY B 214 -38.90 -2.10 -10.14
CA GLY B 214 -38.65 -2.04 -8.71
C GLY B 214 -39.88 -2.48 -7.91
N GLY B 215 -39.65 -2.67 -6.59
CA GLY B 215 -40.72 -2.86 -5.62
C GLY B 215 -40.93 -4.34 -5.19
N SER B 216 -40.19 -5.24 -5.78
CA SER B 216 -40.26 -6.69 -5.53
C SER B 216 -39.00 -7.37 -6.00
N ILE B 217 -38.77 -8.61 -5.55
CA ILE B 217 -37.64 -9.36 -6.05
C ILE B 217 -37.73 -9.54 -7.54
N GLU B 218 -38.91 -9.94 -8.05
CA GLU B 218 -39.05 -10.15 -9.50
C GLU B 218 -38.80 -8.84 -10.29
N ASN B 219 -39.35 -7.76 -9.80
CA ASN B 219 -39.16 -6.51 -10.51
C ASN B 219 -37.69 -6.00 -10.52
N ARG B 220 -37.01 -6.12 -9.38
CA ARG B 220 -35.62 -5.75 -9.28
C ARG B 220 -34.71 -6.56 -10.13
N ALA B 221 -35.07 -7.81 -10.45
CA ALA B 221 -34.30 -8.67 -11.37
C ALA B 221 -34.56 -8.45 -12.84
N ARG B 222 -35.59 -7.66 -13.14
CA ARG B 222 -36.09 -7.56 -14.50
C ARG B 222 -35.04 -7.01 -15.48
N PHE B 223 -34.38 -5.90 -15.16
CA PHE B 223 -33.36 -5.32 -16.07
C PHE B 223 -32.24 -6.34 -16.36
N THR B 224 -31.73 -6.97 -15.30
CA THR B 224 -30.66 -7.97 -15.48
C THR B 224 -31.13 -9.07 -16.43
N LEU B 225 -32.31 -9.62 -16.18
CA LEU B 225 -32.81 -10.68 -17.00
C LEU B 225 -33.15 -10.26 -18.44
N GLU B 226 -33.64 -9.04 -18.65
CA GLU B 226 -33.81 -8.59 -20.03
C GLU B 226 -32.48 -8.45 -20.78
N VAL B 227 -31.41 -8.07 -20.07
CA VAL B 227 -30.10 -7.96 -20.67
C VAL B 227 -29.58 -9.37 -21.06
N VAL B 228 -29.72 -10.32 -20.12
CA VAL B 228 -29.35 -11.70 -20.40
C VAL B 228 -30.11 -12.21 -21.60
N ASP B 229 -31.43 -12.01 -21.61
CA ASP B 229 -32.20 -12.57 -22.73
C ASP B 229 -31.79 -11.95 -24.08
N ALA B 230 -31.56 -10.65 -24.10
CA ALA B 230 -31.17 -9.96 -25.34
C ALA B 230 -29.82 -10.43 -25.83
N VAL B 231 -28.85 -10.53 -24.92
CA VAL B 231 -27.48 -10.98 -25.25
C VAL B 231 -27.52 -12.46 -25.71
N VAL B 232 -28.26 -13.29 -24.98
CA VAL B 232 -28.36 -14.72 -25.36
C VAL B 232 -28.92 -14.87 -26.78
N ASP B 233 -29.87 -14.01 -27.13
CA ASP B 233 -30.53 -14.13 -28.43
C ASP B 233 -29.52 -13.71 -29.49
N ALA B 234 -28.66 -12.74 -29.17
CA ALA B 234 -27.75 -12.18 -30.17
C ALA B 234 -26.55 -13.07 -30.44
N VAL B 235 -26.00 -13.71 -29.38
CA VAL B 235 -24.72 -14.44 -29.49
C VAL B 235 -24.76 -15.88 -29.03
N GLY B 236 -25.85 -16.28 -28.40
CA GLY B 236 -26.08 -17.62 -27.94
C GLY B 236 -25.73 -17.79 -26.49
N ALA B 237 -26.44 -18.68 -25.81
CA ALA B 237 -26.20 -18.86 -24.36
C ALA B 237 -24.83 -19.42 -24.07
N GLU B 238 -24.32 -20.20 -25.03
CA GLU B 238 -22.99 -20.74 -24.93
C GLU B 238 -21.86 -19.69 -24.97
N ARG B 239 -22.15 -18.46 -25.43
CA ARG B 239 -21.21 -17.38 -25.46
C ARG B 239 -21.58 -16.29 -24.49
N THR B 240 -22.48 -16.59 -23.56
CA THR B 240 -22.88 -15.63 -22.54
C THR B 240 -22.65 -16.15 -21.10
N SER B 241 -22.20 -15.24 -20.23
CA SER B 241 -22.02 -15.49 -18.80
C SER B 241 -22.45 -14.26 -18.04
N ILE B 242 -22.53 -14.37 -16.72
CA ILE B 242 -22.95 -13.22 -15.90
C ILE B 242 -22.25 -13.31 -14.57
N ARG B 243 -22.01 -12.15 -13.96
CA ARG B 243 -21.41 -12.10 -12.67
C ARG B 243 -22.27 -11.45 -11.62
N PHE B 244 -22.29 -12.07 -10.46
CA PHE B 244 -23.01 -11.50 -9.30
C PHE B 244 -22.10 -11.44 -8.11
N SER B 245 -22.46 -10.58 -7.15
CA SER B 245 -21.73 -10.47 -5.84
C SER B 245 -22.73 -10.39 -4.71
N PRO B 246 -23.31 -11.56 -4.34
CA PRO B 246 -24.41 -11.50 -3.37
C PRO B 246 -24.11 -10.79 -2.09
N TYR B 247 -22.93 -11.02 -1.55
CA TYR B 247 -22.52 -10.46 -0.26
C TYR B 247 -21.69 -9.19 -0.35
N GLY B 248 -21.55 -8.63 -1.53
CA GLY B 248 -20.75 -7.39 -1.71
C GLY B 248 -21.48 -6.17 -1.10
N THR B 249 -20.69 -5.30 -0.49
CA THR B 249 -21.20 -4.02 0.00
C THR B 249 -20.53 -2.84 -0.75
N PHE B 250 -19.49 -3.12 -1.54
CA PHE B 250 -18.84 -2.08 -2.35
C PHE B 250 -19.86 -1.38 -3.23
N GLY B 251 -19.73 -0.07 -3.37
CA GLY B 251 -20.79 0.70 -3.96
C GLY B 251 -22.07 0.97 -3.20
N THR B 252 -22.03 0.76 -1.92
CA THR B 252 -23.13 1.02 -1.02
C THR B 252 -24.25 0.05 -1.44
N MET B 253 -23.89 -1.22 -1.52
CA MET B 253 -24.87 -2.26 -1.71
C MET B 253 -25.16 -2.90 -0.32
N SER B 254 -26.18 -3.76 -0.28
CA SER B 254 -26.68 -4.24 0.98
C SER B 254 -25.76 -5.25 1.61
N GLY B 255 -25.34 -6.23 0.85
CA GLY B 255 -24.72 -7.45 1.47
C GLY B 255 -25.61 -8.18 2.46
N GLY B 256 -24.96 -9.03 3.24
CA GLY B 256 -25.60 -9.81 4.30
C GLY B 256 -26.36 -9.02 5.34
N GLU B 257 -26.03 -7.73 5.54
CA GLU B 257 -26.80 -6.92 6.47
C GLU B 257 -28.33 -6.92 6.13
N ASN B 258 -28.72 -7.17 4.89
CA ASN B 258 -30.14 -7.25 4.61
C ASN B 258 -30.44 -8.74 4.46
N PRO B 259 -31.28 -9.28 5.36
CA PRO B 259 -31.52 -10.77 5.33
C PRO B 259 -32.27 -11.31 4.09
N GLY B 260 -32.79 -10.40 3.28
CA GLY B 260 -33.52 -10.78 2.09
C GLY B 260 -32.62 -10.82 0.89
N ILE B 261 -31.33 -10.58 1.08
CA ILE B 261 -30.42 -10.55 -0.06
C ILE B 261 -30.27 -11.91 -0.72
N VAL B 262 -30.19 -13.01 0.04
CA VAL B 262 -30.03 -14.28 -0.60
C VAL B 262 -31.22 -14.60 -1.50
N ALA B 263 -32.43 -14.26 -1.09
CA ALA B 263 -33.63 -14.58 -1.88
C ALA B 263 -33.59 -13.82 -3.21
N GLN B 264 -32.97 -12.63 -3.22
CA GLN B 264 -32.92 -11.86 -4.47
C GLN B 264 -32.08 -12.65 -5.51
N TYR B 265 -30.96 -13.18 -5.04
CA TYR B 265 -30.03 -13.91 -5.91
C TYR B 265 -30.55 -15.26 -6.22
N ALA B 266 -31.16 -15.95 -5.26
CA ALA B 266 -31.77 -17.24 -5.54
C ALA B 266 -32.88 -17.09 -6.59
N TYR B 267 -33.61 -15.97 -6.57
CA TYR B 267 -34.56 -15.75 -7.64
C TYR B 267 -33.94 -15.63 -9.03
N VAL B 268 -32.95 -14.78 -9.12
CA VAL B 268 -32.35 -14.47 -10.42
C VAL B 268 -31.66 -15.69 -10.97
N ILE B 269 -30.95 -16.45 -10.11
CA ILE B 269 -30.27 -17.69 -10.53
C ILE B 269 -31.29 -18.77 -10.91
N GLY B 270 -32.41 -18.84 -10.18
CA GLY B 270 -33.50 -19.73 -10.55
C GLY B 270 -34.08 -19.44 -11.89
N GLU B 271 -34.22 -18.15 -12.18
CA GLU B 271 -34.68 -17.79 -13.50
C GLU B 271 -33.70 -18.18 -14.63
N LEU B 272 -32.40 -18.06 -14.33
CA LEU B 272 -31.36 -18.52 -15.29
C LEU B 272 -31.46 -20.02 -15.46
N GLU B 273 -31.74 -20.73 -14.36
CA GLU B 273 -31.90 -22.18 -14.39
C GLU B 273 -33.11 -22.55 -15.26
N LYS B 274 -34.21 -21.80 -15.09
CA LYS B 274 -35.41 -22.06 -15.91
C LYS B 274 -35.14 -21.87 -17.39
N ARG B 275 -34.37 -20.85 -17.73
CA ARG B 275 -33.95 -20.61 -19.11
C ARG B 275 -33.10 -21.83 -19.59
N ALA B 276 -32.17 -22.30 -18.76
CA ALA B 276 -31.37 -23.44 -19.09
C ALA B 276 -32.19 -24.72 -19.35
N ARG B 277 -33.18 -24.98 -18.52
CA ARG B 277 -34.05 -26.18 -18.72
C ARG B 277 -34.81 -26.04 -20.03
N ALA B 278 -35.12 -24.81 -20.43
CA ALA B 278 -35.79 -24.55 -21.69
C ALA B 278 -34.84 -24.51 -22.93
N GLY B 279 -33.58 -24.91 -22.77
CA GLY B 279 -32.59 -25.03 -23.85
C GLY B 279 -31.61 -23.90 -24.06
N LYS B 280 -31.54 -22.92 -23.12
CA LYS B 280 -30.64 -21.80 -23.24
C LYS B 280 -29.82 -21.58 -21.96
N ARG B 281 -28.86 -22.45 -21.78
CA ARG B 281 -28.07 -22.48 -20.55
C ARG B 281 -26.86 -21.59 -20.76
N LEU B 282 -26.68 -20.62 -19.86
CA LEU B 282 -25.54 -19.75 -19.90
C LEU B 282 -24.30 -20.58 -19.73
N ALA B 283 -23.16 -20.15 -20.33
CA ALA B 283 -21.92 -20.89 -20.20
C ALA B 283 -21.45 -21.08 -18.78
N PHE B 284 -21.61 -20.04 -17.96
CA PHE B 284 -21.22 -20.08 -16.57
C PHE B 284 -21.77 -18.86 -15.84
N ILE B 285 -22.01 -19.03 -14.55
CA ILE B 285 -22.27 -17.95 -13.59
C ILE B 285 -21.03 -17.77 -12.72
N ASP B 286 -20.62 -16.53 -12.60
CA ASP B 286 -19.48 -16.09 -11.83
C ASP B 286 -19.95 -15.42 -10.57
N LEU B 287 -19.51 -15.96 -9.45
CA LEU B 287 -19.82 -15.39 -8.15
C LEU B 287 -18.62 -14.81 -7.41
N VAL B 288 -18.74 -13.60 -6.90
CA VAL B 288 -17.79 -13.03 -5.92
C VAL B 288 -18.03 -13.64 -4.52
N GLU B 289 -16.95 -14.19 -3.94
CA GLU B 289 -16.97 -14.80 -2.64
C GLU B 289 -17.10 -13.70 -1.57
N PRO B 290 -17.71 -14.00 -0.45
CA PRO B 290 -17.82 -13.01 0.64
C PRO B 290 -16.45 -12.63 1.19
N GLY B 307 -22.82 -15.15 5.55
CA GLY B 307 -23.32 -16.12 4.55
C GLY B 307 -22.29 -16.61 3.58
N THR B 308 -22.63 -17.65 2.82
CA THR B 308 -21.80 -18.22 1.79
C THR B 308 -22.54 -18.38 0.49
N ASN B 309 -21.81 -18.66 -0.56
CA ASN B 309 -22.42 -18.90 -1.86
C ASN B 309 -22.88 -20.36 -2.08
N GLU B 310 -22.85 -21.17 -1.03
CA GLU B 310 -23.28 -22.55 -1.19
C GLU B 310 -24.65 -22.74 -1.83
N PHE B 311 -25.55 -21.84 -1.54
CA PHE B 311 -26.91 -21.87 -2.07
C PHE B 311 -26.99 -22.12 -3.58
N ILE B 312 -26.01 -21.65 -4.32
CA ILE B 312 -26.09 -21.76 -5.76
C ILE B 312 -26.23 -23.21 -6.25
N TYR B 313 -25.57 -24.10 -5.55
CA TYR B 313 -25.51 -25.50 -5.96
C TYR B 313 -26.87 -26.23 -5.83
N SER B 314 -27.82 -25.63 -5.10
CA SER B 314 -29.18 -26.13 -5.02
C SER B 314 -30.10 -25.58 -6.13
N ILE B 315 -29.57 -24.70 -6.97
CA ILE B 315 -30.42 -23.96 -7.92
C ILE B 315 -29.89 -24.15 -9.33
N TRP B 316 -28.67 -23.66 -9.56
CA TRP B 316 -28.01 -23.71 -10.86
C TRP B 316 -27.26 -25.01 -11.07
N LYS B 317 -27.51 -25.65 -12.22
CA LYS B 317 -26.97 -26.97 -12.52
C LYS B 317 -26.14 -26.76 -13.80
N GLY B 318 -25.22 -25.80 -13.72
CA GLY B 318 -24.31 -25.45 -14.79
C GLY B 318 -22.98 -25.10 -14.14
N PRO B 319 -22.02 -24.73 -14.98
CA PRO B 319 -20.75 -24.33 -14.33
C PRO B 319 -20.80 -23.07 -13.48
N VAL B 320 -20.03 -23.07 -12.41
CA VAL B 320 -19.92 -21.93 -11.52
C VAL B 320 -18.48 -21.46 -11.39
N LEU B 321 -18.20 -20.17 -11.54
CA LEU B 321 -16.84 -19.61 -11.28
C LEU B 321 -16.96 -18.89 -9.96
N ARG B 322 -16.07 -19.22 -9.06
CA ARG B 322 -15.98 -18.55 -7.77
C ARG B 322 -14.68 -17.76 -7.70
N VAL B 323 -14.78 -16.51 -7.27
CA VAL B 323 -13.62 -15.63 -7.21
C VAL B 323 -13.55 -14.94 -5.87
N GLY B 324 -12.43 -15.06 -5.18
CA GLY B 324 -12.21 -14.18 -4.02
C GLY B 324 -11.42 -14.96 -2.98
N ASN B 325 -10.30 -14.41 -2.58
CA ASN B 325 -9.44 -14.93 -1.51
C ASN B 325 -8.82 -16.33 -1.65
N TYR B 326 -8.77 -16.92 -2.84
CA TYR B 326 -8.25 -18.25 -2.95
C TYR B 326 -6.73 -18.38 -2.99
N ALA B 327 -6.06 -17.30 -3.34
CA ALA B 327 -4.55 -17.36 -3.46
C ALA B 327 -3.85 -17.78 -2.16
N LEU B 328 -4.29 -17.25 -1.02
CA LEU B 328 -3.70 -17.54 0.26
C LEU B 328 -4.30 -18.77 0.89
N ASP B 329 -5.26 -19.42 0.20
CA ASP B 329 -6.02 -20.52 0.82
C ASP B 329 -6.22 -21.68 -0.15
N PRO B 330 -5.11 -22.34 -0.55
CA PRO B 330 -5.21 -23.51 -1.44
C PRO B 330 -6.09 -24.61 -0.83
N ASP B 331 -6.16 -24.76 0.51
CA ASP B 331 -7.08 -25.74 1.08
C ASP B 331 -8.55 -25.48 0.69
N GLN B 332 -8.96 -24.22 0.74
CA GLN B 332 -10.34 -23.87 0.46
C GLN B 332 -10.55 -23.91 -1.05
N ALA B 333 -9.56 -23.51 -1.83
CA ALA B 333 -9.69 -23.72 -3.28
C ALA B 333 -9.88 -25.18 -3.65
N THR B 334 -9.09 -26.08 -3.06
CA THR B 334 -9.18 -27.47 -3.31
C THR B 334 -10.57 -28.02 -2.95
N LEU B 335 -11.03 -27.64 -1.78
CA LEU B 335 -12.32 -28.06 -1.29
C LEU B 335 -13.47 -27.55 -2.14
N ASP B 336 -13.47 -26.27 -2.51
CA ASP B 336 -14.55 -25.76 -3.30
C ASP B 336 -14.56 -26.34 -4.72
N SER B 337 -13.39 -26.66 -5.22
CA SER B 337 -13.34 -27.27 -6.56
C SER B 337 -13.89 -28.70 -6.62
N LYS B 338 -14.11 -29.32 -5.46
CA LYS B 338 -14.76 -30.65 -5.44
C LYS B 338 -16.24 -30.51 -5.73
N LYS B 339 -16.78 -29.30 -5.68
CA LYS B 339 -18.18 -29.13 -6.03
C LYS B 339 -18.27 -29.26 -7.53
N PRO B 340 -19.44 -29.62 -8.05
CA PRO B 340 -19.50 -29.90 -9.47
C PRO B 340 -19.24 -28.67 -10.35
N ASN B 341 -18.47 -28.90 -11.41
CA ASN B 341 -18.22 -27.95 -12.48
C ASN B 341 -17.86 -26.57 -11.93
N THR B 342 -16.94 -26.54 -10.98
CA THR B 342 -16.54 -25.30 -10.32
C THR B 342 -15.17 -24.80 -10.76
N LEU B 343 -15.11 -23.61 -11.30
CA LEU B 343 -13.86 -22.97 -11.70
C LEU B 343 -13.44 -22.05 -10.54
N ILE B 344 -12.13 -21.80 -10.38
CA ILE B 344 -11.61 -21.00 -9.28
C ILE B 344 -10.87 -19.82 -9.88
N GLY B 345 -11.40 -18.64 -9.63
CA GLY B 345 -10.78 -17.42 -10.12
C GLY B 345 -9.80 -16.85 -9.14
N TYR B 346 -8.77 -16.25 -9.69
CA TYR B 346 -7.74 -15.49 -8.90
C TYR B 346 -7.54 -14.11 -9.46
N GLY B 347 -7.75 -13.11 -8.60
CA GLY B 347 -7.74 -11.68 -8.99
C GLY B 347 -6.42 -11.00 -8.77
N ARG B 348 -6.21 -10.51 -7.56
CA ARG B 348 -5.00 -9.81 -7.24
C ARG B 348 -3.76 -10.64 -7.51
N SER B 349 -3.86 -11.95 -7.26
CA SER B 349 -2.74 -12.82 -7.52
C SER B 349 -2.43 -12.98 -9.00
N PHE B 350 -3.41 -12.89 -9.87
CA PHE B 350 -3.19 -12.89 -11.31
C PHE B 350 -2.58 -11.57 -11.79
N ILE B 351 -2.95 -10.45 -11.20
CA ILE B 351 -2.26 -9.20 -11.50
C ILE B 351 -0.77 -9.37 -11.28
N ALA B 352 -0.39 -10.07 -10.19
CA ALA B 352 0.99 -10.01 -9.75
C ALA B 352 1.83 -11.19 -10.28
N ASN B 353 1.16 -12.23 -10.81
CA ASN B 353 1.81 -13.43 -11.25
C ASN B 353 1.46 -13.80 -12.66
N PRO B 354 2.33 -13.47 -13.63
CA PRO B 354 1.99 -13.78 -14.95
C PRO B 354 1.82 -15.26 -15.23
N ASP B 355 2.68 -16.01 -14.55
CA ASP B 355 2.69 -17.48 -14.58
C ASP B 355 1.97 -18.08 -13.41
N LEU B 356 0.85 -17.44 -13.04
CA LEU B 356 0.09 -17.97 -11.88
C LEU B 356 -0.29 -19.43 -12.10
N VAL B 357 -0.73 -19.82 -13.28
CA VAL B 357 -1.26 -21.17 -13.43
C VAL B 357 -0.19 -22.24 -13.07
N TYR B 358 0.99 -22.04 -13.66
CA TYR B 358 2.15 -22.86 -13.37
C TYR B 358 2.43 -22.84 -11.85
N ARG B 359 2.43 -21.67 -11.25
CA ARG B 359 2.83 -21.60 -9.85
C ARG B 359 1.84 -22.36 -8.98
N LEU B 360 0.55 -22.22 -9.30
CA LEU B 360 -0.50 -22.98 -8.58
C LEU B 360 -0.34 -24.45 -8.79
N GLU B 361 -0.07 -24.88 -10.06
CA GLU B 361 0.06 -26.27 -10.31
C GLU B 361 1.16 -26.90 -9.56
N LYS B 362 2.29 -26.21 -9.46
CA LYS B 362 3.45 -26.77 -8.82
C LYS B 362 3.64 -26.41 -7.34
N GLY B 363 2.80 -25.52 -6.80
CA GLY B 363 2.89 -25.16 -5.39
C GLY B 363 4.09 -24.29 -5.12
N LEU B 364 4.40 -23.41 -6.06
CA LEU B 364 5.47 -22.39 -5.90
C LEU B 364 5.02 -21.13 -5.13
N PRO B 365 5.95 -20.41 -4.56
CA PRO B 365 5.52 -19.16 -3.94
C PRO B 365 4.98 -18.15 -4.97
N LEU B 366 4.04 -17.31 -4.52
CA LEU B 366 3.45 -16.29 -5.37
C LEU B 366 4.01 -14.93 -5.15
N ASN B 367 4.33 -14.23 -6.24
CA ASN B 367 4.71 -12.81 -6.06
C ASN B 367 3.65 -12.00 -5.24
N LYS B 368 4.11 -11.07 -4.38
CA LYS B 368 3.18 -10.15 -3.73
C LYS B 368 2.72 -9.19 -4.76
N TYR B 369 1.48 -8.79 -4.63
CA TYR B 369 0.96 -7.68 -5.49
C TYR B 369 1.38 -6.32 -4.98
N ASP B 370 1.44 -5.32 -5.88
CA ASP B 370 1.68 -3.95 -5.51
C ASP B 370 0.40 -3.15 -5.75
N ARG B 371 -0.37 -2.95 -4.69
CA ARG B 371 -1.64 -2.30 -4.76
C ARG B 371 -1.50 -0.85 -5.35
N ASN B 372 -0.33 -0.21 -5.13
CA ASN B 372 -0.14 1.20 -5.61
C ASN B 372 -0.16 1.29 -7.15
N THR B 373 -0.01 0.20 -7.85
CA THR B 373 -0.05 0.21 -9.34
C THR B 373 -1.21 -0.57 -9.97
N PHE B 374 -2.19 -0.95 -9.14
CA PHE B 374 -3.39 -1.53 -9.66
C PHE B 374 -4.11 -0.68 -10.74
N TYR B 375 -4.10 0.65 -10.60
CA TYR B 375 -5.02 1.55 -11.36
C TYR B 375 -4.34 2.78 -11.93
N THR B 376 -3.02 2.69 -12.04
CA THR B 376 -2.17 3.72 -12.62
C THR B 376 -2.01 3.51 -14.13
N PHE B 377 -1.82 4.61 -14.86
CA PHE B 377 -1.49 4.55 -16.29
C PHE B 377 0.00 4.30 -16.49
N THR B 378 0.41 3.07 -16.15
CA THR B 378 1.85 2.69 -16.20
C THR B 378 2.09 1.31 -16.70
N LYS B 379 3.21 1.08 -17.38
CA LYS B 379 3.70 -0.27 -17.58
C LYS B 379 4.08 -0.95 -16.29
N GLU B 380 4.61 -0.14 -15.35
CA GLU B 380 5.01 -0.61 -14.04
C GLU B 380 3.80 -1.09 -13.24
N GLY B 381 3.97 -2.29 -12.66
CA GLY B 381 2.85 -2.94 -11.98
C GLY B 381 1.82 -3.52 -12.96
N TYR B 382 2.17 -3.60 -14.23
CA TYR B 382 1.25 -4.12 -15.28
C TYR B 382 1.88 -5.32 -15.96
N THR B 383 3.00 -5.12 -16.63
CA THR B 383 3.74 -6.21 -17.29
C THR B 383 5.14 -6.50 -16.77
N ASP B 384 5.54 -5.85 -15.69
CA ASP B 384 6.89 -6.07 -15.20
C ASP B 384 6.92 -6.97 -13.97
N TYR B 385 5.81 -7.63 -13.65
CA TYR B 385 5.87 -8.59 -12.56
C TYR B 385 6.62 -9.81 -13.08
N PRO B 386 7.50 -10.38 -12.25
CA PRO B 386 8.34 -11.44 -12.80
C PRO B 386 7.67 -12.84 -12.80
N SER B 387 8.06 -13.64 -13.78
CA SER B 387 7.92 -15.11 -13.72
C SER B 387 8.62 -15.69 -12.51
N TYR B 388 8.29 -16.94 -12.16
CA TYR B 388 8.92 -17.47 -11.03
C TYR B 388 10.48 -17.42 -11.20
N GLU B 389 10.96 -17.87 -12.35
CA GLU B 389 12.40 -17.86 -12.61
C GLU B 389 13.03 -16.52 -12.46
N GLU B 390 12.39 -15.51 -13.03
CA GLU B 390 12.92 -14.16 -12.94
C GLU B 390 12.92 -13.65 -11.50
N SER B 391 11.95 -14.10 -10.73
CA SER B 391 11.75 -13.63 -9.34
C SER B 391 12.89 -14.10 -8.45
N VAL B 392 13.39 -15.30 -8.74
CA VAL B 392 14.57 -15.84 -8.13
C VAL B 392 15.76 -15.23 -8.91
N MET C 1 -9.70 7.57 5.92
CA MET C 1 -8.65 6.86 6.69
C MET C 1 -8.40 7.55 8.04
N SER C 2 -7.22 8.09 8.25
CA SER C 2 -6.78 8.31 9.63
C SER C 2 -5.67 9.37 9.66
N TYR C 3 -5.11 9.60 10.84
CA TYR C 3 -4.01 10.53 11.02
C TYR C 3 -2.74 9.77 11.13
N MET C 4 -1.61 10.45 10.86
CA MET C 4 -0.28 9.84 10.96
C MET C 4 0.00 9.58 12.43
N ASN C 5 0.66 8.48 12.74
CA ASN C 5 0.91 8.15 14.14
C ASN C 5 2.18 8.83 14.61
N PHE C 6 2.02 10.02 15.20
CA PHE C 6 3.12 10.73 15.85
C PHE C 6 2.54 11.75 16.81
N ASP C 7 3.42 12.47 17.51
CA ASP C 7 2.95 13.50 18.42
C ASP C 7 3.30 14.85 17.83
N PRO C 8 2.28 15.59 17.37
CA PRO C 8 2.55 16.85 16.68
C PRO C 8 3.03 17.87 17.66
N LYS C 9 3.66 18.91 17.15
CA LYS C 9 4.14 20.00 18.03
C LYS C 9 3.78 21.26 17.24
N PRO C 10 3.31 22.31 17.94
CA PRO C 10 2.93 23.53 17.22
C PRO C 10 4.19 24.29 16.79
N LEU C 11 4.23 24.72 15.52
CA LEU C 11 5.44 25.29 14.94
C LEU C 11 5.31 26.81 14.79
N GLY C 12 4.16 27.33 15.18
CA GLY C 12 3.80 28.75 15.04
C GLY C 12 4.74 29.77 15.66
N ASP C 13 5.54 29.36 16.64
CA ASP C 13 6.47 30.29 17.35
C ASP C 13 7.91 30.10 16.86
N THR C 14 8.12 29.23 15.85
CA THR C 14 9.45 28.95 15.35
C THR C 14 9.73 29.83 14.16
N ASN C 15 10.95 29.75 13.63
CA ASN C 15 11.28 30.55 12.46
C ASN C 15 10.47 30.12 11.24
N ILE C 16 9.84 28.94 11.31
CA ILE C 16 8.93 28.47 10.25
C ILE C 16 7.78 29.41 10.05
N PHE C 17 7.35 30.13 11.09
CA PHE C 17 6.29 31.11 10.89
C PHE C 17 6.77 32.53 10.99
N LYS C 18 8.03 32.76 10.66
CA LYS C 18 8.53 34.10 10.44
C LYS C 18 8.48 34.42 8.99
N PRO C 19 7.95 35.60 8.66
CA PRO C 19 7.86 35.92 7.25
C PRO C 19 9.25 36.03 6.62
N ILE C 20 9.31 35.91 5.31
CA ILE C 20 10.55 36.03 4.62
C ILE C 20 10.29 36.41 3.19
N LYS C 21 11.22 37.17 2.63
CA LYS C 21 11.12 37.53 1.23
C LYS C 21 11.90 36.54 0.30
N ILE C 22 11.23 36.00 -0.73
CA ILE C 22 11.80 35.08 -1.68
C ILE C 22 11.54 35.52 -3.11
N GLY C 23 12.58 35.96 -3.80
CA GLY C 23 12.41 36.53 -5.12
C GLY C 23 11.62 37.82 -4.93
N ASN C 24 10.56 38.02 -5.72
CA ASN C 24 9.69 39.21 -5.55
C ASN C 24 8.64 39.04 -4.46
N ASN C 25 8.58 37.88 -3.82
CA ASN C 25 7.43 37.48 -3.04
C ASN C 25 7.59 37.57 -1.53
N GLU C 26 6.67 38.27 -0.87
CA GLU C 26 6.69 38.39 0.58
C GLU C 26 5.92 37.24 1.22
N LEU C 27 6.62 36.14 1.48
CA LEU C 27 6.01 34.97 2.12
C LEU C 27 5.67 35.34 3.55
N LYS C 28 4.53 34.85 4.03
CA LYS C 28 4.10 35.03 5.42
C LYS C 28 4.65 33.98 6.37
N HIS C 29 5.16 32.90 5.79
CA HIS C 29 5.64 31.75 6.57
C HIS C 29 6.50 30.88 5.65
N ARG C 30 7.20 29.93 6.24
CA ARG C 30 8.27 29.17 5.53
C ARG C 30 7.93 27.69 5.25
N VAL C 31 6.63 27.37 5.32
CA VAL C 31 6.10 26.06 4.92
C VAL C 31 5.85 26.10 3.44
N VAL C 32 6.50 25.23 2.70
CA VAL C 32 6.47 25.36 1.26
C VAL C 32 5.90 24.04 0.69
N MET C 33 5.06 24.18 -0.34
CA MET C 33 4.63 23.01 -1.13
C MET C 33 5.63 22.80 -2.26
N PRO C 34 6.40 21.71 -2.19
CA PRO C 34 7.37 21.50 -3.25
C PRO C 34 6.69 20.87 -4.49
N ALA C 35 7.43 20.78 -5.59
CA ALA C 35 6.93 20.13 -6.80
C ALA C 35 6.56 18.68 -6.49
N LEU C 36 5.34 18.27 -6.86
CA LEU C 36 4.87 16.91 -6.61
C LEU C 36 4.11 16.42 -7.86
N THR C 37 4.66 15.41 -8.49
CA THR C 37 4.04 14.77 -9.68
C THR C 37 2.79 14.00 -9.28
N ARG C 38 1.65 14.30 -9.95
CA ARG C 38 0.39 13.65 -9.64
C ARG C 38 -0.28 12.97 -10.83
N MET C 39 0.13 13.25 -12.08
CA MET C 39 -0.41 12.51 -13.20
C MET C 39 -1.95 12.70 -13.44
N ARG C 40 -2.49 13.90 -13.20
CA ARG C 40 -3.91 14.24 -13.54
C ARG C 40 -3.99 15.12 -14.80
N ALA C 41 -2.90 15.42 -15.51
CA ALA C 41 -3.02 16.22 -16.79
C ALA C 41 -3.68 15.31 -17.85
N ILE C 42 -4.32 15.93 -18.82
CA ILE C 42 -5.10 15.31 -19.89
C ILE C 42 -4.27 15.07 -21.17
N ALA C 43 -4.30 13.83 -21.65
CA ALA C 43 -3.65 13.48 -22.92
C ALA C 43 -4.53 13.75 -24.19
N PRO C 44 -3.91 13.98 -25.35
CA PRO C 44 -2.49 13.98 -25.72
C PRO C 44 -1.69 15.32 -25.71
N GLY C 45 -2.37 16.39 -25.32
CA GLY C 45 -1.83 17.73 -25.33
C GLY C 45 -1.18 18.14 -24.05
N ASN C 46 -0.96 17.18 -23.13
CA ASN C 46 -0.37 17.48 -21.81
C ASN C 46 -1.03 18.70 -21.09
N ILE C 47 -2.37 18.66 -21.01
CA ILE C 47 -3.15 19.82 -20.54
C ILE C 47 -3.46 19.73 -19.06
N PRO C 48 -3.13 20.77 -18.27
CA PRO C 48 -3.53 20.76 -16.87
C PRO C 48 -4.99 20.39 -16.73
N ASN C 49 -5.31 19.55 -15.75
CA ASN C 49 -6.63 18.94 -15.68
C ASN C 49 -7.72 19.95 -15.43
N THR C 50 -8.67 20.00 -16.38
CA THR C 50 -9.83 20.91 -16.42
C THR C 50 -10.94 20.77 -15.36
N GLU C 51 -11.05 19.61 -14.70
CA GLU C 51 -12.01 19.38 -13.64
C GLU C 51 -11.38 19.63 -12.23
N TRP C 52 -10.12 19.23 -12.04
CA TRP C 52 -9.66 18.93 -10.66
C TRP C 52 -8.47 19.75 -10.18
N ALA C 53 -7.61 20.19 -11.09
CA ALA C 53 -6.31 20.75 -10.70
C ALA C 53 -6.42 22.16 -10.14
N GLU C 54 -7.36 22.97 -10.62
CA GLU C 54 -7.55 24.30 -10.04
C GLU C 54 -7.85 24.19 -8.53
N GLU C 55 -8.77 23.28 -8.19
CA GLU C 55 -9.22 23.07 -6.85
C GLU C 55 -8.11 22.51 -5.94
N TYR C 56 -7.32 21.57 -6.46
CA TYR C 56 -6.16 21.03 -5.73
C TYR C 56 -5.16 22.13 -5.33
N TYR C 57 -4.83 23.00 -6.23
CA TYR C 57 -3.93 24.11 -5.90
C TYR C 57 -4.60 25.25 -5.15
N ARG C 58 -5.90 25.48 -5.35
CA ARG C 58 -6.65 26.43 -4.52
C ARG C 58 -6.61 25.97 -3.07
N GLN C 59 -6.87 24.67 -2.87
CA GLN C 59 -6.87 24.09 -1.52
C GLN C 59 -5.52 24.31 -0.79
N ARG C 60 -4.41 23.96 -1.45
CA ARG C 60 -3.11 23.90 -0.82
C ARG C 60 -2.47 25.29 -0.70
N SER C 61 -3.06 26.29 -1.38
CA SER C 61 -2.60 27.68 -1.26
C SER C 61 -3.49 28.54 -0.36
N GLN C 62 -4.41 27.89 0.35
CA GLN C 62 -5.45 28.62 1.11
C GLN C 62 -4.87 29.51 2.19
N TYR C 63 -3.69 29.16 2.73
CA TYR C 63 -3.09 29.99 3.80
C TYR C 63 -2.34 31.14 3.16
N PRO C 64 -2.79 32.40 3.44
CA PRO C 64 -2.17 33.48 2.72
C PRO C 64 -0.65 33.53 2.85
N GLY C 65 -0.01 33.83 1.73
CA GLY C 65 1.43 34.00 1.66
C GLY C 65 2.22 32.72 1.70
N THR C 66 1.63 31.65 1.14
CA THR C 66 2.29 30.38 1.00
C THR C 66 2.97 30.35 -0.37
N LEU C 67 4.20 29.84 -0.43
CA LEU C 67 4.85 29.48 -1.68
C LEU C 67 4.50 28.08 -2.17
N ILE C 68 3.90 28.02 -3.34
CA ILE C 68 3.55 26.78 -3.98
C ILE C 68 4.50 26.61 -5.17
N ILE C 69 5.16 25.46 -5.23
CA ILE C 69 5.87 25.06 -6.42
C ILE C 69 4.99 24.00 -7.14
N THR C 70 4.72 24.21 -8.40
CA THR C 70 3.89 23.30 -9.19
C THR C 70 4.56 21.94 -9.42
N GLU C 71 3.74 20.95 -9.71
CA GLU C 71 4.22 19.70 -10.20
C GLU C 71 5.22 19.98 -11.33
N GLY C 72 6.18 19.06 -11.52
CA GLY C 72 7.03 19.18 -12.73
C GLY C 72 6.23 19.30 -13.94
N THR C 73 6.64 20.25 -14.81
CA THR C 73 5.89 20.59 -16.01
C THR C 73 6.88 20.61 -17.16
N PHE C 74 6.56 19.97 -18.27
CA PHE C 74 7.47 19.90 -19.41
C PHE C 74 7.57 21.23 -20.15
N PRO C 75 8.79 21.70 -20.40
CA PRO C 75 8.90 22.95 -21.14
C PRO C 75 8.75 22.79 -22.67
N SER C 76 8.74 21.55 -23.17
CA SER C 76 8.58 21.26 -24.60
C SER C 76 8.18 19.80 -24.75
N ALA C 77 7.62 19.42 -25.90
CA ALA C 77 7.21 18.00 -26.13
C ALA C 77 8.40 17.05 -25.97
N GLN C 78 9.57 17.44 -26.53
CA GLN C 78 10.75 16.60 -26.49
C GLN C 78 11.28 16.44 -25.04
N SER C 79 10.87 17.32 -24.14
CA SER C 79 11.29 17.23 -22.71
C SER C 79 10.48 16.15 -21.94
N GLY C 80 9.42 15.66 -22.58
CA GLY C 80 8.33 14.92 -21.97
C GLY C 80 8.44 13.43 -22.15
N GLY C 81 7.29 12.77 -22.25
CA GLY C 81 7.24 11.34 -22.37
C GLY C 81 6.37 10.62 -21.36
N TYR C 82 5.68 11.38 -20.52
CA TYR C 82 4.63 10.84 -19.65
C TYR C 82 3.40 11.61 -20.07
N PRO C 83 2.39 10.92 -20.60
CA PRO C 83 1.26 11.60 -21.13
C PRO C 83 0.41 12.42 -20.16
N ASN C 84 0.43 12.04 -18.89
CA ASN C 84 -0.44 12.72 -17.89
C ASN C 84 0.23 13.75 -17.01
N VAL C 85 1.39 14.23 -17.50
CA VAL C 85 2.12 15.38 -16.89
C VAL C 85 1.83 16.62 -17.76
N PRO C 86 1.54 17.77 -17.12
CA PRO C 86 1.30 18.96 -17.89
C PRO C 86 2.58 19.53 -18.58
N GLY C 87 2.35 20.26 -19.66
CA GLY C 87 3.41 21.07 -20.24
C GLY C 87 3.01 22.54 -20.18
N ILE C 88 3.90 23.37 -20.63
CA ILE C 88 3.71 24.83 -20.56
C ILE C 88 4.28 25.54 -21.79
N TRP C 89 4.35 24.84 -22.93
CA TRP C 89 4.75 25.46 -24.19
C TRP C 89 3.56 25.96 -25.02
N SER C 90 2.37 25.37 -24.88
CA SER C 90 1.31 25.54 -25.86
C SER C 90 0.23 26.51 -25.40
N LYS C 91 -0.51 27.08 -26.38
CA LYS C 91 -1.52 28.00 -26.00
C LYS C 91 -2.60 27.34 -25.16
N GLU C 92 -2.93 26.11 -25.50
CA GLU C 92 -3.96 25.34 -24.80
C GLU C 92 -3.55 25.07 -23.30
N GLN C 93 -2.27 24.73 -23.12
CA GLN C 93 -1.71 24.53 -21.73
C GLN C 93 -1.72 25.80 -20.93
N LEU C 94 -1.27 26.89 -21.55
CA LEU C 94 -1.17 28.18 -20.87
C LEU C 94 -2.55 28.72 -20.44
N ALA C 95 -3.59 28.55 -21.28
CA ALA C 95 -4.92 28.94 -20.88
C ALA C 95 -5.37 28.27 -19.57
N GLU C 96 -5.07 26.96 -19.41
CA GLU C 96 -5.38 26.26 -18.19
C GLU C 96 -4.47 26.67 -17.02
N TRP C 97 -3.19 26.89 -17.27
CA TRP C 97 -2.31 27.33 -16.19
C TRP C 97 -2.80 28.70 -15.66
N LYS C 98 -3.30 29.53 -16.55
CA LYS C 98 -3.69 30.85 -16.12
C LYS C 98 -4.74 30.77 -15.05
N LYS C 99 -5.67 29.84 -15.20
CA LYS C 99 -6.71 29.68 -14.22
C LYS C 99 -6.17 29.17 -12.88
N ILE C 100 -5.20 28.24 -12.92
CA ILE C 100 -4.57 27.74 -11.71
C ILE C 100 -3.78 28.86 -10.98
N PHE C 101 -3.03 29.63 -11.75
CA PHE C 101 -2.29 30.78 -11.16
C PHE C 101 -3.28 31.77 -10.52
N ASN C 102 -4.42 31.94 -11.18
CA ASN C 102 -5.45 32.86 -10.65
C ASN C 102 -6.01 32.39 -9.29
N ALA C 103 -6.26 31.08 -9.15
CA ALA C 103 -6.78 30.53 -7.92
C ALA C 103 -5.75 30.73 -6.78
N ILE C 104 -4.48 30.45 -7.05
CA ILE C 104 -3.41 30.65 -6.05
C ILE C 104 -3.30 32.14 -5.67
N HIS C 105 -3.32 33.00 -6.67
CA HIS C 105 -3.24 34.45 -6.44
C HIS C 105 -4.46 35.03 -5.70
N GLU C 106 -5.65 34.46 -5.93
CA GLU C 106 -6.87 34.83 -5.22
C GLU C 106 -6.74 34.56 -3.72
N ASN C 107 -5.91 33.56 -3.36
CA ASN C 107 -5.61 33.25 -1.95
C ASN C 107 -4.45 34.05 -1.34
N LYS C 108 -3.96 34.99 -2.13
CA LYS C 108 -2.77 35.79 -1.86
C LYS C 108 -1.53 34.94 -1.54
N SER C 109 -1.39 33.84 -2.28
CA SER C 109 -0.22 32.98 -2.17
C SER C 109 0.54 33.14 -3.48
N PHE C 110 1.60 32.34 -3.66
CA PHE C 110 2.54 32.52 -4.76
C PHE C 110 2.73 31.20 -5.47
N VAL C 111 3.09 31.25 -6.75
CA VAL C 111 3.22 30.03 -7.55
C VAL C 111 4.46 30.06 -8.42
N TRP C 112 5.29 29.02 -8.27
CA TRP C 112 6.48 28.81 -9.03
C TRP C 112 6.35 27.54 -9.86
N VAL C 113 6.58 27.65 -11.17
CA VAL C 113 6.44 26.54 -12.10
C VAL C 113 7.76 25.75 -12.18
N GLN C 114 7.69 24.48 -11.81
CA GLN C 114 8.86 23.66 -11.93
C GLN C 114 8.98 23.15 -13.34
N LEU C 115 10.11 23.47 -13.97
CA LEU C 115 10.39 23.05 -15.34
C LEU C 115 11.21 21.74 -15.35
N TRP C 116 10.61 20.73 -15.96
CA TRP C 116 11.02 19.33 -15.80
C TRP C 116 11.32 18.70 -17.15
N VAL C 117 12.58 18.25 -17.28
CA VAL C 117 13.08 17.58 -18.49
C VAL C 117 13.54 16.18 -18.15
N LEU C 118 12.97 15.17 -18.80
CA LEU C 118 13.11 13.81 -18.35
C LEU C 118 14.39 13.06 -18.63
N GLY C 119 14.94 13.26 -19.80
CA GLY C 119 16.03 12.40 -20.31
C GLY C 119 15.65 10.93 -20.25
N ARG C 120 16.60 10.12 -19.78
CA ARG C 120 16.52 8.68 -19.86
C ARG C 120 15.35 8.13 -18.95
N GLN C 121 14.73 8.97 -18.12
CA GLN C 121 13.62 8.51 -17.29
C GLN C 121 12.33 8.43 -18.04
N ALA C 122 12.31 9.02 -19.24
CA ALA C 122 11.16 9.03 -20.09
C ALA C 122 10.80 7.58 -20.54
N TRP C 123 9.56 7.40 -20.98
CA TRP C 123 9.10 6.15 -21.57
C TRP C 123 9.32 6.12 -23.11
N PRO C 124 10.26 5.28 -23.58
CA PRO C 124 10.76 5.47 -24.95
C PRO C 124 9.72 5.13 -26.01
N GLU C 125 8.78 4.29 -25.63
CA GLU C 125 7.73 3.90 -26.59
C GLU C 125 6.72 4.98 -26.79
N VAL C 126 6.52 5.77 -25.74
CA VAL C 126 5.62 6.91 -25.77
C VAL C 126 6.23 7.99 -26.62
N LEU C 127 7.52 8.26 -26.44
CA LEU C 127 8.18 9.26 -27.26
C LEU C 127 8.16 8.80 -28.73
N LYS C 128 8.39 7.51 -28.95
CA LYS C 128 8.43 6.95 -30.33
C LYS C 128 7.15 7.24 -31.09
N LYS C 129 6.01 7.05 -30.42
CA LYS C 129 4.70 7.24 -31.08
C LYS C 129 4.53 8.70 -31.49
N GLU C 130 5.19 9.63 -30.78
CA GLU C 130 5.14 11.07 -31.11
C GLU C 130 6.29 11.52 -31.99
N GLY C 131 7.16 10.59 -32.36
CA GLY C 131 8.26 10.92 -33.24
C GLY C 131 9.40 11.65 -32.57
N LEU C 132 9.66 11.30 -31.33
CA LEU C 132 10.64 11.99 -30.53
C LEU C 132 11.73 11.06 -30.04
N ARG C 133 12.86 11.65 -29.72
CA ARG C 133 14.05 10.92 -29.28
C ARG C 133 13.93 10.47 -27.87
N TYR C 134 14.71 9.47 -27.50
CA TYR C 134 14.89 9.11 -26.11
C TYR C 134 16.29 9.57 -25.72
N ASP C 135 16.36 10.68 -24.99
CA ASP C 135 17.63 11.43 -24.80
C ASP C 135 18.31 11.18 -23.48
N SER C 136 19.63 11.27 -23.51
CA SER C 136 20.41 11.40 -22.27
C SER C 136 21.78 11.97 -22.61
N ALA C 137 22.73 11.87 -21.68
CA ALA C 137 24.06 12.39 -21.89
C ALA C 137 24.86 11.52 -22.81
N THR C 138 24.56 10.22 -22.85
CA THR C 138 25.29 9.26 -23.67
C THR C 138 24.28 8.33 -24.39
N ASP C 139 24.78 7.67 -25.42
CA ASP C 139 24.03 6.60 -26.13
C ASP C 139 23.95 5.32 -25.31
N ASP C 140 24.96 5.08 -24.47
CA ASP C 140 25.17 3.71 -23.94
C ASP C 140 24.95 3.49 -22.48
N LEU C 141 24.93 4.55 -21.69
CA LEU C 141 24.73 4.36 -20.25
C LEU C 141 23.24 4.36 -19.87
N TYR C 142 22.60 3.19 -19.93
CA TYR C 142 21.17 3.08 -19.60
C TYR C 142 20.95 3.07 -18.11
N MET C 143 19.73 3.33 -17.69
CA MET C 143 19.51 3.32 -16.25
C MET C 143 19.44 1.85 -15.66
N GLY C 144 19.39 0.86 -16.55
CA GLY C 144 19.38 -0.55 -16.14
C GLY C 144 18.99 -1.40 -17.37
N GLU C 145 19.10 -2.71 -17.21
CA GLU C 145 18.93 -3.63 -18.33
C GLU C 145 17.47 -3.65 -18.77
N GLU C 146 16.57 -3.39 -17.81
CA GLU C 146 15.15 -3.44 -18.07
C GLU C 146 14.74 -2.24 -18.91
N GLU C 147 15.35 -1.10 -18.62
CA GLU C 147 15.11 0.16 -19.36
C GLU C 147 15.76 0.06 -20.75
N LYS C 148 16.85 -0.69 -20.84
CA LYS C 148 17.52 -0.82 -22.13
C LYS C 148 16.65 -1.66 -23.06
N GLU C 149 16.12 -2.75 -22.56
CA GLU C 149 15.19 -3.62 -23.31
C GLU C 149 13.98 -2.87 -23.82
N ARG C 150 13.36 -2.06 -22.96
CA ARG C 150 12.23 -1.18 -23.34
C ARG C 150 12.50 -0.22 -24.49
N ALA C 151 13.65 0.44 -24.41
CA ALA C 151 14.10 1.27 -25.48
C ALA C 151 14.35 0.51 -26.76
N LEU C 152 15.00 -0.66 -26.68
CA LEU C 152 15.28 -1.41 -27.94
C LEU C 152 14.00 -1.94 -28.55
N LYS C 153 13.04 -2.32 -27.69
CA LYS C 153 11.78 -2.91 -28.16
C LYS C 153 10.91 -1.79 -28.81
N ALA C 154 11.10 -0.54 -28.37
CA ALA C 154 10.42 0.63 -28.91
C ALA C 154 11.09 1.17 -30.16
N ASN C 155 12.20 0.56 -30.56
CA ASN C 155 13.00 1.06 -31.64
C ASN C 155 13.43 2.51 -31.41
N ASN C 156 13.73 2.83 -30.13
CA ASN C 156 14.04 4.17 -29.77
C ASN C 156 15.22 4.14 -28.79
N PRO C 157 16.38 3.68 -29.27
CA PRO C 157 17.57 3.56 -28.42
C PRO C 157 17.96 4.90 -27.81
N GLN C 158 18.55 4.85 -26.63
CA GLN C 158 19.04 6.05 -25.97
C GLN C 158 19.94 6.85 -26.91
N HIS C 159 19.81 8.16 -26.85
CA HIS C 159 20.58 9.09 -27.69
C HIS C 159 21.31 10.13 -26.85
N GLY C 160 22.64 10.06 -26.89
CA GLY C 160 23.50 11.08 -26.36
C GLY C 160 23.32 12.39 -27.13
N ILE C 161 22.81 13.40 -26.48
CA ILE C 161 22.47 14.60 -27.19
C ILE C 161 23.66 15.41 -27.62
N THR C 162 23.49 16.03 -28.78
CA THR C 162 24.53 16.82 -29.42
C THR C 162 24.59 18.21 -28.81
N LYS C 163 25.67 18.92 -29.06
CA LYS C 163 25.79 20.29 -28.62
C LYS C 163 24.64 21.17 -29.14
N GLU C 164 24.17 20.91 -30.36
CA GLU C 164 23.05 21.69 -30.93
C GLU C 164 21.71 21.33 -30.21
N GLU C 165 21.55 20.05 -29.92
CA GLU C 165 20.36 19.59 -29.18
C GLU C 165 20.28 20.12 -27.76
N ILE C 166 21.46 20.27 -27.14
CA ILE C 166 21.60 20.90 -25.84
C ILE C 166 21.21 22.35 -25.98
N LYS C 167 21.69 23.00 -27.03
CA LYS C 167 21.24 24.37 -27.22
C LYS C 167 19.71 24.46 -27.42
N GLN C 168 19.13 23.51 -28.14
CA GLN C 168 17.70 23.53 -28.32
C GLN C 168 16.95 23.39 -26.97
N TYR C 169 17.40 22.51 -26.09
CA TYR C 169 16.81 22.44 -24.74
C TYR C 169 16.89 23.75 -23.97
N ILE C 170 18.02 24.45 -24.09
CA ILE C 170 18.18 25.68 -23.37
C ILE C 170 17.16 26.68 -23.88
N LYS C 171 16.94 26.68 -25.21
CA LYS C 171 15.97 27.59 -25.84
C LYS C 171 14.56 27.35 -25.23
N GLU C 172 14.30 26.08 -24.99
CA GLU C 172 13.00 25.60 -24.54
C GLU C 172 12.76 25.89 -23.09
N TYR C 173 13.78 25.74 -22.24
CA TYR C 173 13.69 26.24 -20.87
C TYR C 173 13.38 27.73 -20.90
N VAL C 174 14.12 28.48 -21.70
CA VAL C 174 13.84 29.93 -21.83
C VAL C 174 12.43 30.26 -22.30
N ASP C 175 11.98 29.58 -23.34
CA ASP C 175 10.67 29.82 -23.86
C ASP C 175 9.59 29.53 -22.82
N ALA C 176 9.73 28.39 -22.16
CA ALA C 176 8.80 28.01 -21.11
C ALA C 176 8.78 28.98 -19.95
N ALA C 177 9.94 29.44 -19.51
CA ALA C 177 10.00 30.38 -18.39
C ALA C 177 9.29 31.68 -18.79
N LYS C 178 9.61 32.17 -19.97
CA LYS C 178 8.94 33.40 -20.49
C LYS C 178 7.45 33.22 -20.48
N LYS C 179 6.96 32.11 -21.01
CA LYS C 179 5.53 31.90 -21.06
C LYS C 179 4.88 31.76 -19.70
N ALA C 180 5.53 31.00 -18.80
CA ALA C 180 5.01 30.80 -17.43
C ALA C 180 4.83 32.17 -16.75
N ILE C 181 5.83 33.02 -16.89
CA ILE C 181 5.82 34.30 -16.19
C ILE C 181 4.78 35.21 -16.83
N ASP C 182 4.64 35.13 -18.15
CA ASP C 182 3.71 36.01 -18.90
C ASP C 182 2.29 35.59 -18.55
N ALA C 183 2.13 34.33 -18.21
CA ALA C 183 0.83 33.79 -17.80
C ALA C 183 0.44 34.06 -16.36
N GLY C 184 1.39 34.60 -15.58
CA GLY C 184 1.14 35.09 -14.21
C GLY C 184 1.90 34.35 -13.10
N ALA C 185 2.75 33.40 -13.47
CA ALA C 185 3.61 32.74 -12.51
C ALA C 185 4.56 33.72 -11.82
N ASP C 186 4.85 33.45 -10.55
CA ASP C 186 5.78 34.29 -9.79
C ASP C 186 7.26 33.99 -10.08
N GLY C 187 7.56 32.78 -10.54
CA GLY C 187 8.91 32.35 -10.83
C GLY C 187 8.85 30.97 -11.40
N VAL C 188 10.01 30.51 -11.84
CA VAL C 188 10.22 29.14 -12.27
C VAL C 188 11.36 28.45 -11.50
N GLN C 189 11.23 27.13 -11.35
CA GLN C 189 12.26 26.30 -10.80
C GLN C 189 12.81 25.30 -11.85
N ILE C 190 14.13 25.32 -12.03
CA ILE C 190 14.82 24.39 -12.90
C ILE C 190 15.04 23.06 -12.15
N HIS C 191 14.42 21.97 -12.62
CA HIS C 191 14.56 20.71 -11.95
C HIS C 191 15.87 20.08 -12.43
N SER C 192 16.86 20.07 -11.55
CA SER C 192 18.18 19.56 -11.89
C SER C 192 18.44 18.36 -10.97
N ALA C 193 17.38 17.72 -10.51
CA ALA C 193 17.45 16.65 -9.50
C ALA C 193 16.79 15.34 -9.96
N ASN C 194 16.85 14.36 -9.04
CA ASN C 194 16.04 13.14 -9.05
C ASN C 194 16.28 12.30 -10.27
N GLY C 195 17.49 12.41 -10.83
CA GLY C 195 17.91 11.56 -11.97
C GLY C 195 17.33 11.94 -13.28
N TYR C 196 16.77 13.13 -13.41
CA TYR C 196 16.26 13.58 -14.73
C TYR C 196 17.36 14.21 -15.57
N LEU C 197 17.06 14.87 -16.74
CA LEU C 197 18.08 15.08 -17.75
C LEU C 197 19.31 15.83 -17.20
N LEU C 198 19.09 16.92 -16.49
CA LEU C 198 20.25 17.72 -16.01
C LEU C 198 21.07 16.91 -15.03
N ASN C 199 20.38 16.14 -14.19
CA ASN C 199 21.07 15.33 -13.18
C ASN C 199 21.83 14.23 -13.90
N GLN C 200 21.34 13.74 -15.04
CA GLN C 200 22.10 12.80 -15.85
C GLN C 200 23.42 13.39 -16.31
N PHE C 201 23.46 14.67 -16.64
CA PHE C 201 24.75 15.31 -16.92
C PHE C 201 25.62 15.49 -15.68
N LEU C 202 24.99 15.78 -14.55
CA LEU C 202 25.80 16.13 -13.34
C LEU C 202 26.57 14.91 -12.82
N ASP C 203 26.00 13.72 -12.99
CA ASP C 203 26.47 12.52 -12.28
C ASP C 203 27.35 11.68 -13.21
N PRO C 204 28.58 11.31 -12.78
CA PRO C 204 29.42 10.55 -13.69
C PRO C 204 28.88 9.14 -14.01
N ILE C 205 28.02 8.61 -13.18
CA ILE C 205 27.43 7.29 -13.41
C ILE C 205 26.64 7.24 -14.73
N SER C 206 26.14 8.38 -15.17
CA SER C 206 25.37 8.55 -16.37
C SER C 206 25.96 9.47 -17.38
N ASN C 207 27.20 9.92 -17.15
CA ASN C 207 27.85 10.84 -18.06
C ASN C 207 29.33 10.65 -18.12
N ASN C 208 29.79 10.00 -19.18
CA ASN C 208 31.20 9.88 -19.45
C ASN C 208 31.54 10.48 -20.82
N ARG C 209 30.85 11.54 -21.19
CA ARG C 209 31.13 12.27 -22.44
C ARG C 209 32.61 12.75 -22.43
N THR C 210 33.23 12.78 -23.60
CA THR C 210 34.59 13.21 -23.74
C THR C 210 34.62 14.61 -24.36
N ASP C 211 33.46 15.22 -24.54
CA ASP C 211 33.40 16.60 -25.01
C ASP C 211 33.31 17.52 -23.79
N GLU C 212 32.99 18.79 -23.97
CA GLU C 212 33.06 19.73 -22.89
C GLU C 212 31.94 19.55 -21.86
N TYR C 213 30.96 18.71 -22.14
CA TYR C 213 29.88 18.47 -21.18
C TYR C 213 30.11 17.24 -20.30
N GLY C 214 31.26 16.63 -20.41
CA GLY C 214 31.59 15.50 -19.54
C GLY C 214 33.03 15.46 -19.11
N GLY C 215 33.37 14.59 -18.15
CA GLY C 215 34.75 14.21 -17.90
C GLY C 215 35.43 14.93 -16.74
N SER C 216 34.70 15.81 -16.06
CA SER C 216 35.24 16.60 -14.90
C SER C 216 34.04 17.29 -14.23
N ILE C 217 34.25 17.74 -13.01
CA ILE C 217 33.22 18.47 -12.29
C ILE C 217 32.70 19.63 -13.09
N GLU C 218 33.61 20.43 -13.65
CA GLU C 218 33.20 21.66 -14.32
C GLU C 218 32.44 21.35 -15.59
N ASN C 219 32.88 20.31 -16.28
CA ASN C 219 32.19 19.92 -17.48
C ASN C 219 30.80 19.34 -17.22
N ARG C 220 30.69 18.48 -16.21
CA ARG C 220 29.43 17.83 -15.92
C ARG C 220 28.39 18.87 -15.49
N ALA C 221 28.85 19.95 -14.85
CA ALA C 221 27.96 21.04 -14.46
C ALA C 221 27.52 21.98 -15.57
N ARG C 222 28.18 21.90 -16.70
CA ARG C 222 28.05 22.95 -17.73
C ARG C 222 26.60 23.13 -18.19
N PHE C 223 25.89 22.04 -18.48
CA PHE C 223 24.51 22.09 -18.99
C PHE C 223 23.65 22.77 -17.95
N THR C 224 23.67 22.34 -16.71
CA THR C 224 22.87 22.97 -15.67
C THR C 224 23.15 24.48 -15.58
N LEU C 225 24.43 24.86 -15.63
CA LEU C 225 24.78 26.28 -15.50
C LEU C 225 24.36 27.11 -16.74
N GLU C 226 24.42 26.52 -17.91
CA GLU C 226 23.93 27.19 -19.12
C GLU C 226 22.45 27.49 -19.03
N VAL C 227 21.68 26.50 -18.58
CA VAL C 227 20.26 26.67 -18.34
C VAL C 227 20.00 27.77 -17.30
N VAL C 228 20.71 27.72 -16.19
CA VAL C 228 20.53 28.73 -15.17
C VAL C 228 20.75 30.15 -15.81
N ASP C 229 21.87 30.30 -16.48
CA ASP C 229 22.27 31.61 -16.96
C ASP C 229 21.28 32.16 -18.00
N ALA C 230 20.88 31.29 -18.94
CA ALA C 230 19.86 31.64 -19.91
C ALA C 230 18.51 32.03 -19.28
N VAL C 231 18.02 31.24 -18.35
CA VAL C 231 16.79 31.53 -17.63
C VAL C 231 16.85 32.83 -16.81
N VAL C 232 17.97 33.04 -16.13
CA VAL C 232 18.20 34.27 -15.40
C VAL C 232 18.16 35.47 -16.37
N ASP C 233 18.76 35.31 -17.55
CA ASP C 233 18.89 36.40 -18.53
C ASP C 233 17.51 36.74 -19.02
N ALA C 234 16.69 35.70 -19.21
CA ALA C 234 15.34 35.87 -19.75
C ALA C 234 14.35 36.46 -18.76
N VAL C 235 14.31 35.96 -17.53
CA VAL C 235 13.27 36.40 -16.56
C VAL C 235 13.80 37.03 -15.26
N GLY C 236 15.14 37.03 -15.09
CA GLY C 236 15.74 37.47 -13.86
C GLY C 236 15.99 36.46 -12.73
N ALA C 237 17.08 36.67 -12.00
CA ALA C 237 17.42 35.71 -10.97
C ALA C 237 16.37 35.68 -9.82
N GLU C 238 15.64 36.77 -9.59
CA GLU C 238 14.62 36.82 -8.54
C GLU C 238 13.38 36.01 -8.89
N ARG C 239 13.26 35.61 -10.14
CA ARG C 239 12.20 34.73 -10.59
C ARG C 239 12.72 33.35 -10.98
N THR C 240 13.90 32.97 -10.47
CA THR C 240 14.54 31.71 -10.89
C THR C 240 15.01 30.97 -9.66
N SER C 241 14.78 29.64 -9.68
CA SER C 241 15.25 28.76 -8.67
C SER C 241 15.74 27.46 -9.29
N ILE C 242 16.33 26.62 -8.44
CA ILE C 242 16.86 25.35 -8.92
C ILE C 242 16.78 24.32 -7.81
N ARG C 243 16.60 23.05 -8.21
CA ARG C 243 16.52 21.94 -7.31
C ARG C 243 17.57 20.88 -7.59
N PHE C 244 18.21 20.42 -6.51
CA PHE C 244 19.23 19.37 -6.53
C PHE C 244 18.91 18.30 -5.53
N SER C 245 19.40 17.12 -5.82
CA SER C 245 19.31 15.97 -4.89
C SER C 245 20.63 15.26 -4.75
N PRO C 246 21.56 15.83 -3.96
CA PRO C 246 22.93 15.30 -3.92
C PRO C 246 22.97 13.83 -3.54
N TYR C 247 22.07 13.40 -2.66
CA TYR C 247 22.10 12.04 -2.10
C TYR C 247 21.15 11.05 -2.74
N GLY C 248 20.41 11.53 -3.75
CA GLY C 248 19.46 10.74 -4.49
C GLY C 248 20.11 9.57 -5.22
N THR C 249 19.47 8.40 -5.15
CA THR C 249 19.82 7.28 -6.04
C THR C 249 18.73 6.94 -7.07
N PHE C 250 17.55 7.52 -6.89
CA PHE C 250 16.43 7.30 -7.81
C PHE C 250 16.89 7.64 -9.23
N GLY C 251 16.50 6.82 -10.19
CA GLY C 251 16.93 7.02 -11.55
C GLY C 251 18.33 6.54 -11.85
N THR C 252 18.82 5.65 -11.01
CA THR C 252 20.17 5.10 -11.11
C THR C 252 21.23 6.20 -11.11
N MET C 253 21.07 7.06 -10.12
CA MET C 253 22.03 8.06 -9.74
C MET C 253 23.00 7.50 -8.67
N SER C 254 24.14 8.18 -8.50
CA SER C 254 25.21 7.67 -7.60
C SER C 254 24.88 7.78 -6.12
N GLY C 255 24.39 8.94 -5.73
CA GLY C 255 24.18 9.22 -4.32
C GLY C 255 25.50 9.09 -3.55
N GLY C 256 25.39 8.84 -2.25
CA GLY C 256 26.57 8.76 -1.37
C GLY C 256 27.54 7.61 -1.65
N GLU C 257 27.13 6.58 -2.41
CA GLU C 257 28.06 5.50 -2.83
C GLU C 257 29.27 6.00 -3.66
N ASN C 258 29.13 7.18 -4.24
CA ASN C 258 30.27 7.80 -4.89
C ASN C 258 30.72 8.94 -3.99
N PRO C 259 31.89 8.79 -3.36
CA PRO C 259 32.36 9.89 -2.53
C PRO C 259 32.65 11.22 -3.19
N GLY C 260 32.67 11.27 -4.53
CA GLY C 260 32.87 12.54 -5.28
C GLY C 260 31.64 13.34 -5.56
N ILE C 261 30.48 12.80 -5.10
CA ILE C 261 29.23 13.46 -5.39
C ILE C 261 29.11 14.84 -4.67
N VAL C 262 29.52 14.94 -3.40
CA VAL C 262 29.43 16.23 -2.72
C VAL C 262 30.21 17.37 -3.41
N ALA C 263 31.43 17.11 -3.83
CA ALA C 263 32.20 18.10 -4.60
C ALA C 263 31.43 18.64 -5.81
N GLN C 264 30.68 17.75 -6.49
CA GLN C 264 30.00 18.15 -7.74
C GLN C 264 29.01 19.24 -7.36
N TYR C 265 28.26 19.02 -6.26
CA TYR C 265 27.26 19.97 -5.81
C TYR C 265 27.90 21.21 -5.18
N ALA C 266 28.93 21.02 -4.38
CA ALA C 266 29.63 22.17 -3.86
C ALA C 266 30.18 23.08 -4.99
N TYR C 267 30.60 22.49 -6.12
CA TYR C 267 31.07 23.30 -7.24
C TYR C 267 29.90 24.06 -7.85
N VAL C 268 28.81 23.37 -8.11
CA VAL C 268 27.67 24.08 -8.76
C VAL C 268 27.11 25.18 -7.83
N ILE C 269 27.03 24.89 -6.55
CA ILE C 269 26.45 25.86 -5.67
C ILE C 269 27.40 27.05 -5.46
N GLY C 270 28.69 26.76 -5.44
CA GLY C 270 29.69 27.86 -5.40
C GLY C 270 29.61 28.73 -6.64
N GLU C 271 29.40 28.14 -7.82
CA GLU C 271 29.21 28.93 -9.03
C GLU C 271 27.98 29.78 -8.94
N LEU C 272 26.92 29.23 -8.36
CA LEU C 272 25.73 29.99 -8.10
C LEU C 272 25.93 31.11 -7.11
N GLU C 273 26.74 30.88 -6.08
CA GLU C 273 27.07 31.93 -5.15
C GLU C 273 27.93 33.02 -5.83
N LYS C 274 28.83 32.63 -6.70
CA LYS C 274 29.59 33.61 -7.48
C LYS C 274 28.67 34.57 -8.27
N ARG C 275 27.75 33.96 -9.00
CA ARG C 275 26.73 34.68 -9.75
C ARG C 275 25.94 35.65 -8.84
N ALA C 276 25.62 35.21 -7.64
CA ALA C 276 24.89 36.00 -6.65
C ALA C 276 25.67 37.23 -6.18
N ARG C 277 26.95 37.06 -5.87
CA ARG C 277 27.74 38.20 -5.39
C ARG C 277 27.98 39.21 -6.52
N ALA C 278 28.00 38.72 -7.75
CA ALA C 278 28.00 39.52 -8.96
C ALA C 278 26.59 39.94 -9.39
N GLY C 279 25.64 39.95 -8.46
CA GLY C 279 24.36 40.64 -8.65
C GLY C 279 23.15 39.82 -9.07
N LYS C 280 23.34 38.52 -9.37
CA LYS C 280 22.30 37.65 -9.92
C LYS C 280 22.04 36.44 -9.02
N ARG C 281 21.52 36.73 -7.83
CA ARG C 281 21.21 35.75 -6.84
C ARG C 281 19.86 35.08 -7.11
N LEU C 282 19.89 33.77 -7.21
CA LEU C 282 18.69 33.02 -7.39
C LEU C 282 17.81 33.25 -6.22
N ALA C 283 16.51 33.15 -6.45
CA ALA C 283 15.56 33.34 -5.36
C ALA C 283 15.78 32.31 -4.27
N PHE C 284 16.01 31.05 -4.66
CA PHE C 284 16.36 30.03 -3.67
C PHE C 284 16.93 28.81 -4.33
N ILE C 285 17.65 28.04 -3.53
CA ILE C 285 18.11 26.70 -3.94
C ILE C 285 17.33 25.67 -3.11
N ASP C 286 16.81 24.66 -3.82
CA ASP C 286 15.92 23.62 -3.25
C ASP C 286 16.73 22.31 -3.17
N LEU C 287 16.87 21.75 -1.99
CA LEU C 287 17.59 20.49 -1.82
C LEU C 287 16.66 19.47 -1.27
N VAL C 288 16.67 18.34 -1.96
CA VAL C 288 16.13 17.09 -1.44
C VAL C 288 16.98 16.48 -0.33
N GLU C 289 16.37 16.24 0.83
CA GLU C 289 17.06 15.64 1.92
C GLU C 289 17.36 14.18 1.67
N PRO C 290 18.40 13.66 2.33
CA PRO C 290 18.67 12.23 2.26
C PRO C 290 17.46 11.37 2.73
N GLY C 307 25.53 10.91 4.48
CA GLY C 307 25.80 12.32 4.19
C GLY C 307 24.63 13.26 4.47
N THR C 308 24.91 14.56 4.73
CA THR C 308 23.87 15.59 4.93
C THR C 308 24.07 16.75 3.98
N ASN C 309 23.02 17.57 3.90
CA ASN C 309 23.05 18.73 3.10
C ASN C 309 23.65 19.96 3.85
N GLU C 310 24.26 19.72 5.00
CA GLU C 310 24.72 20.83 5.81
C GLU C 310 25.79 21.63 5.10
N PHE C 311 26.52 21.01 4.16
CA PHE C 311 27.57 21.73 3.40
C PHE C 311 27.11 23.04 2.73
N ILE C 312 25.83 23.10 2.32
CA ILE C 312 25.38 24.25 1.55
C ILE C 312 25.55 25.58 2.27
N TYR C 313 25.34 25.57 3.58
CA TYR C 313 25.46 26.78 4.36
C TYR C 313 26.88 27.34 4.43
N SER C 314 27.86 26.52 4.06
CA SER C 314 29.27 27.01 4.02
C SER C 314 29.59 27.65 2.68
N ILE C 315 28.64 27.65 1.76
CA ILE C 315 28.87 28.05 0.40
C ILE C 315 27.85 29.11 -0.08
N TRP C 316 26.57 28.73 -0.04
CA TRP C 316 25.47 29.63 -0.46
C TRP C 316 25.01 30.51 0.70
N LYS C 317 24.90 31.83 0.48
CA LYS C 317 24.38 32.77 1.50
C LYS C 317 23.04 33.34 1.04
N GLY C 318 22.17 32.50 0.51
CA GLY C 318 20.84 32.90 0.04
C GLY C 318 19.83 31.96 0.59
N PRO C 319 18.55 32.08 0.16
CA PRO C 319 17.58 31.14 0.73
C PRO C 319 17.78 29.67 0.29
N VAL C 320 17.51 28.76 1.21
CA VAL C 320 17.59 27.33 0.96
C VAL C 320 16.26 26.73 1.35
N LEU C 321 15.68 25.98 0.41
CA LEU C 321 14.52 25.19 0.69
C LEU C 321 14.93 23.73 0.90
N ARG C 322 14.57 23.15 2.04
CA ARG C 322 14.94 21.76 2.35
C ARG C 322 13.66 20.93 2.37
N VAL C 323 13.70 19.84 1.65
CA VAL C 323 12.53 19.01 1.50
C VAL C 323 12.81 17.54 1.80
N GLY C 324 12.02 16.97 2.69
CA GLY C 324 12.12 15.57 2.98
C GLY C 324 12.05 15.20 4.42
N ASN C 325 11.11 14.32 4.77
CA ASN C 325 10.99 13.70 6.11
C ASN C 325 10.66 14.67 7.29
N TYR C 326 10.21 15.90 7.03
CA TYR C 326 9.93 16.85 8.09
C TYR C 326 8.58 16.71 8.76
N ALA C 327 7.59 16.10 8.10
CA ALA C 327 6.30 16.02 8.73
C ALA C 327 6.31 15.28 10.10
N LEU C 328 7.03 14.17 10.16
CA LEU C 328 7.14 13.34 11.34
C LEU C 328 8.26 13.79 12.27
N ASP C 329 8.96 14.85 11.91
CA ASP C 329 10.13 15.35 12.69
C ASP C 329 10.07 16.85 12.91
N PRO C 330 9.06 17.33 13.66
CA PRO C 330 8.97 18.74 13.89
C PRO C 330 10.19 19.27 14.63
N ASP C 331 10.84 18.44 15.45
CA ASP C 331 12.06 18.89 16.12
C ASP C 331 13.16 19.23 15.09
N GLN C 332 13.31 18.41 14.06
CA GLN C 332 14.29 18.66 13.03
C GLN C 332 13.88 19.85 12.17
N ALA C 333 12.59 20.00 11.89
CA ALA C 333 12.12 21.13 11.15
C ALA C 333 12.44 22.42 11.89
N THR C 334 12.25 22.43 13.20
CA THR C 334 12.49 23.66 14.02
C THR C 334 13.97 24.01 13.95
N LEU C 335 14.79 23.01 14.25
CA LEU C 335 16.24 23.12 14.26
C LEU C 335 16.75 23.69 12.93
N ASP C 336 16.31 23.10 11.83
CA ASP C 336 16.80 23.47 10.51
C ASP C 336 16.33 24.86 10.09
N SER C 337 15.18 25.27 10.62
CA SER C 337 14.62 26.59 10.33
C SER C 337 15.42 27.67 11.09
N LYS C 338 16.16 27.26 12.10
CA LYS C 338 17.03 28.21 12.83
C LYS C 338 18.27 28.63 12.02
N LYS C 339 18.58 27.86 10.98
CA LYS C 339 19.65 28.24 10.11
C LYS C 339 19.09 29.35 9.23
N PRO C 340 19.90 30.37 8.95
CA PRO C 340 19.41 31.51 8.22
C PRO C 340 18.71 31.20 6.91
N ASN C 341 17.62 31.88 6.68
CA ASN C 341 16.98 31.89 5.38
C ASN C 341 16.58 30.48 4.88
N THR C 342 16.21 29.58 5.80
CA THR C 342 15.84 28.21 5.46
C THR C 342 14.32 28.03 5.41
N LEU C 343 13.84 27.51 4.29
CA LEU C 343 12.42 27.16 4.13
C LEU C 343 12.28 25.70 4.32
N ILE C 344 11.11 25.27 4.78
CA ILE C 344 10.89 23.88 5.03
C ILE C 344 9.74 23.34 4.14
N GLY C 345 10.08 22.41 3.27
CA GLY C 345 9.13 21.84 2.36
C GLY C 345 8.55 20.52 2.85
N TYR C 346 7.25 20.33 2.55
CA TYR C 346 6.51 19.14 2.99
C TYR C 346 5.85 18.52 1.76
N GLY C 347 6.22 17.30 1.44
CA GLY C 347 5.71 16.66 0.18
C GLY C 347 4.47 15.82 0.39
N ARG C 348 4.66 14.54 0.76
CA ARG C 348 3.56 13.64 1.07
C ARG C 348 2.56 14.23 2.02
N SER C 349 3.01 14.97 3.04
CA SER C 349 2.03 15.55 3.94
C SER C 349 1.18 16.68 3.36
N PHE C 350 1.69 17.39 2.34
CA PHE C 350 0.92 18.43 1.66
C PHE C 350 -0.07 17.75 0.67
N ILE C 351 0.34 16.65 0.06
CA ILE C 351 -0.65 15.86 -0.71
C ILE C 351 -1.88 15.60 0.18
N ALA C 352 -1.65 15.15 1.41
CA ALA C 352 -2.67 14.65 2.23
C ALA C 352 -3.42 15.67 3.10
N ASN C 353 -2.88 16.89 3.23
CA ASN C 353 -3.41 17.89 4.10
C ASN C 353 -3.53 19.23 3.37
N PRO C 354 -4.76 19.55 2.91
CA PRO C 354 -4.96 20.78 2.16
C PRO C 354 -4.62 21.97 3.03
N ASP C 355 -4.91 21.83 4.32
CA ASP C 355 -4.63 22.85 5.33
C ASP C 355 -3.40 22.56 6.23
N LEU C 356 -2.37 22.01 5.61
CA LEU C 356 -1.13 21.66 6.30
C LEU C 356 -0.53 22.80 7.06
N VAL C 357 -0.56 24.01 6.47
CA VAL C 357 0.09 25.11 7.11
C VAL C 357 -0.52 25.41 8.48
N TYR C 358 -1.83 25.55 8.49
CA TYR C 358 -2.59 25.78 9.74
C TYR C 358 -2.34 24.62 10.72
N ARG C 359 -2.43 23.38 10.24
CA ARG C 359 -2.16 22.24 11.10
C ARG C 359 -0.76 22.26 11.71
N LEU C 360 0.23 22.66 10.93
CA LEU C 360 1.58 22.77 11.46
C LEU C 360 1.73 23.93 12.43
N GLU C 361 1.08 25.05 12.12
CA GLU C 361 1.12 26.23 13.04
C GLU C 361 0.72 25.83 14.42
N LYS C 362 -0.37 25.05 14.47
CA LYS C 362 -1.13 24.81 15.70
C LYS C 362 -0.89 23.45 16.31
N GLY C 363 -0.02 22.64 15.69
CA GLY C 363 0.37 21.35 16.22
C GLY C 363 -0.81 20.41 16.24
N LEU C 364 -1.59 20.41 15.17
CA LEU C 364 -2.73 19.52 15.04
C LEU C 364 -2.39 18.17 14.37
N PRO C 365 -3.25 17.17 14.54
CA PRO C 365 -2.93 15.91 13.84
C PRO C 365 -2.95 16.10 12.34
N LEU C 366 -2.20 15.25 11.63
CA LEU C 366 -2.02 15.36 10.19
C LEU C 366 -2.73 14.13 9.56
N ASN C 367 -3.52 14.37 8.52
CA ASN C 367 -4.09 13.23 7.78
C ASN C 367 -2.95 12.36 7.25
N LYS C 368 -3.19 11.05 7.16
CA LYS C 368 -2.18 10.13 6.59
C LYS C 368 -2.38 10.12 5.07
N TYR C 369 -1.28 10.13 4.32
CA TYR C 369 -1.36 10.06 2.86
C TYR C 369 -1.74 8.66 2.45
N ASP C 370 -2.31 8.55 1.25
CA ASP C 370 -2.68 7.31 0.66
C ASP C 370 -1.83 7.16 -0.61
N ARG C 371 -0.81 6.31 -0.52
CA ARG C 371 0.19 6.22 -1.57
C ARG C 371 -0.43 5.66 -2.82
N ASN C 372 -1.54 4.96 -2.64
CA ASN C 372 -2.20 4.30 -3.75
C ASN C 372 -2.73 5.30 -4.78
N THR C 373 -3.04 6.53 -4.38
CA THR C 373 -3.60 7.54 -5.30
C THR C 373 -2.62 8.74 -5.56
N PHE C 374 -1.35 8.51 -5.32
CA PHE C 374 -0.35 9.52 -5.60
C PHE C 374 -0.29 9.85 -7.09
N TYR C 375 -0.51 8.81 -7.92
CA TYR C 375 -0.23 8.92 -9.33
C TYR C 375 -1.35 8.38 -10.19
N THR C 376 -2.55 8.20 -9.62
CA THR C 376 -3.73 7.80 -10.40
C THR C 376 -4.47 9.01 -11.03
N PHE C 377 -5.19 8.74 -12.13
CA PHE C 377 -6.00 9.77 -12.84
C PHE C 377 -7.35 9.81 -12.13
N THR C 378 -7.36 10.46 -10.98
CA THR C 378 -8.54 10.38 -10.10
C THR C 378 -8.65 11.65 -9.30
N LYS C 379 -9.90 12.03 -9.04
CA LYS C 379 -10.15 13.06 -8.00
C LYS C 379 -9.80 12.49 -6.62
N GLU C 380 -9.99 11.17 -6.47
CA GLU C 380 -9.76 10.49 -5.20
C GLU C 380 -8.30 10.59 -4.86
N GLY C 381 -7.97 11.05 -3.65
CA GLY C 381 -6.56 11.21 -3.32
C GLY C 381 -5.91 12.42 -3.90
N TYR C 382 -6.75 13.35 -4.40
CA TYR C 382 -6.26 14.55 -5.05
C TYR C 382 -6.92 15.73 -4.36
N THR C 383 -8.25 15.83 -4.44
CA THR C 383 -8.91 16.98 -3.80
C THR C 383 -9.87 16.55 -2.72
N ASP C 384 -9.87 15.28 -2.32
CA ASP C 384 -10.87 14.82 -1.37
C ASP C 384 -10.26 14.48 -0.01
N TYR C 385 -9.00 14.84 0.20
CA TYR C 385 -8.49 14.82 1.54
C TYR C 385 -9.13 15.94 2.44
N PRO C 386 -9.54 15.58 3.65
CA PRO C 386 -10.28 16.60 4.43
C PRO C 386 -9.44 17.66 5.12
N SER C 387 -10.08 18.83 5.32
CA SER C 387 -9.61 19.85 6.26
C SER C 387 -9.58 19.29 7.70
N TYR C 388 -8.93 19.99 8.63
CA TYR C 388 -8.83 19.47 9.99
C TYR C 388 -10.23 19.31 10.59
N GLU C 389 -11.11 20.27 10.35
CA GLU C 389 -12.44 20.19 10.96
C GLU C 389 -13.22 19.08 10.32
N GLU C 390 -13.05 18.88 9.02
CA GLU C 390 -13.76 17.79 8.33
C GLU C 390 -13.23 16.42 8.84
N SER C 391 -11.92 16.30 9.09
CA SER C 391 -11.31 15.13 9.71
C SER C 391 -11.86 14.84 11.12
N VAL C 392 -12.09 15.89 11.90
CA VAL C 392 -12.55 15.72 13.26
C VAL C 392 -13.99 15.21 13.23
N ALA C 393 -14.80 15.85 12.38
CA ALA C 393 -16.18 15.45 12.10
C ALA C 393 -16.32 13.99 11.71
N LYS C 394 -15.33 13.43 11.01
CA LYS C 394 -15.42 12.01 10.58
C LYS C 394 -14.77 11.06 11.57
N GLY C 395 -14.36 11.55 12.73
CA GLY C 395 -13.88 10.70 13.80
C GLY C 395 -12.53 10.09 13.48
N TYR C 396 -11.71 10.80 12.70
CA TYR C 396 -10.37 10.33 12.40
C TYR C 396 -9.53 10.03 13.68
N LYS C 397 -8.79 8.92 13.62
CA LYS C 397 -7.82 8.50 14.62
C LYS C 397 -6.48 8.27 13.88
N MET D 1 53.36 33.83 33.23
CA MET D 1 53.23 32.84 34.37
C MET D 1 51.90 32.92 35.07
N SER D 2 50.89 32.44 34.38
CA SER D 2 49.54 32.46 34.89
C SER D 2 48.73 31.47 34.07
N TYR D 3 47.47 31.32 34.42
CA TYR D 3 46.52 30.45 33.73
C TYR D 3 45.67 31.20 32.73
N MET D 4 45.28 30.49 31.66
CA MET D 4 44.32 30.98 30.68
C MET D 4 43.08 31.42 31.40
N ASN D 5 42.56 32.59 31.02
CA ASN D 5 41.39 33.16 31.68
C ASN D 5 40.10 32.53 31.17
N PHE D 6 39.76 31.40 31.77
CA PHE D 6 38.51 30.70 31.40
C PHE D 6 38.18 29.72 32.54
N ASP D 7 37.01 29.13 32.52
CA ASP D 7 36.71 28.14 33.53
C ASP D 7 36.78 26.74 32.92
N PRO D 8 37.78 25.97 33.38
CA PRO D 8 37.94 24.69 32.72
C PRO D 8 36.83 23.74 33.07
N LYS D 9 36.63 22.75 32.19
CA LYS D 9 35.65 21.69 32.41
C LYS D 9 36.30 20.35 32.12
N PRO D 10 35.99 19.33 32.93
CA PRO D 10 36.67 18.03 32.78
C PRO D 10 36.17 17.31 31.56
N LEU D 11 37.08 16.81 30.70
CA LEU D 11 36.70 16.10 29.51
C LEU D 11 36.82 14.55 29.65
N GLY D 12 37.22 14.08 30.81
CA GLY D 12 37.49 12.64 31.03
C GLY D 12 36.37 11.63 30.76
N ASP D 13 35.13 12.10 30.80
CA ASP D 13 33.94 11.24 30.62
C ASP D 13 33.27 11.45 29.28
N THR D 14 34.03 12.05 28.37
CA THR D 14 33.58 12.55 27.12
C THR D 14 34.27 11.58 26.11
N ASN D 15 33.86 11.57 24.84
CA ASN D 15 34.57 10.74 23.82
C ASN D 15 36.02 11.12 23.60
N ILE D 16 36.45 12.26 24.12
CA ILE D 16 37.86 12.67 23.97
C ILE D 16 38.71 11.63 24.71
N PHE D 17 38.15 10.98 25.74
CA PHE D 17 38.89 9.99 26.51
C PHE D 17 38.45 8.56 26.26
N LYS D 18 37.91 8.31 25.07
CA LYS D 18 37.74 6.97 24.57
C LYS D 18 38.91 6.59 23.67
N PRO D 19 39.46 5.36 23.84
CA PRO D 19 40.55 4.93 22.98
C PRO D 19 40.09 4.79 21.53
N ILE D 20 41.05 4.81 20.61
CA ILE D 20 40.75 4.69 19.19
C ILE D 20 42.02 4.26 18.48
N LYS D 21 41.85 3.43 17.45
CA LYS D 21 42.98 2.94 16.67
C LYS D 21 43.19 3.90 15.54
N ILE D 22 44.41 4.42 15.40
CA ILE D 22 44.73 5.24 14.25
C ILE D 22 45.98 4.63 13.63
N GLY D 23 45.94 4.28 12.35
CA GLY D 23 47.06 3.61 11.71
C GLY D 23 47.31 2.31 12.41
N ASN D 24 48.57 2.08 12.78
CA ASN D 24 48.90 0.86 13.51
C ASN D 24 48.72 1.06 15.01
N ASN D 25 48.34 2.26 15.45
CA ASN D 25 48.59 2.66 16.84
C ASN D 25 47.28 2.70 17.62
N GLU D 26 47.27 2.05 18.77
CA GLU D 26 46.13 2.08 19.70
C GLU D 26 46.28 3.31 20.64
N LEU D 27 45.65 4.42 20.29
CA LEU D 27 45.63 5.60 21.17
C LEU D 27 44.73 5.38 22.38
N LYS D 28 45.17 5.87 23.53
CA LYS D 28 44.40 5.73 24.80
C LYS D 28 43.34 6.80 24.97
N HIS D 29 43.46 7.85 24.19
CA HIS D 29 42.63 9.04 24.23
C HIS D 29 42.83 9.84 22.97
N ARG D 30 41.93 10.82 22.77
CA ARG D 30 41.87 11.56 21.52
C ARG D 30 42.41 13.00 21.55
N VAL D 31 43.19 13.27 22.57
CA VAL D 31 43.85 14.57 22.64
C VAL D 31 45.13 14.48 21.86
N VAL D 32 45.26 15.30 20.85
CA VAL D 32 46.39 15.21 19.95
C VAL D 32 47.30 16.44 19.98
N MET D 33 48.60 16.24 19.96
CA MET D 33 49.58 17.36 19.73
C MET D 33 49.82 17.49 18.23
N PRO D 34 49.34 18.61 17.62
CA PRO D 34 49.42 18.78 16.20
C PRO D 34 50.85 19.30 15.90
N ALA D 35 51.22 19.47 14.63
CA ALA D 35 52.48 20.00 14.28
C ALA D 35 52.60 21.42 14.72
N LEU D 36 53.69 21.73 15.38
CA LEU D 36 54.01 23.07 15.90
C LEU D 36 55.45 23.40 15.59
N THR D 37 55.63 24.35 14.67
CA THR D 37 56.97 24.88 14.38
C THR D 37 57.52 25.65 15.56
N ARG D 38 58.70 25.26 16.01
CA ARG D 38 59.34 25.91 17.16
C ARG D 38 60.70 26.54 16.88
N MET D 39 61.34 26.08 15.78
CA MET D 39 62.63 26.63 15.33
C MET D 39 63.76 26.56 16.37
N ARG D 40 63.90 25.40 16.98
CA ARG D 40 65.07 25.03 17.82
C ARG D 40 66.08 24.12 17.11
N ALA D 41 65.91 23.84 15.82
CA ALA D 41 66.85 23.00 15.19
C ALA D 41 68.11 23.76 14.93
N ILE D 42 69.20 23.02 14.86
CA ILE D 42 70.57 23.56 14.71
C ILE D 42 70.86 23.90 13.29
N ALA D 43 71.38 25.11 13.13
CA ALA D 43 71.98 25.55 11.80
C ALA D 43 73.50 25.70 11.89
N PRO D 44 74.25 25.33 10.83
CA PRO D 44 73.75 24.69 9.63
C PRO D 44 73.40 23.22 9.77
N GLY D 45 72.68 22.70 8.77
CA GLY D 45 72.38 21.29 8.65
C GLY D 45 70.93 20.93 8.97
N ASN D 46 70.16 21.91 9.46
CA ASN D 46 68.73 21.69 9.86
C ASN D 46 68.62 20.47 10.82
N ILE D 47 69.44 20.47 11.88
CA ILE D 47 69.59 19.25 12.67
C ILE D 47 68.68 19.32 13.90
N PRO D 48 67.78 18.34 14.09
CA PRO D 48 67.03 18.40 15.35
C PRO D 48 67.94 18.57 16.58
N ASN D 49 67.54 19.43 17.51
CA ASN D 49 68.40 19.80 18.60
C ASN D 49 68.05 18.94 19.83
N THR D 50 68.52 17.71 19.84
CA THR D 50 68.13 16.64 20.79
C THR D 50 68.28 17.07 22.26
N GLU D 51 69.39 17.76 22.54
CA GLU D 51 69.70 18.41 23.86
C GLU D 51 68.51 19.16 24.47
N TRP D 52 67.70 19.78 23.61
CA TRP D 52 66.44 20.42 23.97
C TRP D 52 65.21 19.64 23.46
N ALA D 53 65.22 19.17 22.20
CA ALA D 53 64.02 18.63 21.60
C ALA D 53 63.58 17.29 22.20
N GLU D 54 64.52 16.45 22.59
CA GLU D 54 64.15 15.17 23.20
C GLU D 54 63.28 15.46 24.42
N GLU D 55 63.75 16.39 25.23
CA GLU D 55 63.04 16.69 26.43
C GLU D 55 61.69 17.31 26.19
N TYR D 56 61.63 18.18 25.21
CA TYR D 56 60.36 18.80 24.81
C TYR D 56 59.29 17.76 24.45
N TYR D 57 59.68 16.79 23.61
CA TYR D 57 58.77 15.73 23.15
C TYR D 57 58.52 14.69 24.24
N ARG D 58 59.54 14.39 25.04
CA ARG D 58 59.34 13.55 26.22
C ARG D 58 58.23 14.11 27.15
N GLN D 59 58.34 15.38 27.53
CA GLN D 59 57.35 16.08 28.33
C GLN D 59 55.94 15.92 27.79
N ARG D 60 55.76 16.16 26.47
CA ARG D 60 54.45 16.25 25.93
C ARG D 60 53.84 14.91 25.57
N SER D 61 54.65 13.87 25.58
CA SER D 61 54.19 12.49 25.43
C SER D 61 53.97 11.72 26.69
N GLN D 62 54.05 12.42 27.81
CA GLN D 62 54.07 11.78 29.08
C GLN D 62 52.80 10.98 29.37
N TYR D 63 51.66 11.40 28.88
CA TYR D 63 50.43 10.60 29.12
C TYR D 63 50.40 9.41 28.15
N PRO D 64 50.38 8.16 28.70
CA PRO D 64 50.55 7.03 27.76
C PRO D 64 49.48 7.01 26.72
N GLY D 65 49.85 6.69 25.51
CA GLY D 65 48.85 6.46 24.46
C GLY D 65 48.51 7.73 23.70
N THR D 66 49.41 8.68 23.74
CA THR D 66 49.14 9.99 23.11
C THR D 66 49.70 9.99 21.69
N LEU D 67 48.96 10.60 20.76
CA LEU D 67 49.47 10.85 19.43
C LEU D 67 50.18 12.19 19.37
N ILE D 68 51.45 12.17 18.95
CA ILE D 68 52.24 13.39 18.82
C ILE D 68 52.55 13.52 17.34
N ILE D 69 52.30 14.69 16.76
CA ILE D 69 52.71 14.96 15.40
C ILE D 69 53.88 15.95 15.58
N THR D 70 54.96 15.68 14.92
CA THR D 70 56.11 16.54 15.05
C THR D 70 55.87 17.88 14.36
N GLU D 71 56.70 18.84 14.78
CA GLU D 71 56.91 20.06 14.02
C GLU D 71 57.07 19.73 12.55
N GLY D 72 56.60 20.62 11.69
CA GLY D 72 56.96 20.57 10.29
C GLY D 72 58.43 20.38 10.04
N THR D 73 58.73 19.39 9.22
CA THR D 73 60.10 18.87 9.01
C THR D 73 60.31 18.82 7.53
N PHE D 74 61.42 19.41 7.04
CA PHE D 74 61.67 19.48 5.56
C PHE D 74 62.09 18.11 5.03
N PRO D 75 61.51 17.64 3.88
CA PRO D 75 61.93 16.35 3.41
C PRO D 75 63.17 16.44 2.52
N SER D 76 63.53 17.68 2.13
CA SER D 76 64.74 17.95 1.31
C SER D 76 65.19 19.38 1.55
N ALA D 77 66.44 19.67 1.16
CA ALA D 77 66.96 21.02 1.31
C ALA D 77 66.10 22.03 0.51
N GLN D 78 65.70 21.63 -0.70
CA GLN D 78 64.96 22.53 -1.56
C GLN D 78 63.54 22.77 -1.06
N SER D 79 63.07 21.91 -0.15
CA SER D 79 61.77 22.10 0.47
C SER D 79 61.81 23.17 1.57
N GLY D 80 62.98 23.62 1.95
CA GLY D 80 63.15 24.43 3.13
C GLY D 80 63.36 25.94 2.91
N GLY D 81 64.21 26.54 3.73
CA GLY D 81 64.47 27.98 3.68
C GLY D 81 64.34 28.70 5.02
N TYR D 82 63.96 27.98 6.07
CA TYR D 82 64.08 28.44 7.46
C TYR D 82 65.22 27.67 8.13
N PRO D 83 66.33 28.36 8.50
CA PRO D 83 67.50 27.59 8.98
C PRO D 83 67.39 26.76 10.27
N ASN D 84 66.46 27.13 11.14
CA ASN D 84 66.33 26.52 12.50
C ASN D 84 65.13 25.58 12.54
N VAL D 85 64.64 25.15 11.36
CA VAL D 85 63.60 24.10 11.24
C VAL D 85 64.29 22.80 10.84
N PRO D 86 63.93 21.63 11.45
CA PRO D 86 64.64 20.40 11.12
C PRO D 86 64.28 19.82 9.76
N GLY D 87 65.24 19.10 9.19
CA GLY D 87 65.03 18.27 8.02
C GLY D 87 65.02 16.81 8.41
N ILE D 88 64.67 15.92 7.49
CA ILE D 88 64.67 14.46 7.80
C ILE D 88 65.17 13.64 6.59
N TRP D 89 66.04 14.28 5.80
CA TRP D 89 66.72 13.55 4.70
C TRP D 89 68.13 13.03 5.06
N SER D 90 68.87 13.70 5.97
CA SER D 90 70.32 13.42 6.14
C SER D 90 70.58 12.46 7.28
N LYS D 91 71.77 11.85 7.21
CA LYS D 91 72.23 10.91 8.24
C LYS D 91 72.28 11.58 9.58
N GLU D 92 72.79 12.81 9.59
CA GLU D 92 72.97 13.59 10.81
C GLU D 92 71.59 13.90 11.42
N GLN D 93 70.67 14.35 10.59
CA GLN D 93 69.30 14.54 11.02
C GLN D 93 68.63 13.29 11.57
N LEU D 94 68.68 12.19 10.84
CA LEU D 94 68.05 10.95 11.27
C LEU D 94 68.61 10.37 12.61
N ALA D 95 69.92 10.52 12.84
CA ALA D 95 70.48 10.03 14.10
C ALA D 95 69.83 10.78 15.28
N GLU D 96 69.50 12.07 15.09
CA GLU D 96 68.85 12.79 16.17
C GLU D 96 67.36 12.41 16.33
N TRP D 97 66.66 12.24 15.20
CA TRP D 97 65.22 11.92 15.22
C TRP D 97 65.01 10.59 15.91
N LYS D 98 65.92 9.65 15.67
CA LYS D 98 65.84 8.33 16.31
C LYS D 98 65.71 8.47 17.82
N LYS D 99 66.57 9.34 18.37
CA LYS D 99 66.55 9.58 19.80
C LYS D 99 65.28 10.21 20.33
N ILE D 100 64.77 11.21 19.64
CA ILE D 100 63.50 11.82 19.98
C ILE D 100 62.36 10.78 19.90
N PHE D 101 62.32 9.99 18.82
CA PHE D 101 61.27 9.01 18.69
C PHE D 101 61.32 7.99 19.83
N ASN D 102 62.54 7.59 20.14
CA ASN D 102 62.74 6.66 21.26
C ASN D 102 62.15 7.23 22.54
N ALA D 103 62.34 8.53 22.81
CA ALA D 103 61.80 9.13 24.06
C ALA D 103 60.26 9.01 24.09
N ILE D 104 59.66 9.23 22.94
CA ILE D 104 58.17 9.26 22.87
C ILE D 104 57.70 7.84 23.06
N HIS D 105 58.44 6.93 22.45
CA HIS D 105 58.05 5.52 22.59
C HIS D 105 58.24 4.95 24.01
N GLU D 106 59.29 5.38 24.70
CA GLU D 106 59.50 5.01 26.13
C GLU D 106 58.30 5.40 27.00
N ASN D 107 57.64 6.50 26.63
CA ASN D 107 56.42 6.99 27.28
C ASN D 107 55.14 6.26 26.79
N LYS D 108 55.29 5.28 25.93
CA LYS D 108 54.19 4.50 25.36
C LYS D 108 53.22 5.38 24.57
N SER D 109 53.80 6.31 23.84
CA SER D 109 53.02 7.26 23.00
C SER D 109 53.54 7.03 21.55
N PHE D 110 53.01 7.79 20.60
CA PHE D 110 53.26 7.58 19.20
C PHE D 110 53.64 8.87 18.56
N VAL D 111 54.46 8.78 17.48
CA VAL D 111 54.99 9.97 16.84
C VAL D 111 54.87 9.86 15.34
N TRP D 112 54.25 10.86 14.75
CA TRP D 112 54.10 11.01 13.29
C TRP D 112 54.87 12.25 12.82
N VAL D 113 55.68 12.12 11.75
CA VAL D 113 56.51 13.26 11.30
C VAL D 113 55.72 14.04 10.23
N GLN D 114 55.50 15.32 10.42
CA GLN D 114 54.87 16.15 9.39
C GLN D 114 55.93 16.58 8.40
N LEU D 115 55.69 16.26 7.15
CA LEU D 115 56.59 16.60 6.08
C LEU D 115 56.12 17.90 5.44
N TRP D 116 56.97 18.91 5.53
CA TRP D 116 56.61 20.30 5.27
C TRP D 116 57.46 20.85 4.14
N VAL D 117 56.83 21.35 3.11
CA VAL D 117 57.49 21.94 1.94
C VAL D 117 56.92 23.35 1.70
N LEU D 118 57.80 24.36 1.73
CA LEU D 118 57.36 25.73 2.01
C LEU D 118 56.79 26.47 0.80
N GLY D 119 57.34 26.21 -0.36
CA GLY D 119 57.04 27.08 -1.49
C GLY D 119 57.30 28.57 -1.25
N ARG D 120 56.39 29.41 -1.71
CA ARG D 120 56.64 30.83 -1.66
C ARG D 120 56.69 31.43 -0.24
N GLN D 121 56.30 30.66 0.78
CA GLN D 121 56.43 31.12 2.20
C GLN D 121 57.90 31.13 2.68
N ALA D 122 58.79 30.52 1.91
CA ALA D 122 60.18 30.46 2.30
C ALA D 122 60.79 31.86 2.23
N TRP D 123 61.94 32.01 2.87
CA TRP D 123 62.75 33.20 2.80
C TRP D 123 63.76 33.11 1.64
N PRO D 124 63.53 33.89 0.57
CA PRO D 124 64.29 33.75 -0.68
C PRO D 124 65.77 34.03 -0.55
N GLU D 125 66.15 34.88 0.40
CA GLU D 125 67.58 35.24 0.53
C GLU D 125 68.30 34.05 1.18
N VAL D 126 67.59 33.32 2.05
CA VAL D 126 68.15 32.15 2.69
C VAL D 126 68.38 31.06 1.66
N LEU D 127 67.39 30.85 0.80
CA LEU D 127 67.53 29.87 -0.25
C LEU D 127 68.66 30.23 -1.23
N LYS D 128 68.73 31.50 -1.61
CA LYS D 128 69.71 31.95 -2.63
C LYS D 128 71.11 31.65 -2.11
N LYS D 129 71.30 31.91 -0.83
CA LYS D 129 72.61 31.74 -0.18
C LYS D 129 73.03 30.27 -0.26
N GLU D 130 72.07 29.33 -0.22
CA GLU D 130 72.41 27.91 -0.29
C GLU D 130 72.30 27.37 -1.73
N GLY D 131 72.08 28.24 -2.70
CA GLY D 131 72.02 27.85 -4.12
C GLY D 131 70.67 27.24 -4.51
N LEU D 132 69.60 27.55 -3.80
CA LEU D 132 68.30 26.94 -4.04
C LEU D 132 67.27 27.90 -4.67
N ARG D 133 66.28 27.35 -5.38
CA ARG D 133 65.16 28.09 -5.96
C ARG D 133 64.19 28.58 -4.92
N TYR D 134 63.47 29.65 -5.25
CA TYR D 134 62.28 30.11 -4.52
C TYR D 134 61.07 29.68 -5.34
N ASP D 135 60.39 28.63 -4.86
CA ASP D 135 59.41 27.87 -5.67
C ASP D 135 57.97 28.17 -5.34
N SER D 136 57.11 28.07 -6.34
CA SER D 136 55.69 28.13 -6.14
C SER D 136 54.99 27.41 -7.31
N ALA D 137 53.69 27.50 -7.35
CA ALA D 137 52.97 27.06 -8.57
C ALA D 137 53.21 27.97 -9.80
N THR D 138 53.54 29.26 -9.58
CA THR D 138 53.62 30.27 -10.65
C THR D 138 54.89 31.12 -10.47
N ASP D 139 55.37 31.73 -11.55
CA ASP D 139 56.42 32.74 -11.44
C ASP D 139 55.92 34.04 -10.83
N ASP D 140 54.65 34.36 -11.04
CA ASP D 140 54.22 35.77 -10.89
C ASP D 140 53.23 36.09 -9.77
N LEU D 141 52.62 35.07 -9.14
CA LEU D 141 51.62 35.30 -8.08
C LEU D 141 52.32 35.25 -6.74
N TYR D 142 52.83 36.40 -6.33
CA TYR D 142 53.54 36.53 -5.08
C TYR D 142 52.54 36.64 -3.89
N MET D 143 53.02 36.34 -2.70
CA MET D 143 52.18 36.34 -1.51
C MET D 143 51.83 37.78 -1.13
N GLY D 144 52.58 38.74 -1.66
CA GLY D 144 52.38 40.17 -1.32
C GLY D 144 53.58 40.96 -1.92
N GLU D 145 53.44 42.29 -1.96
CA GLU D 145 54.42 43.18 -2.55
C GLU D 145 55.67 43.27 -1.72
N GLU D 146 55.56 43.19 -0.42
CA GLU D 146 56.74 43.19 0.44
C GLU D 146 57.58 41.92 0.17
N GLU D 147 56.91 40.77 0.12
CA GLU D 147 57.54 39.49 -0.20
C GLU D 147 58.16 39.49 -1.59
N LYS D 148 57.52 40.14 -2.56
CA LYS D 148 58.07 40.23 -3.89
C LYS D 148 59.38 40.99 -3.81
N GLU D 149 59.35 42.09 -3.09
CA GLU D 149 60.55 42.95 -2.97
C GLU D 149 61.72 42.24 -2.26
N ARG D 150 61.41 41.46 -1.24
CA ARG D 150 62.38 40.56 -0.61
C ARG D 150 63.05 39.57 -1.61
N ALA D 151 62.26 38.97 -2.51
CA ALA D 151 62.78 38.01 -3.46
C ALA D 151 63.66 38.69 -4.53
N LEU D 152 63.17 39.82 -5.02
CA LEU D 152 63.91 40.66 -5.95
C LEU D 152 65.24 41.14 -5.39
N LYS D 153 65.23 41.71 -4.18
CA LYS D 153 66.44 42.11 -3.47
C LYS D 153 67.44 40.97 -3.34
N ALA D 154 66.91 39.77 -3.17
CA ALA D 154 67.69 38.52 -3.03
C ALA D 154 68.16 37.94 -4.37
N ASN D 155 67.78 38.57 -5.48
CA ASN D 155 68.01 38.07 -6.84
C ASN D 155 67.58 36.57 -6.91
N ASN D 156 66.43 36.26 -6.27
CA ASN D 156 65.84 34.91 -6.27
C ASN D 156 64.32 35.08 -6.54
N PRO D 157 63.96 35.53 -7.75
CA PRO D 157 62.55 35.62 -8.12
C PRO D 157 61.80 34.30 -7.98
N GLN D 158 60.50 34.41 -7.70
CA GLN D 158 59.63 33.22 -7.56
C GLN D 158 59.66 32.43 -8.84
N HIS D 159 59.67 31.11 -8.68
CA HIS D 159 59.78 30.20 -9.82
C HIS D 159 58.62 29.21 -9.84
N GLY D 160 57.80 29.24 -10.90
CA GLY D 160 56.70 28.25 -11.06
C GLY D 160 57.29 26.92 -11.49
N ILE D 161 57.16 25.91 -10.66
CA ILE D 161 57.88 24.67 -10.88
C ILE D 161 57.39 23.87 -12.07
N THR D 162 58.35 23.25 -12.74
CA THR D 162 58.10 22.43 -13.86
C THR D 162 57.53 21.07 -13.44
N LYS D 163 56.98 20.36 -14.42
CA LYS D 163 56.47 19.03 -14.14
C LYS D 163 57.62 18.13 -13.69
N GLU D 164 58.83 18.40 -14.19
CA GLU D 164 59.98 17.61 -13.75
C GLU D 164 60.34 17.91 -12.29
N GLU D 165 60.27 19.19 -11.91
CA GLU D 165 60.55 19.57 -10.55
C GLU D 165 59.49 19.06 -9.51
N ILE D 166 58.22 19.01 -9.92
CA ILE D 166 57.13 18.35 -9.19
C ILE D 166 57.45 16.86 -8.93
N LYS D 167 57.88 16.11 -9.97
CA LYS D 167 58.33 14.71 -9.78
C LYS D 167 59.46 14.59 -8.76
N GLN D 168 60.36 15.56 -8.70
CA GLN D 168 61.50 15.52 -7.79
C GLN D 168 61.04 15.76 -6.33
N TYR D 169 60.13 16.69 -6.18
CA TYR D 169 59.51 16.87 -4.84
C TYR D 169 58.80 15.62 -4.40
N ILE D 170 58.05 14.96 -5.30
CA ILE D 170 57.35 13.72 -4.94
C ILE D 170 58.36 12.69 -4.46
N LYS D 171 59.47 12.54 -5.20
CA LYS D 171 60.51 11.57 -4.86
C LYS D 171 61.11 11.91 -3.47
N GLU D 172 61.19 13.20 -3.16
CA GLU D 172 61.71 13.67 -1.85
C GLU D 172 60.76 13.43 -0.68
N TYR D 173 59.45 13.58 -0.90
CA TYR D 173 58.49 13.20 0.13
C TYR D 173 58.61 11.66 0.43
N VAL D 174 58.74 10.87 -0.62
CA VAL D 174 58.87 9.46 -0.47
C VAL D 174 60.17 9.07 0.24
N ASP D 175 61.28 9.72 -0.10
CA ASP D 175 62.60 9.36 0.47
C ASP D 175 62.46 9.67 1.97
N ALA D 176 61.92 10.85 2.27
CA ALA D 176 61.86 11.32 3.64
C ALA D 176 60.91 10.43 4.46
N ALA D 177 59.77 10.06 3.89
CA ALA D 177 58.81 9.15 4.54
C ALA D 177 59.43 7.82 4.92
N LYS D 178 60.12 7.22 3.95
CA LYS D 178 60.79 5.99 4.14
C LYS D 178 61.86 6.14 5.25
N LYS D 179 62.62 7.21 5.20
CA LYS D 179 63.68 7.41 6.19
C LYS D 179 63.08 7.60 7.56
N ALA D 180 62.02 8.37 7.60
CA ALA D 180 61.34 8.67 8.89
C ALA D 180 60.91 7.38 9.56
N ILE D 181 60.23 6.54 8.78
CA ILE D 181 59.74 5.26 9.27
C ILE D 181 60.91 4.39 9.76
N ASP D 182 61.98 4.33 8.98
CA ASP D 182 63.17 3.51 9.41
C ASP D 182 63.82 4.01 10.67
N ALA D 183 63.71 5.32 10.94
CA ALA D 183 64.27 5.90 12.15
C ALA D 183 63.38 5.64 13.36
N GLY D 184 62.16 5.15 13.13
CA GLY D 184 61.25 4.85 14.26
C GLY D 184 59.88 5.52 14.24
N ALA D 185 59.61 6.37 13.27
CA ALA D 185 58.33 7.06 13.24
C ALA D 185 57.15 6.08 13.04
N ASP D 186 56.04 6.32 13.73
CA ASP D 186 54.81 5.54 13.53
C ASP D 186 54.08 5.80 12.19
N GLY D 187 54.33 6.98 11.63
CA GLY D 187 53.72 7.41 10.34
C GLY D 187 54.26 8.76 9.95
N VAL D 188 53.74 9.25 8.84
CA VAL D 188 54.04 10.60 8.40
C VAL D 188 52.75 11.33 7.99
N GLN D 189 52.81 12.65 8.09
CA GLN D 189 51.75 13.53 7.74
C GLN D 189 52.21 14.48 6.64
N ILE D 190 51.48 14.54 5.52
CA ILE D 190 51.80 15.41 4.39
C ILE D 190 51.13 16.73 4.73
N HIS D 191 51.94 17.81 4.83
CA HIS D 191 51.40 19.16 5.13
C HIS D 191 50.88 19.73 3.84
N SER D 192 49.57 19.72 3.64
CA SER D 192 48.96 20.30 2.47
C SER D 192 48.12 21.57 2.81
N ALA D 193 48.52 22.29 3.86
CA ALA D 193 47.68 23.33 4.47
C ALA D 193 48.52 24.62 4.65
N ASN D 194 47.87 25.61 5.25
CA ASN D 194 48.47 26.85 5.78
C ASN D 194 49.29 27.66 4.78
N GLY D 195 48.96 27.50 3.49
CA GLY D 195 49.57 28.39 2.46
C GLY D 195 50.90 27.87 1.94
N TYR D 196 51.29 26.65 2.31
CA TYR D 196 52.61 26.13 1.88
C TYR D 196 52.48 25.48 0.48
N LEU D 197 53.49 24.76 0.01
CA LEU D 197 53.60 24.58 -1.41
C LEU D 197 52.39 23.86 -1.95
N LEU D 198 52.04 22.71 -1.36
CA LEU D 198 50.87 21.98 -1.86
C LEU D 198 49.63 22.90 -1.86
N ASN D 199 49.45 23.67 -0.83
CA ASN D 199 48.27 24.51 -0.73
C ASN D 199 48.36 25.61 -1.77
N GLN D 200 49.60 26.01 -2.18
CA GLN D 200 49.73 27.02 -3.23
C GLN D 200 49.18 26.49 -4.55
N PHE D 201 49.30 25.16 -4.73
CA PHE D 201 48.68 24.50 -5.87
C PHE D 201 47.15 24.35 -5.77
N LEU D 202 46.68 23.97 -4.59
CA LEU D 202 45.26 23.73 -4.35
C LEU D 202 44.43 24.98 -4.54
N ASP D 203 45.02 26.15 -4.30
CA ASP D 203 44.22 27.36 -4.24
C ASP D 203 44.33 28.20 -5.50
N PRO D 204 43.20 28.58 -6.11
CA PRO D 204 43.26 29.36 -7.39
C PRO D 204 43.92 30.71 -7.21
N ILE D 205 43.90 31.24 -6.00
CA ILE D 205 44.54 32.55 -5.81
C ILE D 205 46.03 32.56 -6.09
N SER D 206 46.68 31.41 -5.89
CA SER D 206 48.12 31.28 -6.09
C SER D 206 48.46 30.32 -7.24
N ASN D 207 47.45 29.87 -7.98
CA ASN D 207 47.67 28.92 -9.07
C ASN D 207 46.75 29.12 -10.23
N ASN D 208 47.20 29.89 -11.19
CA ASN D 208 46.47 30.06 -12.46
C ASN D 208 47.16 29.38 -13.60
N ARG D 209 47.89 28.30 -13.30
CA ARG D 209 48.58 27.51 -14.34
C ARG D 209 47.59 26.97 -15.39
N THR D 210 48.09 26.74 -16.60
CA THR D 210 47.26 26.24 -17.69
C THR D 210 47.73 24.87 -18.19
N ASP D 211 48.61 24.23 -17.44
CA ASP D 211 48.94 22.80 -17.61
C ASP D 211 48.07 21.88 -16.74
N GLU D 212 48.50 20.64 -16.52
CA GLU D 212 47.68 19.63 -15.86
C GLU D 212 47.57 19.89 -14.32
N TYR D 213 48.31 20.88 -13.82
CA TYR D 213 48.39 21.21 -12.38
C TYR D 213 47.63 22.46 -12.03
N GLY D 214 46.96 23.05 -13.01
CA GLY D 214 46.11 24.22 -12.75
C GLY D 214 44.87 24.28 -13.64
N GLY D 215 43.95 25.19 -13.31
CA GLY D 215 42.84 25.59 -14.20
C GLY D 215 41.51 24.86 -13.97
N SER D 216 41.52 23.87 -13.08
CA SER D 216 40.34 23.16 -12.67
C SER D 216 40.57 22.61 -11.27
N ILE D 217 39.50 22.16 -10.64
CA ILE D 217 39.58 21.48 -9.39
C ILE D 217 40.46 20.23 -9.42
N GLU D 218 40.28 19.31 -10.38
CA GLU D 218 41.11 18.07 -10.33
C GLU D 218 42.58 18.44 -10.61
N ASN D 219 42.79 19.48 -11.38
CA ASN D 219 44.16 19.82 -11.77
C ASN D 219 44.85 20.45 -10.55
N ARG D 220 44.14 21.33 -9.84
CA ARG D 220 44.74 22.00 -8.67
C ARG D 220 45.06 20.94 -7.58
N ALA D 221 44.30 19.85 -7.56
CA ALA D 221 44.46 18.78 -6.55
C ALA D 221 45.53 17.78 -6.90
N ARG D 222 46.01 17.84 -8.15
CA ARG D 222 46.86 16.79 -8.69
C ARG D 222 48.09 16.54 -7.91
N PHE D 223 48.83 17.60 -7.66
CA PHE D 223 50.14 17.50 -6.99
C PHE D 223 49.90 16.82 -5.63
N THR D 224 48.93 17.37 -4.87
CA THR D 224 48.59 16.77 -3.58
C THR D 224 48.29 15.30 -3.68
N LEU D 225 47.44 14.87 -4.62
CA LEU D 225 47.10 13.45 -4.68
C LEU D 225 48.27 12.61 -5.19
N GLU D 226 49.15 13.20 -6.05
CA GLU D 226 50.34 12.49 -6.44
C GLU D 226 51.27 12.21 -5.29
N VAL D 227 51.48 13.20 -4.43
CA VAL D 227 52.26 12.98 -3.21
C VAL D 227 51.60 11.90 -2.35
N VAL D 228 50.32 12.04 -2.08
CA VAL D 228 49.63 11.01 -1.32
C VAL D 228 49.88 9.64 -1.90
N ASP D 229 49.63 9.45 -3.19
CA ASP D 229 49.75 8.12 -3.77
C ASP D 229 51.18 7.58 -3.69
N ALA D 230 52.16 8.46 -3.84
CA ALA D 230 53.56 8.01 -3.80
C ALA D 230 53.97 7.55 -2.41
N VAL D 231 53.54 8.33 -1.39
CA VAL D 231 53.88 8.04 0.01
C VAL D 231 53.14 6.78 0.45
N VAL D 232 51.86 6.71 0.12
CA VAL D 232 51.10 5.49 0.40
C VAL D 232 51.75 4.24 -0.22
N ASP D 233 52.21 4.36 -1.45
CA ASP D 233 52.86 3.23 -2.07
C ASP D 233 54.10 2.82 -1.28
N ALA D 234 54.82 3.79 -0.80
CA ALA D 234 56.09 3.56 -0.09
C ALA D 234 55.89 2.96 1.29
N VAL D 235 55.07 3.59 2.11
CA VAL D 235 54.98 3.21 3.54
C VAL D 235 53.64 2.64 3.99
N GLY D 236 52.66 2.61 3.11
CA GLY D 236 51.33 2.12 3.43
C GLY D 236 50.37 3.24 3.90
N ALA D 237 49.11 3.09 3.53
CA ALA D 237 48.11 4.08 3.87
C ALA D 237 47.99 4.20 5.38
N GLU D 238 48.19 3.10 6.09
CA GLU D 238 48.03 3.14 7.54
C GLU D 238 49.11 3.99 8.25
N ARG D 239 50.17 4.34 7.50
CA ARG D 239 51.25 5.18 8.03
C ARG D 239 51.30 6.52 7.36
N THR D 240 50.21 6.90 6.70
CA THR D 240 50.12 8.15 5.92
C THR D 240 48.93 8.97 6.40
N SER D 241 49.13 10.27 6.59
CA SER D 241 48.03 11.19 6.92
C SER D 241 48.27 12.46 6.12
N ILE D 242 47.36 13.42 6.21
CA ILE D 242 47.44 14.67 5.46
C ILE D 242 46.66 15.75 6.21
N ARG D 243 47.15 16.99 6.08
CA ARG D 243 46.54 18.14 6.69
C ARG D 243 46.10 19.17 5.66
N PHE D 244 44.88 19.65 5.88
CA PHE D 244 44.27 20.72 5.10
C PHE D 244 43.80 21.85 5.97
N SER D 245 43.71 23.03 5.38
CA SER D 245 43.10 24.20 5.98
C SER D 245 42.14 24.91 5.04
N PRO D 246 40.89 24.42 4.94
CA PRO D 246 40.02 24.95 3.89
C PRO D 246 39.72 26.44 4.08
N TYR D 247 39.65 26.91 5.32
CA TYR D 247 39.26 28.29 5.54
C TYR D 247 40.42 29.24 5.90
N GLY D 248 41.66 28.75 5.81
CA GLY D 248 42.82 29.56 6.13
C GLY D 248 43.07 30.61 5.10
N THR D 249 43.52 31.75 5.59
CA THR D 249 43.96 32.83 4.71
C THR D 249 45.44 33.12 4.90
N PHE D 250 46.05 32.59 5.95
CA PHE D 250 47.52 32.69 6.17
C PHE D 250 48.32 32.22 4.94
N GLY D 251 49.35 33.00 4.62
CA GLY D 251 50.04 32.82 3.38
C GLY D 251 49.33 33.35 2.15
N THR D 252 48.38 34.27 2.32
CA THR D 252 47.60 34.80 1.22
C THR D 252 46.83 33.72 0.48
N MET D 253 46.17 32.87 1.26
CA MET D 253 45.23 31.89 0.74
C MET D 253 43.81 32.49 0.67
N SER D 254 42.87 31.86 -0.06
CA SER D 254 41.56 32.48 -0.35
C SER D 254 40.69 32.47 0.87
N GLY D 255 40.69 31.36 1.59
CA GLY D 255 39.70 31.11 2.61
C GLY D 255 38.28 31.14 2.03
N GLY D 256 37.35 31.37 2.94
CA GLY D 256 35.94 31.26 2.61
C GLY D 256 35.41 32.35 1.73
N GLU D 257 36.15 33.47 1.65
CA GLU D 257 35.76 34.57 0.73
C GLU D 257 35.58 34.10 -0.71
N ASN D 258 36.26 33.03 -1.11
CA ASN D 258 36.06 32.42 -2.43
C ASN D 258 35.03 31.26 -2.32
N PRO D 259 33.81 31.46 -2.86
CA PRO D 259 32.80 30.38 -2.72
C PRO D 259 33.09 29.01 -3.38
N GLY D 260 34.13 28.93 -4.20
CA GLY D 260 34.54 27.66 -4.80
C GLY D 260 35.48 26.85 -3.94
N ILE D 261 35.85 27.40 -2.76
CA ILE D 261 36.82 26.77 -1.86
C ILE D 261 36.40 25.44 -1.28
N VAL D 262 35.15 25.30 -0.84
CA VAL D 262 34.70 24.02 -0.31
C VAL D 262 34.72 22.89 -1.35
N ALA D 263 34.26 23.18 -2.55
CA ALA D 263 34.36 22.22 -3.65
C ALA D 263 35.79 21.72 -3.86
N GLN D 264 36.81 22.56 -3.72
CA GLN D 264 38.17 22.12 -3.94
C GLN D 264 38.54 21.06 -2.93
N TYR D 265 38.20 21.34 -1.66
CA TYR D 265 38.45 20.36 -0.57
C TYR D 265 37.51 19.21 -0.61
N ALA D 266 36.25 19.41 -0.99
CA ALA D 266 35.34 18.25 -1.14
C ALA D 266 35.86 17.24 -2.17
N TYR D 267 36.46 17.76 -3.25
CA TYR D 267 36.97 16.89 -4.30
C TYR D 267 38.14 16.08 -3.78
N VAL D 268 39.11 16.75 -3.15
CA VAL D 268 40.32 16.06 -2.71
C VAL D 268 40.04 15.00 -1.68
N ILE D 269 39.21 15.37 -0.68
CA ILE D 269 38.76 14.45 0.30
C ILE D 269 37.96 13.31 -0.28
N GLY D 270 37.07 13.60 -1.25
CA GLY D 270 36.40 12.51 -1.96
C GLY D 270 37.35 11.51 -2.63
N GLU D 271 38.42 12.03 -3.24
CA GLU D 271 39.43 11.21 -3.89
C GLU D 271 40.14 10.31 -2.82
N LEU D 272 40.34 10.79 -1.60
CA LEU D 272 40.95 9.96 -0.54
C LEU D 272 39.97 8.86 -0.09
N GLU D 273 38.69 9.22 0.02
CA GLU D 273 37.68 8.24 0.37
C GLU D 273 37.59 7.19 -0.75
N LYS D 274 37.71 7.63 -1.98
CA LYS D 274 37.70 6.65 -3.08
C LYS D 274 38.84 5.63 -2.91
N ARG D 275 40.03 6.16 -2.60
CA ARG D 275 41.21 5.30 -2.34
C ARG D 275 40.97 4.40 -1.16
N ALA D 276 40.33 4.93 -0.10
CA ALA D 276 40.01 4.11 1.07
C ALA D 276 39.09 2.99 0.74
N ARG D 277 38.09 3.25 -0.05
CA ARG D 277 37.14 2.16 -0.41
C ARG D 277 37.76 1.10 -1.26
N ALA D 278 38.82 1.47 -1.98
CA ALA D 278 39.59 0.56 -2.80
C ALA D 278 40.66 -0.21 -2.01
N GLY D 279 40.80 0.01 -0.70
CA GLY D 279 41.71 -0.74 0.17
C GLY D 279 42.87 0.04 0.78
N LYS D 280 42.99 1.35 0.51
CA LYS D 280 44.12 2.17 0.94
C LYS D 280 43.65 3.46 1.65
N ARG D 281 43.14 3.25 2.82
CA ARG D 281 42.61 4.29 3.71
C ARG D 281 43.70 4.98 4.55
N LEU D 282 43.88 6.27 4.33
CA LEU D 282 44.79 7.06 5.14
C LEU D 282 44.44 6.92 6.58
N ALA D 283 45.46 6.96 7.43
CA ALA D 283 45.21 6.81 8.87
C ALA D 283 44.26 7.87 9.41
N PHE D 284 44.46 9.12 8.98
CA PHE D 284 43.56 10.18 9.40
C PHE D 284 43.79 11.41 8.50
N ILE D 285 42.73 12.23 8.41
CA ILE D 285 42.78 13.54 7.84
C ILE D 285 42.64 14.58 8.96
N ASP D 286 43.52 15.52 8.87
CA ASP D 286 43.73 16.64 9.85
C ASP D 286 43.24 17.97 9.16
N LEU D 287 42.23 18.57 9.76
CA LEU D 287 41.71 19.88 9.30
C LEU D 287 41.94 20.95 10.38
N VAL D 288 42.42 22.10 9.91
CA VAL D 288 42.52 23.29 10.69
C VAL D 288 41.12 23.93 10.69
N GLU D 289 40.62 24.27 11.88
CA GLU D 289 39.31 24.85 12.03
C GLU D 289 39.37 26.34 11.60
N PRO D 290 38.25 26.87 11.23
CA PRO D 290 38.17 28.32 10.93
C PRO D 290 38.49 29.24 12.13
N GLY D 307 31.85 29.81 7.11
CA GLY D 307 31.86 28.35 6.78
C GLY D 307 32.51 27.42 7.77
N THR D 308 32.12 26.16 7.75
CA THR D 308 32.66 25.18 8.70
C THR D 308 33.21 23.94 8.02
N ASN D 309 33.93 23.12 8.80
CA ASN D 309 34.46 21.85 8.31
C ASN D 309 33.49 20.64 8.39
N GLU D 310 32.23 20.90 8.78
CA GLU D 310 31.25 19.86 8.93
C GLU D 310 31.10 19.00 7.66
N PHE D 311 31.32 19.60 6.49
CA PHE D 311 31.20 18.88 5.20
C PHE D 311 32.06 17.56 5.11
N ILE D 312 33.22 17.51 5.80
CA ILE D 312 34.02 16.29 5.76
C ILE D 312 33.22 15.04 6.14
N TYR D 313 32.35 15.14 7.11
CA TYR D 313 31.60 13.96 7.58
C TYR D 313 30.64 13.35 6.55
N SER D 314 30.36 14.08 5.47
CA SER D 314 29.50 13.56 4.37
C SER D 314 30.35 12.89 3.28
N ILE D 315 31.67 12.94 3.44
CA ILE D 315 32.58 12.43 2.43
C ILE D 315 33.52 11.33 2.97
N TRP D 316 34.36 11.74 3.92
CA TRP D 316 35.36 10.88 4.54
C TRP D 316 34.78 10.07 5.64
N LYS D 317 35.01 8.76 5.63
CA LYS D 317 34.40 7.88 6.65
C LYS D 317 35.50 7.24 7.52
N GLY D 318 36.59 7.96 7.72
CA GLY D 318 37.73 7.54 8.50
C GLY D 318 37.98 8.54 9.60
N PRO D 319 39.05 8.36 10.34
CA PRO D 319 39.34 9.32 11.40
C PRO D 319 39.57 10.77 10.94
N VAL D 320 39.11 11.70 11.77
CA VAL D 320 39.31 13.15 11.50
C VAL D 320 39.92 13.78 12.71
N LEU D 321 40.99 14.54 12.51
CA LEU D 321 41.62 15.35 13.55
C LEU D 321 41.23 16.81 13.31
N ARG D 322 40.67 17.50 14.29
CA ARG D 322 40.30 18.86 14.11
C ARG D 322 41.07 19.65 15.10
N VAL D 323 41.66 20.71 14.61
CA VAL D 323 42.53 21.56 15.39
C VAL D 323 42.19 23.03 15.30
N GLY D 324 42.14 23.72 16.42
CA GLY D 324 41.90 25.15 16.34
C GLY D 324 40.92 25.63 17.32
N ASN D 325 41.40 26.47 18.24
CA ASN D 325 40.59 27.14 19.28
C ASN D 325 39.86 26.22 20.26
N TYR D 326 40.28 24.99 20.46
CA TYR D 326 39.58 24.13 21.47
C TYR D 326 39.93 24.38 22.94
N ALA D 327 41.11 24.91 23.23
CA ALA D 327 41.60 25.02 24.61
C ALA D 327 40.60 25.79 25.46
N LEU D 328 40.11 26.91 24.91
CA LEU D 328 39.14 27.77 25.57
C LEU D 328 37.67 27.36 25.41
N ASP D 329 37.42 26.23 24.77
CA ASP D 329 36.04 25.90 24.37
C ASP D 329 35.81 24.44 24.60
N PRO D 330 35.88 24.00 25.87
CA PRO D 330 35.64 22.60 26.20
C PRO D 330 34.24 22.09 25.70
N ASP D 331 33.23 22.96 25.68
CA ASP D 331 31.90 22.59 25.21
C ASP D 331 31.93 22.20 23.69
N GLN D 332 32.64 23.01 22.90
CA GLN D 332 32.78 22.74 21.45
C GLN D 332 33.64 21.50 21.19
N ALA D 333 34.73 21.33 21.96
CA ALA D 333 35.50 20.09 21.85
C ALA D 333 34.65 18.87 22.13
N THR D 334 33.79 18.97 23.16
CA THR D 334 32.97 17.86 23.61
C THR D 334 32.01 17.53 22.47
N LEU D 335 31.41 18.56 21.90
CA LEU D 335 30.39 18.43 20.84
C LEU D 335 31.02 17.81 19.61
N ASP D 336 32.16 18.33 19.21
CA ASP D 336 32.79 17.82 17.96
C ASP D 336 33.31 16.38 18.13
N SER D 337 33.74 16.01 19.35
CA SER D 337 34.21 14.65 19.60
C SER D 337 33.09 13.61 19.56
N LYS D 338 31.84 14.06 19.62
CA LYS D 338 30.70 13.16 19.48
C LYS D 338 30.55 12.71 18.07
N LYS D 339 31.19 13.40 17.14
CA LYS D 339 31.18 12.97 15.74
C LYS D 339 32.07 11.76 15.63
N PRO D 340 31.76 10.88 14.65
CA PRO D 340 32.44 9.59 14.54
C PRO D 340 33.95 9.72 14.36
N ASN D 341 34.72 8.95 15.12
CA ASN D 341 36.14 8.88 14.95
C ASN D 341 36.87 10.24 14.88
N THR D 342 36.52 11.18 15.75
CA THR D 342 37.08 12.52 15.69
C THR D 342 38.05 12.75 16.86
N LEU D 343 39.28 13.15 16.53
CA LEU D 343 40.30 13.54 17.49
C LEU D 343 40.32 15.02 17.63
N ILE D 344 40.79 15.54 18.75
CA ILE D 344 40.82 16.98 18.96
C ILE D 344 42.25 17.39 19.24
N GLY D 345 42.77 18.29 18.42
CA GLY D 345 44.12 18.76 18.59
C GLY D 345 44.15 20.09 19.32
N TYR D 346 45.24 20.28 20.06
CA TYR D 346 45.51 21.48 20.83
C TYR D 346 46.91 21.93 20.54
N GLY D 347 47.02 23.17 20.03
CA GLY D 347 48.30 23.67 19.48
C GLY D 347 49.06 24.52 20.51
N ARG D 348 48.69 25.81 20.58
CA ARG D 348 49.30 26.71 21.50
C ARG D 348 49.20 26.15 22.93
N SER D 349 48.08 25.55 23.30
CA SER D 349 47.98 25.09 24.69
C SER D 349 48.93 23.89 24.98
N PHE D 350 49.24 23.10 23.99
CA PHE D 350 50.25 22.03 24.20
C PHE D 350 51.67 22.59 24.27
N ILE D 351 51.95 23.65 23.52
CA ILE D 351 53.21 24.40 23.71
C ILE D 351 53.34 24.73 25.18
N ALA D 352 52.26 25.24 25.79
CA ALA D 352 52.34 25.78 27.15
C ALA D 352 52.11 24.78 28.27
N ASN D 353 51.61 23.58 27.95
CA ASN D 353 51.23 22.65 28.99
C ASN D 353 51.77 21.24 28.71
N PRO D 354 52.85 20.89 29.38
CA PRO D 354 53.39 19.55 29.07
C PRO D 354 52.46 18.43 29.42
N ASP D 355 51.76 18.60 30.54
CA ASP D 355 50.75 17.67 30.95
C ASP D 355 49.31 18.08 30.58
N LEU D 356 49.16 18.57 29.37
CA LEU D 356 47.85 19.04 28.83
C LEU D 356 46.78 17.94 28.89
N VAL D 357 47.17 16.71 28.59
CA VAL D 357 46.17 15.59 28.50
C VAL D 357 45.47 15.39 29.84
N TYR D 358 46.29 15.33 30.89
CA TYR D 358 45.83 15.16 32.26
C TYR D 358 44.96 16.34 32.68
N ARG D 359 45.42 17.54 32.35
CA ARG D 359 44.69 18.75 32.70
C ARG D 359 43.34 18.83 32.03
N LEU D 360 43.27 18.40 30.80
CA LEU D 360 41.94 18.39 30.14
C LEU D 360 41.03 17.29 30.70
N GLU D 361 41.63 16.15 31.03
CA GLU D 361 40.88 15.01 31.56
C GLU D 361 40.16 15.45 32.85
N LYS D 362 40.92 16.07 33.71
CA LYS D 362 40.43 16.47 35.04
C LYS D 362 39.84 17.85 35.15
N GLY D 363 39.89 18.60 34.06
CA GLY D 363 39.35 19.95 34.01
C GLY D 363 40.15 20.91 34.92
N LEU D 364 41.46 20.83 34.80
CA LEU D 364 42.35 21.73 35.52
C LEU D 364 42.70 22.99 34.73
N PRO D 365 43.12 24.06 35.45
CA PRO D 365 43.52 25.27 34.77
C PRO D 365 44.68 24.97 33.84
N LEU D 366 44.76 25.80 32.81
CA LEU D 366 45.80 25.70 31.76
C LEU D 366 46.78 26.84 31.82
N ASN D 367 48.09 26.50 31.78
CA ASN D 367 49.14 27.52 31.69
C ASN D 367 48.93 28.34 30.45
N LYS D 368 49.22 29.65 30.53
CA LYS D 368 49.13 30.55 29.37
C LYS D 368 50.37 30.36 28.50
N TYR D 369 50.20 30.41 27.19
CA TYR D 369 51.37 30.44 26.31
C TYR D 369 52.08 31.81 26.22
N ASP D 370 53.39 31.79 25.93
CA ASP D 370 54.13 32.98 25.67
C ASP D 370 54.54 33.00 24.24
N ARG D 371 53.83 33.82 23.44
CA ARG D 371 54.08 33.92 22.02
C ARG D 371 55.49 34.40 21.74
N ASN D 372 56.07 35.12 22.68
CA ASN D 372 57.41 35.67 22.42
C ASN D 372 58.45 34.55 22.19
N THR D 373 58.25 33.40 22.80
CA THR D 373 59.20 32.27 22.66
C THR D 373 58.71 31.11 21.76
N PHE D 374 57.72 31.40 20.98
CA PHE D 374 57.20 30.38 20.06
C PHE D 374 58.32 29.93 19.11
N TYR D 375 59.15 30.87 18.66
CA TYR D 375 60.14 30.61 17.60
C TYR D 375 61.58 30.98 17.91
N THR D 376 61.87 31.27 19.17
CA THR D 376 63.22 31.58 19.57
C THR D 376 64.11 30.37 19.70
N PHE D 377 65.41 30.55 19.41
CA PHE D 377 66.43 29.50 19.53
C PHE D 377 66.85 29.40 21.02
N THR D 378 65.91 29.00 21.87
CA THR D 378 66.12 28.93 23.29
C THR D 378 65.44 27.68 23.94
N LYS D 379 66.01 27.16 24.99
CA LYS D 379 65.34 26.26 25.91
C LYS D 379 64.23 26.92 26.67
N GLU D 380 64.46 28.21 26.99
CA GLU D 380 63.45 29.05 27.57
C GLU D 380 62.25 29.17 26.63
N GLY D 381 61.07 28.98 27.21
CA GLY D 381 59.82 28.91 26.45
C GLY D 381 59.64 27.65 25.62
N TYR D 382 60.39 26.59 25.91
CA TYR D 382 60.33 25.34 25.16
C TYR D 382 60.13 24.20 26.16
N THR D 383 61.06 24.04 27.12
CA THR D 383 61.01 22.95 28.08
C THR D 383 60.76 23.40 29.50
N ASP D 384 60.52 24.71 29.71
CA ASP D 384 60.37 25.26 31.05
C ASP D 384 58.92 25.63 31.47
N TYR D 385 57.94 25.30 30.67
CA TYR D 385 56.57 25.40 31.10
C TYR D 385 56.26 24.34 32.14
N PRO D 386 55.65 24.75 33.26
CA PRO D 386 55.52 23.80 34.34
C PRO D 386 54.39 22.80 34.24
N SER D 387 54.59 21.63 34.88
CA SER D 387 53.51 20.76 35.22
C SER D 387 52.46 21.50 36.07
N TYR D 388 51.27 20.92 36.10
CA TYR D 388 50.20 21.41 36.96
C TYR D 388 50.73 21.59 38.40
N GLU D 389 51.33 20.57 38.97
CA GLU D 389 51.73 20.70 40.38
C GLU D 389 52.76 21.83 40.59
N GLU D 390 53.77 21.95 39.71
CA GLU D 390 54.68 23.07 39.77
C GLU D 390 54.00 24.42 39.61
N SER D 391 52.97 24.51 38.74
CA SER D 391 52.28 25.75 38.49
C SER D 391 51.58 26.19 39.77
N VAL D 392 51.01 25.21 40.48
CA VAL D 392 50.37 25.46 41.78
C VAL D 392 51.39 25.94 42.80
N ALA D 393 52.54 25.27 42.93
CA ALA D 393 53.63 25.73 43.75
C ALA D 393 54.09 27.17 43.48
N LYS D 394 54.04 27.62 42.23
CA LYS D 394 54.44 28.94 41.83
C LYS D 394 53.28 29.94 41.85
N GLY D 395 52.12 29.56 42.42
CA GLY D 395 51.03 30.51 42.61
C GLY D 395 50.33 30.98 41.37
N TYR D 396 50.34 30.16 40.30
CA TYR D 396 49.70 30.58 39.07
C TYR D 396 48.22 30.82 39.35
N LYS D 397 47.67 31.83 38.70
CA LYS D 397 46.23 32.08 38.78
C LYS D 397 45.75 32.67 37.46
N LYS D 398 44.44 32.66 37.26
CA LYS D 398 43.85 33.24 36.06
C LYS D 398 44.23 34.75 36.10
N GLU D 399 44.60 35.30 34.95
CA GLU D 399 44.93 36.74 34.78
C GLU D 399 44.38 37.26 33.46
N1 FMN E . -44.75 -34.12 9.78
C2 FMN E . -45.47 -33.15 10.29
O2 FMN E . -44.97 -31.97 10.15
N3 FMN E . -46.62 -33.35 10.93
C4 FMN E . -47.19 -34.58 11.15
O4 FMN E . -48.24 -34.67 11.91
C4A FMN E . -46.45 -35.71 10.63
N5 FMN E . -46.87 -37.02 10.71
C5A FMN E . -46.19 -38.05 10.24
C6 FMN E . -46.65 -39.37 10.50
C7 FMN E . -45.97 -40.45 10.01
C7M FMN E . -46.48 -41.85 10.24
C8 FMN E . -44.66 -40.25 9.32
C8M FMN E . -43.88 -41.43 8.82
C9 FMN E . -44.15 -38.95 9.13
C9A FMN E . -44.88 -37.83 9.59
N10 FMN E . -44.39 -36.47 9.45
C10 FMN E . -45.15 -35.42 9.95
C1' FMN E . -43.09 -36.27 8.77
C2' FMN E . -42.04 -36.46 9.95
O2' FMN E . -42.11 -35.46 10.98
C3' FMN E . -40.59 -36.40 9.43
O3' FMN E . -40.36 -35.10 8.76
C4' FMN E . -40.36 -37.56 8.43
O4' FMN E . -40.84 -38.79 8.99
C5' FMN E . -38.90 -37.78 8.02
O5' FMN E . -38.12 -38.10 9.21
P FMN E . -37.54 -39.63 9.42
O1P FMN E . -36.62 -39.63 10.68
O2P FMN E . -36.70 -39.98 8.20
O3P FMN E . -38.82 -40.48 9.55
N1 FMN F . -14.47 -7.30 -10.90
C2 FMN F . -15.20 -7.13 -12.06
O2 FMN F . -16.24 -7.84 -12.07
N3 FMN F . -14.87 -6.30 -13.07
C4 FMN F . -13.72 -5.56 -13.06
O4 FMN F . -13.24 -4.83 -14.07
C4A FMN F . -12.88 -5.65 -11.79
N5 FMN F . -11.73 -4.93 -11.62
C5A FMN F . -10.94 -5.12 -10.54
C6 FMN F . -9.70 -4.45 -10.49
C7 FMN F . -8.83 -4.59 -9.40
C7M FMN F . -7.55 -3.83 -9.38
C8 FMN F . -9.25 -5.56 -8.31
C8M FMN F . -8.41 -5.82 -7.09
C9 FMN F . -10.43 -6.29 -8.40
C9A FMN F . -11.29 -6.16 -9.52
N10 FMN F . -12.49 -6.88 -9.61
C10 FMN F . -13.30 -6.67 -10.74
C1' FMN F . -12.91 -7.85 -8.58
C2' FMN F . -12.04 -9.15 -8.93
O2' FMN F . -12.35 -9.81 -10.13
C3' FMN F . -12.24 -10.27 -7.90
O3' FMN F . -13.69 -10.54 -7.79
C4' FMN F . -11.58 -9.79 -6.58
O4' FMN F . -10.27 -9.28 -6.83
C5' FMN F . -11.45 -10.90 -5.53
O5' FMN F . -10.53 -11.87 -6.04
P FMN F . -9.07 -12.04 -5.33
O1P FMN F . -8.42 -10.69 -5.68
O2P FMN F . -9.35 -12.20 -3.83
O3P FMN F . -8.41 -13.32 -5.87
N1 FMN G . 10.08 16.27 -6.84
C2 FMN G . 10.22 17.12 -7.89
O2 FMN G . 11.29 17.76 -7.87
N3 FMN G . 9.34 17.26 -8.90
C4 FMN G . 8.18 16.52 -8.93
O4 FMN G . 7.29 16.73 -9.86
C4A FMN G . 7.96 15.55 -7.75
N5 FMN G . 6.91 14.68 -7.61
C5A FMN G . 6.68 13.89 -6.56
C6 FMN G . 5.49 13.16 -6.48
C7 FMN G . 5.22 12.31 -5.43
C7M FMN G . 3.90 11.56 -5.43
C8 FMN G . 6.22 12.20 -4.32
C8M FMN G . 6.01 11.29 -3.13
C9 FMN G . 7.39 12.98 -4.36
C9A FMN G . 7.65 13.84 -5.44
N10 FMN G . 8.81 14.66 -5.54
C10 FMN G . 8.98 15.52 -6.65
C1' FMN G . 9.77 14.64 -4.45
C2' FMN G . 9.15 15.62 -3.38
O2' FMN G . 9.12 17.04 -3.75
C3' FMN G . 9.90 15.58 -2.07
O3' FMN G . 11.30 16.00 -2.43
C4' FMN G . 9.68 14.19 -1.38
O4' FMN G . 8.28 13.79 -1.32
C5' FMN G . 10.20 14.16 0.06
O5' FMN G . 9.43 15.03 0.90
P FMN G . 8.48 14.40 2.09
O1P FMN G . 9.40 13.50 2.88
O2P FMN G . 7.91 15.64 2.87
O3P FMN G . 7.46 13.66 1.19
N1 FMN H . 50.71 23.74 11.77
C2 FMN H . 51.35 22.87 10.92
O2 FMN H . 50.62 22.19 10.14
N3 FMN H . 52.69 22.71 10.94
C4 FMN H . 53.52 23.46 11.72
O4 FMN H . 54.79 23.24 11.83
C4A FMN H . 52.88 24.46 12.61
N5 FMN H . 53.61 25.29 13.43
C5A FMN H . 53.01 26.11 14.31
C6 FMN H . 53.82 26.83 15.21
C7 FMN H . 53.20 27.67 16.09
C7M FMN H . 54.03 28.53 17.03
C8 FMN H . 51.74 27.80 16.05
C8M FMN H . 51.09 28.74 16.99
C9 FMN H . 50.91 27.04 15.18
C9A FMN H . 51.54 26.19 14.32
N10 FMN H . 50.77 25.39 13.46
C10 FMN H . 51.42 24.55 12.58
C1' FMN H . 49.32 25.51 13.52
C2' FMN H . 48.88 24.57 14.72
O2' FMN H . 49.12 23.16 14.46
C3' FMN H . 47.36 24.70 14.97
O3' FMN H . 46.66 24.29 13.71
C4' FMN H . 47.06 26.13 15.47
O4' FMN H . 47.92 26.48 16.60
C5' FMN H . 45.60 26.27 15.94
O5' FMN H . 45.32 25.47 17.05
P FMN H . 45.24 26.13 18.56
O1P FMN H . 44.12 27.14 18.50
O2P FMN H . 46.65 26.74 18.74
O3P FMN H . 44.91 25.02 19.56
#